data_1APC
# 
_entry.id   1APC 
# 
_audit_conform.dict_name       mmcif_pdbx.dic 
_audit_conform.dict_version    5.390 
_audit_conform.dict_location   http://mmcif.pdb.org/dictionaries/ascii/mmcif_pdbx.dic 
# 
loop_
_database_2.database_id 
_database_2.database_code 
_database_2.pdbx_database_accession 
_database_2.pdbx_DOI 
PDB   1APC         pdb_00001apc 10.2210/pdb1apc/pdb 
WWPDB D_1000171092 ?            ?                   
# 
loop_
_pdbx_audit_revision_history.ordinal 
_pdbx_audit_revision_history.data_content_type 
_pdbx_audit_revision_history.major_revision 
_pdbx_audit_revision_history.minor_revision 
_pdbx_audit_revision_history.revision_date 
1 'Structure model' 1 0 1994-01-31 
2 'Structure model' 1 1 2008-03-24 
3 'Structure model' 1 2 2011-07-13 
4 'Structure model' 1 3 2017-11-29 
5 'Structure model' 1 4 2024-04-10 
# 
_pdbx_audit_revision_details.ordinal             1 
_pdbx_audit_revision_details.revision_ordinal    1 
_pdbx_audit_revision_details.data_content_type   'Structure model' 
_pdbx_audit_revision_details.provider            repository 
_pdbx_audit_revision_details.type                'Initial release' 
_pdbx_audit_revision_details.description         ? 
_pdbx_audit_revision_details.details             ? 
# 
loop_
_pdbx_audit_revision_group.ordinal 
_pdbx_audit_revision_group.revision_ordinal 
_pdbx_audit_revision_group.data_content_type 
_pdbx_audit_revision_group.group 
1 2 'Structure model' 'Version format compliance' 
2 3 'Structure model' 'Version format compliance' 
3 4 'Structure model' 'Derived calculations'      
4 4 'Structure model' Other                       
5 5 'Structure model' 'Data collection'           
6 5 'Structure model' 'Database references'       
# 
loop_
_pdbx_audit_revision_category.ordinal 
_pdbx_audit_revision_category.revision_ordinal 
_pdbx_audit_revision_category.data_content_type 
_pdbx_audit_revision_category.category 
1 4 'Structure model' pdbx_database_status  
2 4 'Structure model' pdbx_struct_assembly  
3 4 'Structure model' pdbx_struct_oper_list 
4 4 'Structure model' struct_conf           
5 4 'Structure model' struct_conf_type      
6 5 'Structure model' chem_comp_atom        
7 5 'Structure model' chem_comp_bond        
8 5 'Structure model' database_2            
# 
loop_
_pdbx_audit_revision_item.ordinal 
_pdbx_audit_revision_item.revision_ordinal 
_pdbx_audit_revision_item.data_content_type 
_pdbx_audit_revision_item.item 
1 4 'Structure model' '_pdbx_database_status.process_site'  
2 5 'Structure model' '_database_2.pdbx_DOI'                
3 5 'Structure model' '_database_2.pdbx_database_accession' 
# 
_pdbx_database_status.status_code                     REL 
_pdbx_database_status.entry_id                        1APC 
_pdbx_database_status.recvd_initial_deposition_date   1993-10-14 
_pdbx_database_status.deposit_site                    ? 
_pdbx_database_status.process_site                    BNL 
_pdbx_database_status.SG_entry                        . 
_pdbx_database_status.pdb_format_compatible           Y 
_pdbx_database_status.status_code_mr                  ? 
_pdbx_database_status.status_code_sf                  ? 
_pdbx_database_status.status_code_cs                  ? 
_pdbx_database_status.methods_development_category    ? 
_pdbx_database_status.status_code_nmr_data            ? 
# 
loop_
_audit_author.name 
_audit_author.pdbx_ordinal 
'Wand, A.J.'   1 
'Feng, Y.'     2 
'Sligar, S.G.' 3 
# 
loop_
_citation.id 
_citation.title 
_citation.journal_abbrev 
_citation.journal_volume 
_citation.page_first 
_citation.page_last 
_citation.year 
_citation.journal_id_ASTM 
_citation.country 
_citation.journal_id_ISSN 
_citation.journal_id_CSD 
_citation.book_publisher 
_citation.pdbx_database_id_PubMed 
_citation.pdbx_database_id_DOI 
primary 'Solution structure of apocytochrome b562.'                                                                               
Nat.Struct.Biol. 1  30   35 1994 NSBIEW US 1072-8368 2024 ? 7656004 10.1038/nsb0194-30 
1       '1H and 15N NMR Resonance Assignments and Preliminary Structural Characterization of Escherichia Coli Apocytochrome B562' 
Biochemistry     30 7711 ?  1991 BICHAW US 0006-2960 0033 ? ?       ?                  
# 
loop_
_citation_author.citation_id 
_citation_author.name 
_citation_author.ordinal 
_citation_author.identifier_ORCID 
primary 'Feng, Y.'     1 ? 
primary 'Sligar, S.G.' 2 ? 
primary 'Wand, A.J.'   3 ? 
1       'Feng, Y.'     4 ? 
1       'Wand, A.J.'   5 ? 
1       'Sligar, S.G.' 6 ? 
# 
_entity.id                         1 
_entity.type                       polymer 
_entity.src_method                 man 
_entity.pdbx_description           'CYTOCHROME B562' 
_entity.formula_weight             11799.241 
_entity.pdbx_number_of_molecules   1 
_entity.pdbx_ec                    ? 
_entity.pdbx_mutation              ? 
_entity.pdbx_fragment              ? 
_entity.details                    ? 
# 
_entity_poly.entity_id                      1 
_entity_poly.type                           'polypeptide(L)' 
_entity_poly.nstd_linkage                   no 
_entity_poly.nstd_monomer                   no 
_entity_poly.pdbx_seq_one_letter_code       
;ADLEDNMETLNDNLKVIEKADNAAQVKDALTKMRAAALDAQKATPPKLEDKSPDSPEMKDFRHGFDILVGQIDDALKLAN
EGKVKEAQAAAEQLKTTRNAYHQKYR
;
_entity_poly.pdbx_seq_one_letter_code_can   
;ADLEDNMETLNDNLKVIEKADNAAQVKDALTKMRAAALDAQKATPPKLEDKSPDSPEMKDFRHGFDILVGQIDDALKLAN
EGKVKEAQAAAEQLKTTRNAYHQKYR
;
_entity_poly.pdbx_strand_id                 A 
_entity_poly.pdbx_target_identifier         ? 
# 
loop_
_entity_poly_seq.entity_id 
_entity_poly_seq.num 
_entity_poly_seq.mon_id 
_entity_poly_seq.hetero 
1 1   ALA n 
1 2   ASP n 
1 3   LEU n 
1 4   GLU n 
1 5   ASP n 
1 6   ASN n 
1 7   MET n 
1 8   GLU n 
1 9   THR n 
1 10  LEU n 
1 11  ASN n 
1 12  ASP n 
1 13  ASN n 
1 14  LEU n 
1 15  LYS n 
1 16  VAL n 
1 17  ILE n 
1 18  GLU n 
1 19  LYS n 
1 20  ALA n 
1 21  ASP n 
1 22  ASN n 
1 23  ALA n 
1 24  ALA n 
1 25  GLN n 
1 26  VAL n 
1 27  LYS n 
1 28  ASP n 
1 29  ALA n 
1 30  LEU n 
1 31  THR n 
1 32  LYS n 
1 33  MET n 
1 34  ARG n 
1 35  ALA n 
1 36  ALA n 
1 37  ALA n 
1 38  LEU n 
1 39  ASP n 
1 40  ALA n 
1 41  GLN n 
1 42  LYS n 
1 43  ALA n 
1 44  THR n 
1 45  PRO n 
1 46  PRO n 
1 47  LYS n 
1 48  LEU n 
1 49  GLU n 
1 50  ASP n 
1 51  LYS n 
1 52  SER n 
1 53  PRO n 
1 54  ASP n 
1 55  SER n 
1 56  PRO n 
1 57  GLU n 
1 58  MET n 
1 59  LYS n 
1 60  ASP n 
1 61  PHE n 
1 62  ARG n 
1 63  HIS n 
1 64  GLY n 
1 65  PHE n 
1 66  ASP n 
1 67  ILE n 
1 68  LEU n 
1 69  VAL n 
1 70  GLY n 
1 71  GLN n 
1 72  ILE n 
1 73  ASP n 
1 74  ASP n 
1 75  ALA n 
1 76  LEU n 
1 77  LYS n 
1 78  LEU n 
1 79  ALA n 
1 80  ASN n 
1 81  GLU n 
1 82  GLY n 
1 83  LYS n 
1 84  VAL n 
1 85  LYS n 
1 86  GLU n 
1 87  ALA n 
1 88  GLN n 
1 89  ALA n 
1 90  ALA n 
1 91  ALA n 
1 92  GLU n 
1 93  GLN n 
1 94  LEU n 
1 95  LYS n 
1 96  THR n 
1 97  THR n 
1 98  ARG n 
1 99  ASN n 
1 100 ALA n 
1 101 TYR n 
1 102 HIS n 
1 103 GLN n 
1 104 LYS n 
1 105 TYR n 
1 106 ARG n 
# 
_entity_src_gen.entity_id                          1 
_entity_src_gen.pdbx_src_id                        1 
_entity_src_gen.pdbx_alt_source_flag               sample 
_entity_src_gen.pdbx_seq_type                      ? 
_entity_src_gen.pdbx_beg_seq_num                   ? 
_entity_src_gen.pdbx_end_seq_num                   ? 
_entity_src_gen.gene_src_common_name               ? 
_entity_src_gen.gene_src_genus                     Escherichia 
_entity_src_gen.pdbx_gene_src_gene                 ? 
_entity_src_gen.gene_src_species                   ? 
_entity_src_gen.gene_src_strain                    ? 
_entity_src_gen.gene_src_tissue                    ? 
_entity_src_gen.gene_src_tissue_fraction           ? 
_entity_src_gen.gene_src_details                   ? 
_entity_src_gen.pdbx_gene_src_fragment             ? 
_entity_src_gen.pdbx_gene_src_scientific_name      'Escherichia coli' 
_entity_src_gen.pdbx_gene_src_ncbi_taxonomy_id     562 
_entity_src_gen.pdbx_gene_src_variant              ? 
_entity_src_gen.pdbx_gene_src_cell_line            ? 
_entity_src_gen.pdbx_gene_src_atcc                 ? 
_entity_src_gen.pdbx_gene_src_organ                ? 
_entity_src_gen.pdbx_gene_src_organelle            ? 
_entity_src_gen.pdbx_gene_src_cell                 ? 
_entity_src_gen.pdbx_gene_src_cellular_location    ? 
_entity_src_gen.host_org_common_name               ? 
_entity_src_gen.pdbx_host_org_scientific_name      ? 
_entity_src_gen.pdbx_host_org_ncbi_taxonomy_id     ? 
_entity_src_gen.host_org_genus                     ? 
_entity_src_gen.pdbx_host_org_gene                 ? 
_entity_src_gen.pdbx_host_org_organ                ? 
_entity_src_gen.host_org_species                   ? 
_entity_src_gen.pdbx_host_org_tissue               ? 
_entity_src_gen.pdbx_host_org_tissue_fraction      ? 
_entity_src_gen.pdbx_host_org_strain               ? 
_entity_src_gen.pdbx_host_org_variant              ? 
_entity_src_gen.pdbx_host_org_cell_line            ? 
_entity_src_gen.pdbx_host_org_atcc                 ? 
_entity_src_gen.pdbx_host_org_culture_collection   ? 
_entity_src_gen.pdbx_host_org_cell                 ? 
_entity_src_gen.pdbx_host_org_organelle            ? 
_entity_src_gen.pdbx_host_org_cellular_location    ? 
_entity_src_gen.pdbx_host_org_vector_type          ? 
_entity_src_gen.pdbx_host_org_vector               ? 
_entity_src_gen.host_org_details                   ? 
_entity_src_gen.expression_system_id               ? 
_entity_src_gen.plasmid_name                       ? 
_entity_src_gen.plasmid_details                    ? 
_entity_src_gen.pdbx_description                   ? 
# 
loop_
_chem_comp.id 
_chem_comp.type 
_chem_comp.mon_nstd_flag 
_chem_comp.name 
_chem_comp.pdbx_synonyms 
_chem_comp.formula 
_chem_comp.formula_weight 
ALA 'L-peptide linking' y ALANINE         ? 'C3 H7 N O2'     89.093  
ARG 'L-peptide linking' y ARGININE        ? 'C6 H15 N4 O2 1' 175.209 
ASN 'L-peptide linking' y ASPARAGINE      ? 'C4 H8 N2 O3'    132.118 
ASP 'L-peptide linking' y 'ASPARTIC ACID' ? 'C4 H7 N O4'     133.103 
GLN 'L-peptide linking' y GLUTAMINE       ? 'C5 H10 N2 O3'   146.144 
GLU 'L-peptide linking' y 'GLUTAMIC ACID' ? 'C5 H9 N O4'     147.129 
GLY 'peptide linking'   y GLYCINE         ? 'C2 H5 N O2'     75.067  
HIS 'L-peptide linking' y HISTIDINE       ? 'C6 H10 N3 O2 1' 156.162 
ILE 'L-peptide linking' y ISOLEUCINE      ? 'C6 H13 N O2'    131.173 
LEU 'L-peptide linking' y LEUCINE         ? 'C6 H13 N O2'    131.173 
LYS 'L-peptide linking' y LYSINE          ? 'C6 H15 N2 O2 1' 147.195 
MET 'L-peptide linking' y METHIONINE      ? 'C5 H11 N O2 S'  149.211 
PHE 'L-peptide linking' y PHENYLALANINE   ? 'C9 H11 N O2'    165.189 
PRO 'L-peptide linking' y PROLINE         ? 'C5 H9 N O2'     115.130 
SER 'L-peptide linking' y SERINE          ? 'C3 H7 N O3'     105.093 
THR 'L-peptide linking' y THREONINE       ? 'C4 H9 N O3'     119.119 
TYR 'L-peptide linking' y TYROSINE        ? 'C9 H11 N O3'    181.189 
VAL 'L-peptide linking' y VALINE          ? 'C5 H11 N O2'    117.146 
# 
loop_
_pdbx_poly_seq_scheme.asym_id 
_pdbx_poly_seq_scheme.entity_id 
_pdbx_poly_seq_scheme.seq_id 
_pdbx_poly_seq_scheme.mon_id 
_pdbx_poly_seq_scheme.ndb_seq_num 
_pdbx_poly_seq_scheme.pdb_seq_num 
_pdbx_poly_seq_scheme.auth_seq_num 
_pdbx_poly_seq_scheme.pdb_mon_id 
_pdbx_poly_seq_scheme.auth_mon_id 
_pdbx_poly_seq_scheme.pdb_strand_id 
_pdbx_poly_seq_scheme.pdb_ins_code 
_pdbx_poly_seq_scheme.hetero 
A 1 1   ALA 1   1   1   ALA ALA A . n 
A 1 2   ASP 2   2   2   ASP ASP A . n 
A 1 3   LEU 3   3   3   LEU LEU A . n 
A 1 4   GLU 4   4   4   GLU GLU A . n 
A 1 5   ASP 5   5   5   ASP ASP A . n 
A 1 6   ASN 6   6   6   ASN ASN A . n 
A 1 7   MET 7   7   7   MET MET A . n 
A 1 8   GLU 8   8   8   GLU GLU A . n 
A 1 9   THR 9   9   9   THR THR A . n 
A 1 10  LEU 10  10  10  LEU LEU A . n 
A 1 11  ASN 11  11  11  ASN ASN A . n 
A 1 12  ASP 12  12  12  ASP ASP A . n 
A 1 13  ASN 13  13  13  ASN ASN A . n 
A 1 14  LEU 14  14  14  LEU LEU A . n 
A 1 15  LYS 15  15  15  LYS LYS A . n 
A 1 16  VAL 16  16  16  VAL VAL A . n 
A 1 17  ILE 17  17  17  ILE ILE A . n 
A 1 18  GLU 18  18  18  GLU GLU A . n 
A 1 19  LYS 19  19  19  LYS LYS A . n 
A 1 20  ALA 20  20  20  ALA ALA A . n 
A 1 21  ASP 21  21  21  ASP ASP A . n 
A 1 22  ASN 22  22  22  ASN ASN A . n 
A 1 23  ALA 23  23  23  ALA ALA A . n 
A 1 24  ALA 24  24  24  ALA ALA A . n 
A 1 25  GLN 25  25  25  GLN GLN A . n 
A 1 26  VAL 26  26  26  VAL VAL A . n 
A 1 27  LYS 27  27  27  LYS LYS A . n 
A 1 28  ASP 28  28  28  ASP ASP A . n 
A 1 29  ALA 29  29  29  ALA ALA A . n 
A 1 30  LEU 30  30  30  LEU LEU A . n 
A 1 31  THR 31  31  31  THR THR A . n 
A 1 32  LYS 32  32  32  LYS LYS A . n 
A 1 33  MET 33  33  33  MET MET A . n 
A 1 34  ARG 34  34  34  ARG ARG A . n 
A 1 35  ALA 35  35  35  ALA ALA A . n 
A 1 36  ALA 36  36  36  ALA ALA A . n 
A 1 37  ALA 37  37  37  ALA ALA A . n 
A 1 38  LEU 38  38  38  LEU LEU A . n 
A 1 39  ASP 39  39  39  ASP ASP A . n 
A 1 40  ALA 40  40  40  ALA ALA A . n 
A 1 41  GLN 41  41  41  GLN GLN A . n 
A 1 42  LYS 42  42  42  LYS LYS A . n 
A 1 43  ALA 43  43  43  ALA ALA A . n 
A 1 44  THR 44  44  44  THR THR A . n 
A 1 45  PRO 45  45  45  PRO PRO A . n 
A 1 46  PRO 46  46  46  PRO PRO A . n 
A 1 47  LYS 47  47  47  LYS LYS A . n 
A 1 48  LEU 48  48  48  LEU LEU A . n 
A 1 49  GLU 49  49  49  GLU GLU A . n 
A 1 50  ASP 50  50  50  ASP ASP A . n 
A 1 51  LYS 51  51  51  LYS LYS A . n 
A 1 52  SER 52  52  52  SER SER A . n 
A 1 53  PRO 53  53  53  PRO PRO A . n 
A 1 54  ASP 54  54  54  ASP ASP A . n 
A 1 55  SER 55  55  55  SER SER A . n 
A 1 56  PRO 56  56  56  PRO PRO A . n 
A 1 57  GLU 57  57  57  GLU GLU A . n 
A 1 58  MET 58  58  58  MET MET A . n 
A 1 59  LYS 59  59  59  LYS LYS A . n 
A 1 60  ASP 60  60  60  ASP ASP A . n 
A 1 61  PHE 61  61  61  PHE PHE A . n 
A 1 62  ARG 62  62  62  ARG ARG A . n 
A 1 63  HIS 63  63  63  HIS HIS A . n 
A 1 64  GLY 64  64  64  GLY GLY A . n 
A 1 65  PHE 65  65  65  PHE PHE A . n 
A 1 66  ASP 66  66  66  ASP ASP A . n 
A 1 67  ILE 67  67  67  ILE ILE A . n 
A 1 68  LEU 68  68  68  LEU LEU A . n 
A 1 69  VAL 69  69  69  VAL VAL A . n 
A 1 70  GLY 70  70  70  GLY GLY A . n 
A 1 71  GLN 71  71  71  GLN GLN A . n 
A 1 72  ILE 72  72  72  ILE ILE A . n 
A 1 73  ASP 73  73  73  ASP ASP A . n 
A 1 74  ASP 74  74  74  ASP ASP A . n 
A 1 75  ALA 75  75  75  ALA ALA A . n 
A 1 76  LEU 76  76  76  LEU LEU A . n 
A 1 77  LYS 77  77  77  LYS LYS A . n 
A 1 78  LEU 78  78  78  LEU LEU A . n 
A 1 79  ALA 79  79  79  ALA ALA A . n 
A 1 80  ASN 80  80  80  ASN ASN A . n 
A 1 81  GLU 81  81  81  GLU GLU A . n 
A 1 82  GLY 82  82  82  GLY GLY A . n 
A 1 83  LYS 83  83  83  LYS LYS A . n 
A 1 84  VAL 84  84  84  VAL VAL A . n 
A 1 85  LYS 85  85  85  LYS LYS A . n 
A 1 86  GLU 86  86  86  GLU GLU A . n 
A 1 87  ALA 87  87  87  ALA ALA A . n 
A 1 88  GLN 88  88  88  GLN GLN A . n 
A 1 89  ALA 89  89  89  ALA ALA A . n 
A 1 90  ALA 90  90  90  ALA ALA A . n 
A 1 91  ALA 91  91  91  ALA ALA A . n 
A 1 92  GLU 92  92  92  GLU GLU A . n 
A 1 93  GLN 93  93  93  GLN GLN A . n 
A 1 94  LEU 94  94  94  LEU LEU A . n 
A 1 95  LYS 95  95  95  LYS LYS A . n 
A 1 96  THR 96  96  96  THR THR A . n 
A 1 97  THR 97  97  97  THR THR A . n 
A 1 98  ARG 98  98  98  ARG ARG A . n 
A 1 99  ASN 99  99  99  ASN ASN A . n 
A 1 100 ALA 100 100 100 ALA ALA A . n 
A 1 101 TYR 101 101 101 TYR TYR A . n 
A 1 102 HIS 102 102 102 HIS HIS A . n 
A 1 103 GLN 103 103 103 GLN GLN A . n 
A 1 104 LYS 104 104 104 LYS LYS A . n 
A 1 105 TYR 105 105 105 TYR TYR A . n 
A 1 106 ARG 106 106 106 ARG ARG A . n 
# 
loop_
_software.name 
_software.classification 
_software.version 
_software.citation_id 
_software.pdbx_ordinal 
X-PLOR 'model building' . ? 1 
X-PLOR refinement       . ? 2 
X-PLOR phasing          . ? 3 
# 
_cell.entry_id           1APC 
_cell.length_a           1.000 
_cell.length_b           1.000 
_cell.length_c           1.000 
_cell.angle_alpha        90.00 
_cell.angle_beta         90.00 
_cell.angle_gamma        90.00 
_cell.Z_PDB              1 
_cell.pdbx_unique_axis   ? 
# 
_symmetry.entry_id                         1APC 
_symmetry.space_group_name_H-M             'P 1' 
_symmetry.pdbx_full_space_group_name_H-M   ? 
_symmetry.cell_setting                     ? 
_symmetry.Int_Tables_number                1 
# 
_exptl.entry_id          1APC 
_exptl.method            'SOLUTION NMR' 
_exptl.crystals_number   ? 
# 
_struct.entry_id                  1APC 
_struct.title                     'SOLUTION STRUCTURE OF APOCYTOCHROME B562' 
_struct.pdbx_model_details        ? 
_struct.pdbx_CASP_flag            ? 
_struct.pdbx_model_type_details   ? 
# 
_struct_keywords.entry_id        1APC 
_struct_keywords.pdbx_keywords   'ELECTRON TRANSPORT' 
_struct_keywords.text            'ELECTRON TRANSPORT' 
# 
_struct_asym.id                            A 
_struct_asym.pdbx_blank_PDB_chainid_flag   Y 
_struct_asym.pdbx_modified                 N 
_struct_asym.entity_id                     1 
_struct_asym.details                       ? 
# 
_struct_ref.id                         1 
_struct_ref.db_name                    UNP 
_struct_ref.db_code                    C562_ECOLI 
_struct_ref.entity_id                  1 
_struct_ref.pdbx_db_accession          P0ABE7 
_struct_ref.pdbx_align_begin           1 
_struct_ref.pdbx_seq_one_letter_code   
;MRKSLLAILAVSSLVFSSASFAADLEDNMETLNDNLKVIEKADNAAQVKDALTKMRAAALDAQKATPPKLEDKSPDSPEM
KDFRHGFDILVGQIDDALKLANEGKVKEAQAAAEQLKTTRNAYHQKYR
;
_struct_ref.pdbx_db_isoform            ? 
# 
_struct_ref_seq.align_id                      1 
_struct_ref_seq.ref_id                        1 
_struct_ref_seq.pdbx_PDB_id_code              1APC 
_struct_ref_seq.pdbx_strand_id                A 
_struct_ref_seq.seq_align_beg                 1 
_struct_ref_seq.pdbx_seq_align_beg_ins_code   ? 
_struct_ref_seq.seq_align_end                 106 
_struct_ref_seq.pdbx_seq_align_end_ins_code   ? 
_struct_ref_seq.pdbx_db_accession             P0ABE7 
_struct_ref_seq.db_align_beg                  23 
_struct_ref_seq.pdbx_db_align_beg_ins_code    ? 
_struct_ref_seq.db_align_end                  128 
_struct_ref_seq.pdbx_db_align_end_ins_code    ? 
_struct_ref_seq.pdbx_auth_seq_align_beg       1 
_struct_ref_seq.pdbx_auth_seq_align_end       106 
# 
_pdbx_struct_assembly.id                   1 
_pdbx_struct_assembly.details              author_defined_assembly 
_pdbx_struct_assembly.method_details       ? 
_pdbx_struct_assembly.oligomeric_details   monomeric 
_pdbx_struct_assembly.oligomeric_count     1 
# 
_pdbx_struct_assembly_gen.assembly_id       1 
_pdbx_struct_assembly_gen.oper_expression   1 
_pdbx_struct_assembly_gen.asym_id_list      A 
# 
_pdbx_struct_oper_list.id                   1 
_pdbx_struct_oper_list.type                 'identity operation' 
_pdbx_struct_oper_list.name                 1_555 
_pdbx_struct_oper_list.symmetry_operation   ? 
_pdbx_struct_oper_list.matrix[1][1]         1.0000000000 
_pdbx_struct_oper_list.matrix[1][2]         0.0000000000 
_pdbx_struct_oper_list.matrix[1][3]         0.0000000000 
_pdbx_struct_oper_list.vector[1]            0.0000000000 
_pdbx_struct_oper_list.matrix[2][1]         0.0000000000 
_pdbx_struct_oper_list.matrix[2][2]         1.0000000000 
_pdbx_struct_oper_list.matrix[2][3]         0.0000000000 
_pdbx_struct_oper_list.vector[2]            0.0000000000 
_pdbx_struct_oper_list.matrix[3][1]         0.0000000000 
_pdbx_struct_oper_list.matrix[3][2]         0.0000000000 
_pdbx_struct_oper_list.matrix[3][3]         1.0000000000 
_pdbx_struct_oper_list.vector[3]            0.0000000000 
# 
_struct_biol.id   1 
# 
loop_
_struct_conf.conf_type_id 
_struct_conf.id 
_struct_conf.pdbx_PDB_helix_id 
_struct_conf.beg_label_comp_id 
_struct_conf.beg_label_asym_id 
_struct_conf.beg_label_seq_id 
_struct_conf.pdbx_beg_PDB_ins_code 
_struct_conf.end_label_comp_id 
_struct_conf.end_label_asym_id 
_struct_conf.end_label_seq_id 
_struct_conf.pdbx_end_PDB_ins_code 
_struct_conf.beg_auth_comp_id 
_struct_conf.beg_auth_asym_id 
_struct_conf.beg_auth_seq_id 
_struct_conf.end_auth_comp_id 
_struct_conf.end_auth_asym_id 
_struct_conf.end_auth_seq_id 
_struct_conf.pdbx_PDB_helix_class 
_struct_conf.details 
_struct_conf.pdbx_PDB_helix_length 
HELX_P HELX_P1 BA ALA A 23 ? GLN A 41 ? ALA A 23 GLN A 41 1 ? 19 
HELX_P HELX_P2 LA PRO A 46 ? LEU A 48 ? PRO A 46 LEU A 48 1 ? 3  
HELX_P HELX_P3 CA MET A 58 ? ALA A 79 ? MET A 58 ALA A 79 1 ? 22 
HELX_P HELX_P4 DA VAL A 84 ? GLN A 93 ? VAL A 84 GLN A 93 1 ? 10 
# 
_struct_conf_type.id          HELX_P 
_struct_conf_type.criteria    ? 
_struct_conf_type.reference   ? 
# 
loop_
_pdbx_validate_close_contact.id 
_pdbx_validate_close_contact.PDB_model_num 
_pdbx_validate_close_contact.auth_atom_id_1 
_pdbx_validate_close_contact.auth_asym_id_1 
_pdbx_validate_close_contact.auth_comp_id_1 
_pdbx_validate_close_contact.auth_seq_id_1 
_pdbx_validate_close_contact.PDB_ins_code_1 
_pdbx_validate_close_contact.label_alt_id_1 
_pdbx_validate_close_contact.auth_atom_id_2 
_pdbx_validate_close_contact.auth_asym_id_2 
_pdbx_validate_close_contact.auth_comp_id_2 
_pdbx_validate_close_contact.auth_seq_id_2 
_pdbx_validate_close_contact.PDB_ins_code_2 
_pdbx_validate_close_contact.label_alt_id_2 
_pdbx_validate_close_contact.dist 
1  1 O    A THR 44 ? ? HD3  A PRO 46 ? ? 0.36 
2  1 O    A ASP 50 ? ? H    A SER 52 ? ? 0.90 
3  1 HB3  A SER 55 ? ? HD3  A PRO 56 ? ? 0.95 
4  1 HE2  A PHE 61 ? ? HE2  A PHE 65 ? ? 1.09 
5  1 HD13 A LEU 78 ? ? HB3  A LYS 83 ? ? 1.12 
6  1 O    A ALA 43 ? ? HD3  A PRO 45 ? ? 1.13 
7  1 HB3  A ALA 79 ? ? HG21 A VAL 84 ? ? 1.18 
8  1 O    A ASP 2  ? ? H    A GLU 4  ? ? 1.23 
9  1 CD1  A LEU 78 ? ? HB3  A LYS 83 ? ? 1.23 
10 1 HE21 A GLN 25 ? ? H    A VAL 26 ? ? 1.24 
11 1 O    A PRO 46 ? ? H    A GLU 49 ? ? 1.24 
12 1 HD11 A LEU 78 ? ? HB3  A LYS 83 ? ? 1.30 
13 1 O    A MET 58 ? ? H    A PHE 61 ? ? 1.31 
14 1 HE21 A GLN 25 ? ? N    A VAL 26 ? ? 1.32 
15 1 O    A LEU 3  ? ? H    A ASP 5  ? ? 1.33 
16 1 HB2  A ASN 22 ? ? HG2  A GLN 25 ? ? 1.33 
17 1 O    A THR 44 ? ? CD   A PRO 46 ? ? 1.43 
18 1 O    A SER 55 ? ? H    A GLU 57 ? ? 1.43 
19 1 O    A GLN 93 ? ? HB2  A LEU 94 ? ? 1.44 
20 1 C    A THR 44 ? ? HD3  A PRO 46 ? ? 1.48 
21 1 O    A ALA 87 ? ? H    A ALA 90 ? ? 1.49 
22 1 O    A LEU 78 ? ? HB2  A LYS 83 ? ? 1.51 
23 1 O    A ALA 23 ? ? HE22 A GLN 25 ? ? 1.52 
24 1 CG   A ASP 2  ? ? H    A LEU 3  ? ? 1.54 
25 1 O    A ASP 39 ? ? H    A ALA 43 ? ? 1.54 
26 1 C    A ALA 23 ? ? HE22 A GLN 25 ? ? 1.55 
27 1 O    A MET 33 ? ? H    A ALA 37 ? ? 1.58 
28 1 O    A LEU 3  ? ? N    A ASP 5  ? ? 1.64 
29 1 O    A ASP 50 ? ? N    A SER 52 ? ? 1.65 
30 1 O    A ASP 2  ? ? N    A GLU 4  ? ? 1.97 
31 1 O    A ALA 87 ? ? N    A ALA 89 ? ? 2.03 
32 1 O    A VAL 16 ? ? CB   A ALA 20 ? ? 2.10 
33 1 O    A PRO 46 ? ? N    A GLU 49 ? ? 2.11 
34 1 O    A PHE 65 ? ? N    A ILE 67 ? ? 2.14 
35 1 O    A ALA 43 ? ? CD   A PRO 45 ? ? 2.16 
36 1 O    A ILE 17 ? ? O    A ALA 20 ? ? 2.16 
37 1 N    A ALA 23 ? ? OE1  A GLN 25 ? ? 2.18 
38 1 O    A LEU 78 ? ? CB   A LYS 83 ? ? 2.19 
# 
loop_
_pdbx_validate_torsion.id 
_pdbx_validate_torsion.PDB_model_num 
_pdbx_validate_torsion.auth_comp_id 
_pdbx_validate_torsion.auth_asym_id 
_pdbx_validate_torsion.auth_seq_id 
_pdbx_validate_torsion.PDB_ins_code 
_pdbx_validate_torsion.label_alt_id 
_pdbx_validate_torsion.phi 
_pdbx_validate_torsion.psi 
1  1 ASP A 2   ? ? -142.35 -133.56 
2  1 LEU A 3   ? ? -49.18  20.11   
3  1 GLU A 4   ? ? -19.85  -15.96  
4  1 ASP A 5   ? ? -73.52  -81.23  
5  1 GLU A 18  ? ? -51.94  -77.80  
6  1 ASP A 21  ? ? 164.21  -35.83  
7  1 ASN A 22  ? ? -46.23  -168.45 
8  1 GLN A 25  ? ? -52.32  -87.72  
9  1 VAL A 26  ? ? -34.92  -30.37  
10 1 PRO A 45  ? ? -60.87  69.00   
11 1 GLU A 49  ? ? 83.91   103.87  
12 1 LYS A 51  ? ? -34.53  48.75   
13 1 SER A 52  ? ? -24.31  87.62   
14 1 SER A 55  ? ? 156.16  -81.37  
15 1 PRO A 56  ? ? -60.94  40.09   
16 1 GLU A 57  ? ? -80.36  -79.99  
17 1 MET A 58  ? ? -33.66  -81.54  
18 1 LYS A 59  ? ? -27.60  -34.66  
19 1 ASP A 66  ? ? -20.60  -41.75  
20 1 LEU A 76  ? ? -78.75  -81.19  
21 1 LYS A 77  ? ? -43.43  -15.13  
22 1 GLN A 88  ? ? -24.18  -31.50  
23 1 LEU A 94  ? ? 104.24  -178.01 
24 1 LYS A 95  ? ? -133.62 -44.11  
25 1 THR A 96  ? ? 7.70    77.79   
26 1 THR A 97  ? ? -13.83  117.76  
27 1 ALA A 100 ? ? -19.35  89.65   
28 1 TYR A 101 ? ? -38.55  159.49  
29 1 LYS A 104 ? ? 171.47  -89.81  
30 1 TYR A 105 ? ? -90.77  47.40   
# 
_pdbx_validate_planes.id              1 
_pdbx_validate_planes.PDB_model_num   1 
_pdbx_validate_planes.auth_comp_id    ARG 
_pdbx_validate_planes.auth_asym_id    A 
_pdbx_validate_planes.auth_seq_id     98 
_pdbx_validate_planes.PDB_ins_code    ? 
_pdbx_validate_planes.label_alt_id    ? 
_pdbx_validate_planes.rmsd            0.097 
_pdbx_validate_planes.type            'SIDE CHAIN' 
# 
_pdbx_nmr_ensemble.entry_id                             1APC 
_pdbx_nmr_ensemble.conformers_calculated_total_number   ? 
_pdbx_nmr_ensemble.conformers_submitted_total_number    1 
_pdbx_nmr_ensemble.conformer_selection_criteria         ? 
# 
loop_
_pdbx_nmr_software.classification 
_pdbx_nmr_software.name 
_pdbx_nmr_software.version 
_pdbx_nmr_software.authors 
_pdbx_nmr_software.ordinal 
refinement DSPACE ? 'HARE RESEARCH INC.' 1 
refinement X-PLOR ? BRUNGER              2 
# 
loop_
_chem_comp_atom.comp_id 
_chem_comp_atom.atom_id 
_chem_comp_atom.type_symbol 
_chem_comp_atom.pdbx_aromatic_flag 
_chem_comp_atom.pdbx_stereo_config 
_chem_comp_atom.pdbx_ordinal 
ALA N    N N N 1   
ALA CA   C N S 2   
ALA C    C N N 3   
ALA O    O N N 4   
ALA CB   C N N 5   
ALA OXT  O N N 6   
ALA H    H N N 7   
ALA H2   H N N 8   
ALA HA   H N N 9   
ALA HB1  H N N 10  
ALA HB2  H N N 11  
ALA HB3  H N N 12  
ALA HXT  H N N 13  
ARG N    N N N 14  
ARG CA   C N S 15  
ARG C    C N N 16  
ARG O    O N N 17  
ARG CB   C N N 18  
ARG CG   C N N 19  
ARG CD   C N N 20  
ARG NE   N N N 21  
ARG CZ   C N N 22  
ARG NH1  N N N 23  
ARG NH2  N N N 24  
ARG OXT  O N N 25  
ARG H    H N N 26  
ARG H2   H N N 27  
ARG HA   H N N 28  
ARG HB2  H N N 29  
ARG HB3  H N N 30  
ARG HG2  H N N 31  
ARG HG3  H N N 32  
ARG HD2  H N N 33  
ARG HD3  H N N 34  
ARG HE   H N N 35  
ARG HH11 H N N 36  
ARG HH12 H N N 37  
ARG HH21 H N N 38  
ARG HH22 H N N 39  
ARG HXT  H N N 40  
ASN N    N N N 41  
ASN CA   C N S 42  
ASN C    C N N 43  
ASN O    O N N 44  
ASN CB   C N N 45  
ASN CG   C N N 46  
ASN OD1  O N N 47  
ASN ND2  N N N 48  
ASN OXT  O N N 49  
ASN H    H N N 50  
ASN H2   H N N 51  
ASN HA   H N N 52  
ASN HB2  H N N 53  
ASN HB3  H N N 54  
ASN HD21 H N N 55  
ASN HD22 H N N 56  
ASN HXT  H N N 57  
ASP N    N N N 58  
ASP CA   C N S 59  
ASP C    C N N 60  
ASP O    O N N 61  
ASP CB   C N N 62  
ASP CG   C N N 63  
ASP OD1  O N N 64  
ASP OD2  O N N 65  
ASP OXT  O N N 66  
ASP H    H N N 67  
ASP H2   H N N 68  
ASP HA   H N N 69  
ASP HB2  H N N 70  
ASP HB3  H N N 71  
ASP HD2  H N N 72  
ASP HXT  H N N 73  
GLN N    N N N 74  
GLN CA   C N S 75  
GLN C    C N N 76  
GLN O    O N N 77  
GLN CB   C N N 78  
GLN CG   C N N 79  
GLN CD   C N N 80  
GLN OE1  O N N 81  
GLN NE2  N N N 82  
GLN OXT  O N N 83  
GLN H    H N N 84  
GLN H2   H N N 85  
GLN HA   H N N 86  
GLN HB2  H N N 87  
GLN HB3  H N N 88  
GLN HG2  H N N 89  
GLN HG3  H N N 90  
GLN HE21 H N N 91  
GLN HE22 H N N 92  
GLN HXT  H N N 93  
GLU N    N N N 94  
GLU CA   C N S 95  
GLU C    C N N 96  
GLU O    O N N 97  
GLU CB   C N N 98  
GLU CG   C N N 99  
GLU CD   C N N 100 
GLU OE1  O N N 101 
GLU OE2  O N N 102 
GLU OXT  O N N 103 
GLU H    H N N 104 
GLU H2   H N N 105 
GLU HA   H N N 106 
GLU HB2  H N N 107 
GLU HB3  H N N 108 
GLU HG2  H N N 109 
GLU HG3  H N N 110 
GLU HE2  H N N 111 
GLU HXT  H N N 112 
GLY N    N N N 113 
GLY CA   C N N 114 
GLY C    C N N 115 
GLY O    O N N 116 
GLY OXT  O N N 117 
GLY H    H N N 118 
GLY H2   H N N 119 
GLY HA2  H N N 120 
GLY HA3  H N N 121 
GLY HXT  H N N 122 
HIS N    N N N 123 
HIS CA   C N S 124 
HIS C    C N N 125 
HIS O    O N N 126 
HIS CB   C N N 127 
HIS CG   C Y N 128 
HIS ND1  N Y N 129 
HIS CD2  C Y N 130 
HIS CE1  C Y N 131 
HIS NE2  N Y N 132 
HIS OXT  O N N 133 
HIS H    H N N 134 
HIS H2   H N N 135 
HIS HA   H N N 136 
HIS HB2  H N N 137 
HIS HB3  H N N 138 
HIS HD1  H N N 139 
HIS HD2  H N N 140 
HIS HE1  H N N 141 
HIS HE2  H N N 142 
HIS HXT  H N N 143 
ILE N    N N N 144 
ILE CA   C N S 145 
ILE C    C N N 146 
ILE O    O N N 147 
ILE CB   C N S 148 
ILE CG1  C N N 149 
ILE CG2  C N N 150 
ILE CD1  C N N 151 
ILE OXT  O N N 152 
ILE H    H N N 153 
ILE H2   H N N 154 
ILE HA   H N N 155 
ILE HB   H N N 156 
ILE HG12 H N N 157 
ILE HG13 H N N 158 
ILE HG21 H N N 159 
ILE HG22 H N N 160 
ILE HG23 H N N 161 
ILE HD11 H N N 162 
ILE HD12 H N N 163 
ILE HD13 H N N 164 
ILE HXT  H N N 165 
LEU N    N N N 166 
LEU CA   C N S 167 
LEU C    C N N 168 
LEU O    O N N 169 
LEU CB   C N N 170 
LEU CG   C N N 171 
LEU CD1  C N N 172 
LEU CD2  C N N 173 
LEU OXT  O N N 174 
LEU H    H N N 175 
LEU H2   H N N 176 
LEU HA   H N N 177 
LEU HB2  H N N 178 
LEU HB3  H N N 179 
LEU HG   H N N 180 
LEU HD11 H N N 181 
LEU HD12 H N N 182 
LEU HD13 H N N 183 
LEU HD21 H N N 184 
LEU HD22 H N N 185 
LEU HD23 H N N 186 
LEU HXT  H N N 187 
LYS N    N N N 188 
LYS CA   C N S 189 
LYS C    C N N 190 
LYS O    O N N 191 
LYS CB   C N N 192 
LYS CG   C N N 193 
LYS CD   C N N 194 
LYS CE   C N N 195 
LYS NZ   N N N 196 
LYS OXT  O N N 197 
LYS H    H N N 198 
LYS H2   H N N 199 
LYS HA   H N N 200 
LYS HB2  H N N 201 
LYS HB3  H N N 202 
LYS HG2  H N N 203 
LYS HG3  H N N 204 
LYS HD2  H N N 205 
LYS HD3  H N N 206 
LYS HE2  H N N 207 
LYS HE3  H N N 208 
LYS HZ1  H N N 209 
LYS HZ2  H N N 210 
LYS HZ3  H N N 211 
LYS HXT  H N N 212 
MET N    N N N 213 
MET CA   C N S 214 
MET C    C N N 215 
MET O    O N N 216 
MET CB   C N N 217 
MET CG   C N N 218 
MET SD   S N N 219 
MET CE   C N N 220 
MET OXT  O N N 221 
MET H    H N N 222 
MET H2   H N N 223 
MET HA   H N N 224 
MET HB2  H N N 225 
MET HB3  H N N 226 
MET HG2  H N N 227 
MET HG3  H N N 228 
MET HE1  H N N 229 
MET HE2  H N N 230 
MET HE3  H N N 231 
MET HXT  H N N 232 
PHE N    N N N 233 
PHE CA   C N S 234 
PHE C    C N N 235 
PHE O    O N N 236 
PHE CB   C N N 237 
PHE CG   C Y N 238 
PHE CD1  C Y N 239 
PHE CD2  C Y N 240 
PHE CE1  C Y N 241 
PHE CE2  C Y N 242 
PHE CZ   C Y N 243 
PHE OXT  O N N 244 
PHE H    H N N 245 
PHE H2   H N N 246 
PHE HA   H N N 247 
PHE HB2  H N N 248 
PHE HB3  H N N 249 
PHE HD1  H N N 250 
PHE HD2  H N N 251 
PHE HE1  H N N 252 
PHE HE2  H N N 253 
PHE HZ   H N N 254 
PHE HXT  H N N 255 
PRO N    N N N 256 
PRO CA   C N S 257 
PRO C    C N N 258 
PRO O    O N N 259 
PRO CB   C N N 260 
PRO CG   C N N 261 
PRO CD   C N N 262 
PRO OXT  O N N 263 
PRO H    H N N 264 
PRO HA   H N N 265 
PRO HB2  H N N 266 
PRO HB3  H N N 267 
PRO HG2  H N N 268 
PRO HG3  H N N 269 
PRO HD2  H N N 270 
PRO HD3  H N N 271 
PRO HXT  H N N 272 
SER N    N N N 273 
SER CA   C N S 274 
SER C    C N N 275 
SER O    O N N 276 
SER CB   C N N 277 
SER OG   O N N 278 
SER OXT  O N N 279 
SER H    H N N 280 
SER H2   H N N 281 
SER HA   H N N 282 
SER HB2  H N N 283 
SER HB3  H N N 284 
SER HG   H N N 285 
SER HXT  H N N 286 
THR N    N N N 287 
THR CA   C N S 288 
THR C    C N N 289 
THR O    O N N 290 
THR CB   C N R 291 
THR OG1  O N N 292 
THR CG2  C N N 293 
THR OXT  O N N 294 
THR H    H N N 295 
THR H2   H N N 296 
THR HA   H N N 297 
THR HB   H N N 298 
THR HG1  H N N 299 
THR HG21 H N N 300 
THR HG22 H N N 301 
THR HG23 H N N 302 
THR HXT  H N N 303 
TYR N    N N N 304 
TYR CA   C N S 305 
TYR C    C N N 306 
TYR O    O N N 307 
TYR CB   C N N 308 
TYR CG   C Y N 309 
TYR CD1  C Y N 310 
TYR CD2  C Y N 311 
TYR CE1  C Y N 312 
TYR CE2  C Y N 313 
TYR CZ   C Y N 314 
TYR OH   O N N 315 
TYR OXT  O N N 316 
TYR H    H N N 317 
TYR H2   H N N 318 
TYR HA   H N N 319 
TYR HB2  H N N 320 
TYR HB3  H N N 321 
TYR HD1  H N N 322 
TYR HD2  H N N 323 
TYR HE1  H N N 324 
TYR HE2  H N N 325 
TYR HH   H N N 326 
TYR HXT  H N N 327 
VAL N    N N N 328 
VAL CA   C N S 329 
VAL C    C N N 330 
VAL O    O N N 331 
VAL CB   C N N 332 
VAL CG1  C N N 333 
VAL CG2  C N N 334 
VAL OXT  O N N 335 
VAL H    H N N 336 
VAL H2   H N N 337 
VAL HA   H N N 338 
VAL HB   H N N 339 
VAL HG11 H N N 340 
VAL HG12 H N N 341 
VAL HG13 H N N 342 
VAL HG21 H N N 343 
VAL HG22 H N N 344 
VAL HG23 H N N 345 
VAL HXT  H N N 346 
# 
loop_
_chem_comp_bond.comp_id 
_chem_comp_bond.atom_id_1 
_chem_comp_bond.atom_id_2 
_chem_comp_bond.value_order 
_chem_comp_bond.pdbx_aromatic_flag 
_chem_comp_bond.pdbx_stereo_config 
_chem_comp_bond.pdbx_ordinal 
ALA N   CA   sing N N 1   
ALA N   H    sing N N 2   
ALA N   H2   sing N N 3   
ALA CA  C    sing N N 4   
ALA CA  CB   sing N N 5   
ALA CA  HA   sing N N 6   
ALA C   O    doub N N 7   
ALA C   OXT  sing N N 8   
ALA CB  HB1  sing N N 9   
ALA CB  HB2  sing N N 10  
ALA CB  HB3  sing N N 11  
ALA OXT HXT  sing N N 12  
ARG N   CA   sing N N 13  
ARG N   H    sing N N 14  
ARG N   H2   sing N N 15  
ARG CA  C    sing N N 16  
ARG CA  CB   sing N N 17  
ARG CA  HA   sing N N 18  
ARG C   O    doub N N 19  
ARG C   OXT  sing N N 20  
ARG CB  CG   sing N N 21  
ARG CB  HB2  sing N N 22  
ARG CB  HB3  sing N N 23  
ARG CG  CD   sing N N 24  
ARG CG  HG2  sing N N 25  
ARG CG  HG3  sing N N 26  
ARG CD  NE   sing N N 27  
ARG CD  HD2  sing N N 28  
ARG CD  HD3  sing N N 29  
ARG NE  CZ   sing N N 30  
ARG NE  HE   sing N N 31  
ARG CZ  NH1  sing N N 32  
ARG CZ  NH2  doub N N 33  
ARG NH1 HH11 sing N N 34  
ARG NH1 HH12 sing N N 35  
ARG NH2 HH21 sing N N 36  
ARG NH2 HH22 sing N N 37  
ARG OXT HXT  sing N N 38  
ASN N   CA   sing N N 39  
ASN N   H    sing N N 40  
ASN N   H2   sing N N 41  
ASN CA  C    sing N N 42  
ASN CA  CB   sing N N 43  
ASN CA  HA   sing N N 44  
ASN C   O    doub N N 45  
ASN C   OXT  sing N N 46  
ASN CB  CG   sing N N 47  
ASN CB  HB2  sing N N 48  
ASN CB  HB3  sing N N 49  
ASN CG  OD1  doub N N 50  
ASN CG  ND2  sing N N 51  
ASN ND2 HD21 sing N N 52  
ASN ND2 HD22 sing N N 53  
ASN OXT HXT  sing N N 54  
ASP N   CA   sing N N 55  
ASP N   H    sing N N 56  
ASP N   H2   sing N N 57  
ASP CA  C    sing N N 58  
ASP CA  CB   sing N N 59  
ASP CA  HA   sing N N 60  
ASP C   O    doub N N 61  
ASP C   OXT  sing N N 62  
ASP CB  CG   sing N N 63  
ASP CB  HB2  sing N N 64  
ASP CB  HB3  sing N N 65  
ASP CG  OD1  doub N N 66  
ASP CG  OD2  sing N N 67  
ASP OD2 HD2  sing N N 68  
ASP OXT HXT  sing N N 69  
GLN N   CA   sing N N 70  
GLN N   H    sing N N 71  
GLN N   H2   sing N N 72  
GLN CA  C    sing N N 73  
GLN CA  CB   sing N N 74  
GLN CA  HA   sing N N 75  
GLN C   O    doub N N 76  
GLN C   OXT  sing N N 77  
GLN CB  CG   sing N N 78  
GLN CB  HB2  sing N N 79  
GLN CB  HB3  sing N N 80  
GLN CG  CD   sing N N 81  
GLN CG  HG2  sing N N 82  
GLN CG  HG3  sing N N 83  
GLN CD  OE1  doub N N 84  
GLN CD  NE2  sing N N 85  
GLN NE2 HE21 sing N N 86  
GLN NE2 HE22 sing N N 87  
GLN OXT HXT  sing N N 88  
GLU N   CA   sing N N 89  
GLU N   H    sing N N 90  
GLU N   H2   sing N N 91  
GLU CA  C    sing N N 92  
GLU CA  CB   sing N N 93  
GLU CA  HA   sing N N 94  
GLU C   O    doub N N 95  
GLU C   OXT  sing N N 96  
GLU CB  CG   sing N N 97  
GLU CB  HB2  sing N N 98  
GLU CB  HB3  sing N N 99  
GLU CG  CD   sing N N 100 
GLU CG  HG2  sing N N 101 
GLU CG  HG3  sing N N 102 
GLU CD  OE1  doub N N 103 
GLU CD  OE2  sing N N 104 
GLU OE2 HE2  sing N N 105 
GLU OXT HXT  sing N N 106 
GLY N   CA   sing N N 107 
GLY N   H    sing N N 108 
GLY N   H2   sing N N 109 
GLY CA  C    sing N N 110 
GLY CA  HA2  sing N N 111 
GLY CA  HA3  sing N N 112 
GLY C   O    doub N N 113 
GLY C   OXT  sing N N 114 
GLY OXT HXT  sing N N 115 
HIS N   CA   sing N N 116 
HIS N   H    sing N N 117 
HIS N   H2   sing N N 118 
HIS CA  C    sing N N 119 
HIS CA  CB   sing N N 120 
HIS CA  HA   sing N N 121 
HIS C   O    doub N N 122 
HIS C   OXT  sing N N 123 
HIS CB  CG   sing N N 124 
HIS CB  HB2  sing N N 125 
HIS CB  HB3  sing N N 126 
HIS CG  ND1  sing Y N 127 
HIS CG  CD2  doub Y N 128 
HIS ND1 CE1  doub Y N 129 
HIS ND1 HD1  sing N N 130 
HIS CD2 NE2  sing Y N 131 
HIS CD2 HD2  sing N N 132 
HIS CE1 NE2  sing Y N 133 
HIS CE1 HE1  sing N N 134 
HIS NE2 HE2  sing N N 135 
HIS OXT HXT  sing N N 136 
ILE N   CA   sing N N 137 
ILE N   H    sing N N 138 
ILE N   H2   sing N N 139 
ILE CA  C    sing N N 140 
ILE CA  CB   sing N N 141 
ILE CA  HA   sing N N 142 
ILE C   O    doub N N 143 
ILE C   OXT  sing N N 144 
ILE CB  CG1  sing N N 145 
ILE CB  CG2  sing N N 146 
ILE CB  HB   sing N N 147 
ILE CG1 CD1  sing N N 148 
ILE CG1 HG12 sing N N 149 
ILE CG1 HG13 sing N N 150 
ILE CG2 HG21 sing N N 151 
ILE CG2 HG22 sing N N 152 
ILE CG2 HG23 sing N N 153 
ILE CD1 HD11 sing N N 154 
ILE CD1 HD12 sing N N 155 
ILE CD1 HD13 sing N N 156 
ILE OXT HXT  sing N N 157 
LEU N   CA   sing N N 158 
LEU N   H    sing N N 159 
LEU N   H2   sing N N 160 
LEU CA  C    sing N N 161 
LEU CA  CB   sing N N 162 
LEU CA  HA   sing N N 163 
LEU C   O    doub N N 164 
LEU C   OXT  sing N N 165 
LEU CB  CG   sing N N 166 
LEU CB  HB2  sing N N 167 
LEU CB  HB3  sing N N 168 
LEU CG  CD1  sing N N 169 
LEU CG  CD2  sing N N 170 
LEU CG  HG   sing N N 171 
LEU CD1 HD11 sing N N 172 
LEU CD1 HD12 sing N N 173 
LEU CD1 HD13 sing N N 174 
LEU CD2 HD21 sing N N 175 
LEU CD2 HD22 sing N N 176 
LEU CD2 HD23 sing N N 177 
LEU OXT HXT  sing N N 178 
LYS N   CA   sing N N 179 
LYS N   H    sing N N 180 
LYS N   H2   sing N N 181 
LYS CA  C    sing N N 182 
LYS CA  CB   sing N N 183 
LYS CA  HA   sing N N 184 
LYS C   O    doub N N 185 
LYS C   OXT  sing N N 186 
LYS CB  CG   sing N N 187 
LYS CB  HB2  sing N N 188 
LYS CB  HB3  sing N N 189 
LYS CG  CD   sing N N 190 
LYS CG  HG2  sing N N 191 
LYS CG  HG3  sing N N 192 
LYS CD  CE   sing N N 193 
LYS CD  HD2  sing N N 194 
LYS CD  HD3  sing N N 195 
LYS CE  NZ   sing N N 196 
LYS CE  HE2  sing N N 197 
LYS CE  HE3  sing N N 198 
LYS NZ  HZ1  sing N N 199 
LYS NZ  HZ2  sing N N 200 
LYS NZ  HZ3  sing N N 201 
LYS OXT HXT  sing N N 202 
MET N   CA   sing N N 203 
MET N   H    sing N N 204 
MET N   H2   sing N N 205 
MET CA  C    sing N N 206 
MET CA  CB   sing N N 207 
MET CA  HA   sing N N 208 
MET C   O    doub N N 209 
MET C   OXT  sing N N 210 
MET CB  CG   sing N N 211 
MET CB  HB2  sing N N 212 
MET CB  HB3  sing N N 213 
MET CG  SD   sing N N 214 
MET CG  HG2  sing N N 215 
MET CG  HG3  sing N N 216 
MET SD  CE   sing N N 217 
MET CE  HE1  sing N N 218 
MET CE  HE2  sing N N 219 
MET CE  HE3  sing N N 220 
MET OXT HXT  sing N N 221 
PHE N   CA   sing N N 222 
PHE N   H    sing N N 223 
PHE N   H2   sing N N 224 
PHE CA  C    sing N N 225 
PHE CA  CB   sing N N 226 
PHE CA  HA   sing N N 227 
PHE C   O    doub N N 228 
PHE C   OXT  sing N N 229 
PHE CB  CG   sing N N 230 
PHE CB  HB2  sing N N 231 
PHE CB  HB3  sing N N 232 
PHE CG  CD1  doub Y N 233 
PHE CG  CD2  sing Y N 234 
PHE CD1 CE1  sing Y N 235 
PHE CD1 HD1  sing N N 236 
PHE CD2 CE2  doub Y N 237 
PHE CD2 HD2  sing N N 238 
PHE CE1 CZ   doub Y N 239 
PHE CE1 HE1  sing N N 240 
PHE CE2 CZ   sing Y N 241 
PHE CE2 HE2  sing N N 242 
PHE CZ  HZ   sing N N 243 
PHE OXT HXT  sing N N 244 
PRO N   CA   sing N N 245 
PRO N   CD   sing N N 246 
PRO N   H    sing N N 247 
PRO CA  C    sing N N 248 
PRO CA  CB   sing N N 249 
PRO CA  HA   sing N N 250 
PRO C   O    doub N N 251 
PRO C   OXT  sing N N 252 
PRO CB  CG   sing N N 253 
PRO CB  HB2  sing N N 254 
PRO CB  HB3  sing N N 255 
PRO CG  CD   sing N N 256 
PRO CG  HG2  sing N N 257 
PRO CG  HG3  sing N N 258 
PRO CD  HD2  sing N N 259 
PRO CD  HD3  sing N N 260 
PRO OXT HXT  sing N N 261 
SER N   CA   sing N N 262 
SER N   H    sing N N 263 
SER N   H2   sing N N 264 
SER CA  C    sing N N 265 
SER CA  CB   sing N N 266 
SER CA  HA   sing N N 267 
SER C   O    doub N N 268 
SER C   OXT  sing N N 269 
SER CB  OG   sing N N 270 
SER CB  HB2  sing N N 271 
SER CB  HB3  sing N N 272 
SER OG  HG   sing N N 273 
SER OXT HXT  sing N N 274 
THR N   CA   sing N N 275 
THR N   H    sing N N 276 
THR N   H2   sing N N 277 
THR CA  C    sing N N 278 
THR CA  CB   sing N N 279 
THR CA  HA   sing N N 280 
THR C   O    doub N N 281 
THR C   OXT  sing N N 282 
THR CB  OG1  sing N N 283 
THR CB  CG2  sing N N 284 
THR CB  HB   sing N N 285 
THR OG1 HG1  sing N N 286 
THR CG2 HG21 sing N N 287 
THR CG2 HG22 sing N N 288 
THR CG2 HG23 sing N N 289 
THR OXT HXT  sing N N 290 
TYR N   CA   sing N N 291 
TYR N   H    sing N N 292 
TYR N   H2   sing N N 293 
TYR CA  C    sing N N 294 
TYR CA  CB   sing N N 295 
TYR CA  HA   sing N N 296 
TYR C   O    doub N N 297 
TYR C   OXT  sing N N 298 
TYR CB  CG   sing N N 299 
TYR CB  HB2  sing N N 300 
TYR CB  HB3  sing N N 301 
TYR CG  CD1  doub Y N 302 
TYR CG  CD2  sing Y N 303 
TYR CD1 CE1  sing Y N 304 
TYR CD1 HD1  sing N N 305 
TYR CD2 CE2  doub Y N 306 
TYR CD2 HD2  sing N N 307 
TYR CE1 CZ   doub Y N 308 
TYR CE1 HE1  sing N N 309 
TYR CE2 CZ   sing Y N 310 
TYR CE2 HE2  sing N N 311 
TYR CZ  OH   sing N N 312 
TYR OH  HH   sing N N 313 
TYR OXT HXT  sing N N 314 
VAL N   CA   sing N N 315 
VAL N   H    sing N N 316 
VAL N   H2   sing N N 317 
VAL CA  C    sing N N 318 
VAL CA  CB   sing N N 319 
VAL CA  HA   sing N N 320 
VAL C   O    doub N N 321 
VAL C   OXT  sing N N 322 
VAL CB  CG1  sing N N 323 
VAL CB  CG2  sing N N 324 
VAL CB  HB   sing N N 325 
VAL CG1 HG11 sing N N 326 
VAL CG1 HG12 sing N N 327 
VAL CG1 HG13 sing N N 328 
VAL CG2 HG21 sing N N 329 
VAL CG2 HG22 sing N N 330 
VAL CG2 HG23 sing N N 331 
VAL OXT HXT  sing N N 332 
# 
_atom_sites.entry_id                    1APC 
_atom_sites.fract_transf_matrix[1][1]   1.000000 
_atom_sites.fract_transf_matrix[1][2]   0.000000 
_atom_sites.fract_transf_matrix[1][3]   0.000000 
_atom_sites.fract_transf_matrix[2][1]   0.000000 
_atom_sites.fract_transf_matrix[2][2]   1.000000 
_atom_sites.fract_transf_matrix[2][3]   0.000000 
_atom_sites.fract_transf_matrix[3][1]   0.000000 
_atom_sites.fract_transf_matrix[3][2]   0.000000 
_atom_sites.fract_transf_matrix[3][3]   1.000000 
_atom_sites.fract_transf_vector[1]      0.00000 
_atom_sites.fract_transf_vector[2]      0.00000 
_atom_sites.fract_transf_vector[3]      0.00000 
# 
loop_
_atom_type.symbol 
C 
H 
N 
O 
S 
# 
loop_
_atom_site.group_PDB 
_atom_site.id 
_atom_site.type_symbol 
_atom_site.label_atom_id 
_atom_site.label_alt_id 
_atom_site.label_comp_id 
_atom_site.label_asym_id 
_atom_site.label_entity_id 
_atom_site.label_seq_id 
_atom_site.pdbx_PDB_ins_code 
_atom_site.Cartn_x 
_atom_site.Cartn_y 
_atom_site.Cartn_z 
_atom_site.occupancy 
_atom_site.B_iso_or_equiv 
_atom_site.pdbx_formal_charge 
_atom_site.auth_seq_id 
_atom_site.auth_comp_id 
_atom_site.auth_asym_id 
_atom_site.auth_atom_id 
_atom_site.pdbx_PDB_model_num 
ATOM 1    N N    . ALA A 1 1   ? 5.280   -5.523  15.762  1.00 0.00 ? 1   ALA A N    1 
ATOM 2    C CA   . ALA A 1 1   ? 5.750   -6.348  14.614  1.00 0.00 ? 1   ALA A CA   1 
ATOM 3    C C    . ALA A 1 1   ? 4.545   -6.970  13.906  1.00 0.00 ? 1   ALA A C    1 
ATOM 4    O O    . ALA A 1 1   ? 3.777   -7.706  14.494  1.00 0.00 ? 1   ALA A O    1 
ATOM 5    C CB   . ALA A 1 1   ? 6.669   -7.458  15.128  1.00 0.00 ? 1   ALA A CB   1 
ATOM 6    H H1   . ALA A 1 1   ? 4.444   -5.969  16.191  1.00 0.00 ? 1   ALA A H1   1 
ATOM 7    H H2   . ALA A 1 1   ? 6.037   -5.451  16.471  1.00 0.00 ? 1   ALA A H2   1 
ATOM 8    H H3   . ALA A 1 1   ? 5.029   -4.571  15.425  1.00 0.00 ? 1   ALA A H3   1 
ATOM 9    H HA   . ALA A 1 1   ? 6.292   -5.723  13.920  1.00 0.00 ? 1   ALA A HA   1 
ATOM 10   H HB1  . ALA A 1 1   ? 7.099   -7.162  16.072  1.00 0.00 ? 1   ALA A HB1  1 
ATOM 11   H HB2  . ALA A 1 1   ? 6.099   -8.366  15.259  1.00 0.00 ? 1   ALA A HB2  1 
ATOM 12   H HB3  . ALA A 1 1   ? 7.459   -7.631  14.411  1.00 0.00 ? 1   ALA A HB3  1 
ATOM 13   N N    . ASP A 1 2   ? 4.370   -6.681  12.644  1.00 0.00 ? 2   ASP A N    1 
ATOM 14   C CA   . ASP A 1 2   ? 3.202   -7.263  11.897  1.00 0.00 ? 2   ASP A CA   1 
ATOM 15   C C    . ASP A 1 2   ? 3.649   -7.601  10.478  1.00 0.00 ? 2   ASP A C    1 
ATOM 16   O O    . ASP A 1 2   ? 4.695   -8.184  10.270  1.00 0.00 ? 2   ASP A O    1 
ATOM 17   C CB   . ASP A 1 2   ? 2.075   -6.227  11.840  1.00 0.00 ? 2   ASP A CB   1 
ATOM 18   C CG   . ASP A 1 2   ? 1.018   -6.679  10.830  1.00 0.00 ? 2   ASP A CG   1 
ATOM 19   O OD1  . ASP A 1 2   ? 0.858   -7.878  10.665  1.00 0.00 ? 2   ASP A OD1  1 
ATOM 20   O OD2  . ASP A 1 2   ? 0.386   -5.819  10.239  1.00 0.00 ? 2   ASP A OD2  1 
ATOM 21   H H    . ASP A 1 2   ? 5.013   -6.073  12.182  1.00 0.00 ? 2   ASP A H    1 
ATOM 22   H HA   . ASP A 1 2   ? 2.837   -8.170  12.394  1.00 0.00 ? 2   ASP A HA   1 
ATOM 23   H HB2  . ASP A 1 2   ? 1.624   -6.133  12.817  1.00 0.00 ? 2   ASP A HB2  1 
ATOM 24   H HB3  . ASP A 1 2   ? 2.478   -5.273  11.535  1.00 0.00 ? 2   ASP A HB3  1 
ATOM 25   N N    . LEU A 1 3   ? 2.874   -7.234  9.497   1.00 0.00 ? 3   LEU A N    1 
ATOM 26   C CA   . LEU A 1 3   ? 3.272   -7.530  8.095   1.00 0.00 ? 3   LEU A CA   1 
ATOM 27   C C    . LEU A 1 3   ? 4.719   -7.082  7.887   1.00 0.00 ? 3   LEU A C    1 
ATOM 28   O O    . LEU A 1 3   ? 5.163   -6.876  6.775   1.00 0.00 ? 3   LEU A O    1 
ATOM 29   C CB   . LEU A 1 3   ? 2.356   -6.769  7.133   1.00 0.00 ? 3   LEU A CB   1 
ATOM 30   C CG   . LEU A 1 3   ? 1.962   -7.684  5.973   1.00 0.00 ? 3   LEU A CG   1 
ATOM 31   C CD1  . LEU A 1 3   ? 1.406   -6.839  4.823   1.00 0.00 ? 3   LEU A CD1  1 
ATOM 32   C CD2  . LEU A 1 3   ? 3.191   -8.456  5.490   1.00 0.00 ? 3   LEU A CD2  1 
ATOM 33   H H    . LEU A 1 3   ? 2.038   -6.759  9.683   1.00 0.00 ? 3   LEU A H    1 
ATOM 34   H HA   . LEU A 1 3   ? 3.191   -8.590  7.911   1.00 0.00 ? 3   LEU A HA   1 
ATOM 35   H HB2  . LEU A 1 3   ? 1.469   -6.450  7.659   1.00 0.00 ? 3   LEU A HB2  1 
ATOM 36   H HB3  . LEU A 1 3   ? 2.878   -5.906  6.748   1.00 0.00 ? 3   LEU A HB3  1 
ATOM 37   H HG   . LEU A 1 3   ? 1.207   -8.381  6.304   1.00 0.00 ? 3   LEU A HG   1 
ATOM 38   H HD11 . LEU A 1 3   ? 0.964   -5.938  5.221   1.00 0.00 ? 3   LEU A HD11 1 
ATOM 39   H HD12 . LEU A 1 3   ? 2.208   -6.579  4.148   1.00 0.00 ? 3   LEU A HD12 1 
ATOM 40   H HD13 . LEU A 1 3   ? 0.656   -7.405  4.291   1.00 0.00 ? 3   LEU A HD13 1 
ATOM 41   H HD21 . LEU A 1 3   ? 4.001   -8.318  6.191   1.00 0.00 ? 3   LEU A HD21 1 
ATOM 42   H HD22 . LEU A 1 3   ? 2.952   -9.507  5.419   1.00 0.00 ? 3   LEU A HD22 1 
ATOM 43   H HD23 . LEU A 1 3   ? 3.489   -8.089  4.519   1.00 0.00 ? 3   LEU A HD23 1 
ATOM 44   N N    . GLU A 1 4   ? 5.459   -6.929  8.955   1.00 0.00 ? 4   GLU A N    1 
ATOM 45   C CA   . GLU A 1 4   ? 6.878   -6.494  8.822   1.00 0.00 ? 4   GLU A CA   1 
ATOM 46   C C    . GLU A 1 4   ? 7.356   -6.770  7.398   1.00 0.00 ? 4   GLU A C    1 
ATOM 47   O O    . GLU A 1 4   ? 8.362   -6.251  6.956   1.00 0.00 ? 4   GLU A O    1 
ATOM 48   C CB   . GLU A 1 4   ? 7.744   -7.272  9.815   1.00 0.00 ? 4   GLU A CB   1 
ATOM 49   C CG   . GLU A 1 4   ? 7.265   -6.992  11.241  1.00 0.00 ? 4   GLU A CG   1 
ATOM 50   C CD   . GLU A 1 4   ? 7.811   -8.066  12.185  1.00 0.00 ? 4   GLU A CD   1 
ATOM 51   O OE1  . GLU A 1 4   ? 7.263   -9.156  12.191  1.00 0.00 ? 4   GLU A OE1  1 
ATOM 52   O OE2  . GLU A 1 4   ? 8.767   -7.780  12.887  1.00 0.00 ? 4   GLU A OE2  1 
ATOM 53   H H    . GLU A 1 4   ? 5.080   -7.099  9.841   1.00 0.00 ? 4   GLU A H    1 
ATOM 54   H HA   . GLU A 1 4   ? 6.952   -5.437  9.030   1.00 0.00 ? 4   GLU A HA   1 
ATOM 55   H HB2  . GLU A 1 4   ? 7.666   -8.330  9.609   1.00 0.00 ? 4   GLU A HB2  1 
ATOM 56   H HB3  . GLU A 1 4   ? 8.773   -6.962  9.716   1.00 0.00 ? 4   GLU A HB3  1 
ATOM 57   H HG2  . GLU A 1 4   ? 7.619   -6.023  11.556  1.00 0.00 ? 4   GLU A HG2  1 
ATOM 58   H HG3  . GLU A 1 4   ? 6.185   -7.006  11.267  1.00 0.00 ? 4   GLU A HG3  1 
ATOM 59   N N    . ASP A 1 5   ? 6.637   -7.583  6.677   1.00 0.00 ? 5   ASP A N    1 
ATOM 60   C CA   . ASP A 1 5   ? 7.042   -7.894  5.277   1.00 0.00 ? 5   ASP A CA   1 
ATOM 61   C C    . ASP A 1 5   ? 6.753   -6.685  4.386   1.00 0.00 ? 5   ASP A C    1 
ATOM 62   O O    . ASP A 1 5   ? 7.629   -5.898  4.088   1.00 0.00 ? 5   ASP A O    1 
ATOM 63   C CB   . ASP A 1 5   ? 6.249   -9.102  4.772   1.00 0.00 ? 5   ASP A CB   1 
ATOM 64   C CG   . ASP A 1 5   ? 7.198   -10.092 4.094   1.00 0.00 ? 5   ASP A CG   1 
ATOM 65   O OD1  . ASP A 1 5   ? 7.797   -10.885 4.801   1.00 0.00 ? 5   ASP A OD1  1 
ATOM 66   O OD2  . ASP A 1 5   ? 7.310   -10.039 2.881   1.00 0.00 ? 5   ASP A OD2  1 
ATOM 67   H H    . ASP A 1 5   ? 5.828   -7.987  7.058   1.00 0.00 ? 5   ASP A H    1 
ATOM 68   H HA   . ASP A 1 5   ? 8.098   -8.118  5.248   1.00 0.00 ? 5   ASP A HA   1 
ATOM 69   H HB2  . ASP A 1 5   ? 5.760   -9.585  5.605   1.00 0.00 ? 5   ASP A HB2  1 
ATOM 70   H HB3  . ASP A 1 5   ? 5.507   -8.773  4.060   1.00 0.00 ? 5   ASP A HB3  1 
ATOM 71   N N    . ASN A 1 6   ? 5.529   -6.527  3.961   1.00 0.00 ? 6   ASN A N    1 
ATOM 72   C CA   . ASN A 1 6   ? 5.188   -5.365  3.093   1.00 0.00 ? 6   ASN A CA   1 
ATOM 73   C C    . ASN A 1 6   ? 5.618   -4.073  3.791   1.00 0.00 ? 6   ASN A C    1 
ATOM 74   O O    . ASN A 1 6   ? 5.851   -3.062  3.158   1.00 0.00 ? 6   ASN A O    1 
ATOM 75   C CB   . ASN A 1 6   ? 3.677   -5.335  2.850   1.00 0.00 ? 6   ASN A CB   1 
ATOM 76   C CG   . ASN A 1 6   ? 3.394   -4.722  1.476   1.00 0.00 ? 6   ASN A CG   1 
ATOM 77   O OD1  . ASN A 1 6   ? 2.508   -3.902  1.335   1.00 0.00 ? 6   ASN A OD1  1 
ATOM 78   N ND2  . ASN A 1 6   ? 4.112   -5.089  0.451   1.00 0.00 ? 6   ASN A ND2  1 
ATOM 79   H H    . ASN A 1 6   ? 4.835   -7.171  4.214   1.00 0.00 ? 6   ASN A H    1 
ATOM 80   H HA   . ASN A 1 6   ? 5.704   -5.456  2.150   1.00 0.00 ? 6   ASN A HA   1 
ATOM 81   H HB2  . ASN A 1 6   ? 3.287   -6.342  2.883   1.00 0.00 ? 6   ASN A HB2  1 
ATOM 82   H HB3  . ASN A 1 6   ? 3.201   -4.738  3.613   1.00 0.00 ? 6   ASN A HB3  1 
ATOM 83   H HD21 . ASN A 1 6   ? 4.827   -5.751  0.565   1.00 0.00 ? 6   ASN A HD21 1 
ATOM 84   H HD22 . ASN A 1 6   ? 3.938   -4.703  -0.433  1.00 0.00 ? 6   ASN A HD22 1 
ATOM 85   N N    . MET A 1 7   ? 5.729   -4.102  5.091   1.00 0.00 ? 7   MET A N    1 
ATOM 86   C CA   . MET A 1 7   ? 6.147   -2.879  5.832   1.00 0.00 ? 7   MET A CA   1 
ATOM 87   C C    . MET A 1 7   ? 7.622   -2.594  5.548   1.00 0.00 ? 7   MET A C    1 
ATOM 88   O O    . MET A 1 7   ? 8.013   -1.466  5.324   1.00 0.00 ? 7   MET A O    1 
ATOM 89   C CB   . MET A 1 7   ? 5.948   -3.099  7.333   1.00 0.00 ? 7   MET A CB   1 
ATOM 90   C CG   . MET A 1 7   ? 6.383   -1.846  8.094   1.00 0.00 ? 7   MET A CG   1 
ATOM 91   S SD   . MET A 1 7   ? 5.983   -2.035  9.849   1.00 0.00 ? 7   MET A SD   1 
ATOM 92   C CE   . MET A 1 7   ? 7.601   -2.642  10.387  1.00 0.00 ? 7   MET A CE   1 
ATOM 93   H H    . MET A 1 7   ? 5.537   -4.930  5.580   1.00 0.00 ? 7   MET A H    1 
ATOM 94   H HA   . MET A 1 7   ? 5.549   -2.040  5.508   1.00 0.00 ? 7   MET A HA   1 
ATOM 95   H HB2  . MET A 1 7   ? 4.905   -3.298  7.533   1.00 0.00 ? 7   MET A HB2  1 
ATOM 96   H HB3  . MET A 1 7   ? 6.543   -3.939  7.656   1.00 0.00 ? 7   MET A HB3  1 
ATOM 97   H HG2  . MET A 1 7   ? 7.449   -1.708  7.981   1.00 0.00 ? 7   MET A HG2  1 
ATOM 98   H HG3  . MET A 1 7   ? 5.865   -0.985  7.697   1.00 0.00 ? 7   MET A HG3  1 
ATOM 99   H HE1  . MET A 1 7   ? 8.259   -2.717  9.533   1.00 0.00 ? 7   MET A HE1  1 
ATOM 100  H HE2  . MET A 1 7   ? 8.022   -1.956  11.107  1.00 0.00 ? 7   MET A HE2  1 
ATOM 101  H HE3  . MET A 1 7   ? 7.487   -3.615  10.841  1.00 0.00 ? 7   MET A HE3  1 
ATOM 102  N N    . GLU A 1 8   ? 8.445   -3.608  5.555   1.00 0.00 ? 8   GLU A N    1 
ATOM 103  C CA   . GLU A 1 8   ? 9.893   -3.388  5.282   1.00 0.00 ? 8   GLU A CA   1 
ATOM 104  C C    . GLU A 1 8   ? 10.050  -2.632  3.962   1.00 0.00 ? 8   GLU A C    1 
ATOM 105  O O    . GLU A 1 8   ? 10.822  -1.700  3.858   1.00 0.00 ? 8   GLU A O    1 
ATOM 106  C CB   . GLU A 1 8   ? 10.606  -4.740  5.187   1.00 0.00 ? 8   GLU A CB   1 
ATOM 107  C CG   . GLU A 1 8   ? 11.894  -4.695  6.011   1.00 0.00 ? 8   GLU A CG   1 
ATOM 108  C CD   . GLU A 1 8   ? 12.791  -3.569  5.494   1.00 0.00 ? 8   GLU A CD   1 
ATOM 109  O OE1  . GLU A 1 8   ? 12.610  -3.169  4.356   1.00 0.00 ? 8   GLU A OE1  1 
ATOM 110  O OE2  . GLU A 1 8   ? 13.645  -3.126  6.246   1.00 0.00 ? 8   GLU A OE2  1 
ATOM 111  H H    . GLU A 1 8   ? 8.111   -4.511  5.736   1.00 0.00 ? 8   GLU A H    1 
ATOM 112  H HA   . GLU A 1 8   ? 10.326  -2.808  6.083   1.00 0.00 ? 8   GLU A HA   1 
ATOM 113  H HB2  . GLU A 1 8   ? 9.959   -5.516  5.569   1.00 0.00 ? 8   GLU A HB2  1 
ATOM 114  H HB3  . GLU A 1 8   ? 10.848  -4.947  4.156   1.00 0.00 ? 8   GLU A HB3  1 
ATOM 115  H HG2  . GLU A 1 8   ? 11.652  -4.515  7.049   1.00 0.00 ? 8   GLU A HG2  1 
ATOM 116  H HG3  . GLU A 1 8   ? 12.412  -5.638  5.921   1.00 0.00 ? 8   GLU A HG3  1 
ATOM 117  N N    . THR A 1 9   ? 9.321   -3.024  2.953   1.00 0.00 ? 9   THR A N    1 
ATOM 118  C CA   . THR A 1 9   ? 9.427   -2.323  1.641   1.00 0.00 ? 9   THR A CA   1 
ATOM 119  C C    . THR A 1 9   ? 8.597   -1.039  1.685   1.00 0.00 ? 9   THR A C    1 
ATOM 120  O O    . THR A 1 9   ? 8.701   -0.191  0.820   1.00 0.00 ? 9   THR A O    1 
ATOM 121  C CB   . THR A 1 9   ? 8.906   -3.229  0.522   1.00 0.00 ? 9   THR A CB   1 
ATOM 122  O OG1  . THR A 1 9   ? 9.508   -2.848  -0.708  1.00 0.00 ? 9   THR A OG1  1 
ATOM 123  C CG2  . THR A 1 9   ? 7.387   -3.088  0.412   1.00 0.00 ? 9   THR A CG2  1 
ATOM 124  H H    . THR A 1 9   ? 8.702   -3.776  3.060   1.00 0.00 ? 9   THR A H    1 
ATOM 125  H HA   . THR A 1 9   ? 10.461  -2.074  1.451   1.00 0.00 ? 9   THR A HA   1 
ATOM 126  H HB   . THR A 1 9   ? 9.155   -4.256  0.740   1.00 0.00 ? 9   THR A HB   1 
ATOM 127  H HG1  . THR A 1 9   ? 8.925   -3.122  -1.421  1.00 0.00 ? 9   THR A HG1  1 
ATOM 128  H HG21 . THR A 1 9   ? 7.015   -2.528  1.257   1.00 0.00 ? 9   THR A HG21 1 
ATOM 129  H HG22 . THR A 1 9   ? 7.138   -2.569  -0.503  1.00 0.00 ? 9   THR A HG22 1 
ATOM 130  H HG23 . THR A 1 9   ? 6.934   -4.069  0.402   1.00 0.00 ? 9   THR A HG23 1 
ATOM 131  N N    . LEU A 1 10  ? 7.771   -0.889  2.684   1.00 0.00 ? 10  LEU A N    1 
ATOM 132  C CA   . LEU A 1 10  ? 6.933   0.340   2.781   1.00 0.00 ? 10  LEU A CA   1 
ATOM 133  C C    . LEU A 1 10  ? 7.773   1.486   3.346   1.00 0.00 ? 10  LEU A C    1 
ATOM 134  O O    . LEU A 1 10  ? 7.646   2.622   2.936   1.00 0.00 ? 10  LEU A O    1 
ATOM 135  C CB   . LEU A 1 10  ? 5.744   0.074   3.707   1.00 0.00 ? 10  LEU A CB   1 
ATOM 136  C CG   . LEU A 1 10  ? 4.564   -0.454  2.888   1.00 0.00 ? 10  LEU A CG   1 
ATOM 137  C CD1  . LEU A 1 10  ? 3.361   -0.668  3.808   1.00 0.00 ? 10  LEU A CD1  1 
ATOM 138  C CD2  . LEU A 1 10  ? 4.201   0.561   1.801   1.00 0.00 ? 10  LEU A CD2  1 
ATOM 139  H H    . LEU A 1 10  ? 7.701   -1.585  3.371   1.00 0.00 ? 10  LEU A H    1 
ATOM 140  H HA   . LEU A 1 10  ? 6.571   0.607   1.798   1.00 0.00 ? 10  LEU A HA   1 
ATOM 141  H HB2  . LEU A 1 10  ? 6.023   -0.658  4.450   1.00 0.00 ? 10  LEU A HB2  1 
ATOM 142  H HB3  . LEU A 1 10  ? 5.457   0.992   4.196   1.00 0.00 ? 10  LEU A HB3  1 
ATOM 143  H HG   . LEU A 1 10  ? 4.836   -1.392  2.427   1.00 0.00 ? 10  LEU A HG   1 
ATOM 144  H HD11 . LEU A 1 10  ? 3.555   -0.210  4.767   1.00 0.00 ? 10  LEU A HD11 1 
ATOM 145  H HD12 . LEU A 1 10  ? 2.484   -0.218  3.366   1.00 0.00 ? 10  LEU A HD12 1 
ATOM 146  H HD13 . LEU A 1 10  ? 3.194   -1.726  3.942   1.00 0.00 ? 10  LEU A HD13 1 
ATOM 147  H HD21 . LEU A 1 10  ? 4.328   1.562   2.187   1.00 0.00 ? 10  LEU A HD21 1 
ATOM 148  H HD22 . LEU A 1 10  ? 4.846   0.419   0.947   1.00 0.00 ? 10  LEU A HD22 1 
ATOM 149  H HD23 . LEU A 1 10  ? 3.173   0.417   1.505   1.00 0.00 ? 10  LEU A HD23 1 
ATOM 150  N N    . ASN A 1 11  ? 8.631   1.198   4.285   1.00 0.00 ? 11  ASN A N    1 
ATOM 151  C CA   . ASN A 1 11  ? 9.478   2.271   4.876   1.00 0.00 ? 11  ASN A CA   1 
ATOM 152  C C    . ASN A 1 11  ? 10.254  2.979   3.763   1.00 0.00 ? 11  ASN A C    1 
ATOM 153  O O    . ASN A 1 11  ? 10.532  4.158   3.842   1.00 0.00 ? 11  ASN A O    1 
ATOM 154  C CB   . ASN A 1 11  ? 10.461  1.657   5.874   1.00 0.00 ? 11  ASN A CB   1 
ATOM 155  C CG   . ASN A 1 11  ? 10.296  2.333   7.234   1.00 0.00 ? 11  ASN A CG   1 
ATOM 156  O OD1  . ASN A 1 11  ? 10.855  3.384   7.475   1.00 0.00 ? 11  ASN A OD1  1 
ATOM 157  N ND2  . ASN A 1 11  ? 9.545   1.771   8.143   1.00 0.00 ? 11  ASN A ND2  1 
ATOM 158  H H    . ASN A 1 11  ? 8.720   0.274   4.602   1.00 0.00 ? 11  ASN A H    1 
ATOM 159  H HA   . ASN A 1 11  ? 8.848   2.986   5.385   1.00 0.00 ? 11  ASN A HA   1 
ATOM 160  H HB2  . ASN A 1 11  ? 10.261  0.599   5.969   1.00 0.00 ? 11  ASN A HB2  1 
ATOM 161  H HB3  . ASN A 1 11  ? 11.470  1.802   5.521   1.00 0.00 ? 11  ASN A HB3  1 
ATOM 162  H HD21 . ASN A 1 11  ? 9.093   0.924   7.948   1.00 0.00 ? 11  ASN A HD21 1 
ATOM 163  H HD22 . ASN A 1 11  ? 9.434   2.197   9.018   1.00 0.00 ? 11  ASN A HD22 1 
ATOM 164  N N    . ASP A 1 12  ? 10.606  2.267   2.728   1.00 0.00 ? 12  ASP A N    1 
ATOM 165  C CA   . ASP A 1 12  ? 11.364  2.902   1.613   1.00 0.00 ? 12  ASP A CA   1 
ATOM 166  C C    . ASP A 1 12  ? 10.525  4.024   1.001   1.00 0.00 ? 12  ASP A C    1 
ATOM 167  O O    . ASP A 1 12  ? 10.915  5.174   0.997   1.00 0.00 ? 12  ASP A O    1 
ATOM 168  C CB   . ASP A 1 12  ? 11.673  1.852   0.542   1.00 0.00 ? 12  ASP A CB   1 
ATOM 169  C CG   . ASP A 1 12  ? 13.149  1.458   0.624   1.00 0.00 ? 12  ASP A CG   1 
ATOM 170  O OD1  . ASP A 1 12  ? 13.982  2.290   0.300   1.00 0.00 ? 12  ASP A OD1  1 
ATOM 171  O OD2  . ASP A 1 12  ? 13.420  0.333   1.008   1.00 0.00 ? 12  ASP A OD2  1 
ATOM 172  H H    . ASP A 1 12  ? 10.372  1.317   2.683   1.00 0.00 ? 12  ASP A H    1 
ATOM 173  H HA   . ASP A 1 12  ? 12.289  3.311   1.994   1.00 0.00 ? 12  ASP A HA   1 
ATOM 174  H HB2  . ASP A 1 12  ? 11.056  0.980   0.705   1.00 0.00 ? 12  ASP A HB2  1 
ATOM 175  H HB3  . ASP A 1 12  ? 11.466  2.263   -0.434  1.00 0.00 ? 12  ASP A HB3  1 
ATOM 176  N N    . ASN A 1 13  ? 9.371   3.700   0.483   1.00 0.00 ? 13  ASN A N    1 
ATOM 177  C CA   . ASN A 1 13  ? 8.508   4.750   -0.127  1.00 0.00 ? 13  ASN A CA   1 
ATOM 178  C C    . ASN A 1 13  ? 8.009   5.694   0.968   1.00 0.00 ? 13  ASN A C    1 
ATOM 179  O O    . ASN A 1 13  ? 7.998   6.898   0.807   1.00 0.00 ? 13  ASN A O    1 
ATOM 180  C CB   . ASN A 1 13  ? 7.311   4.092   -0.819  1.00 0.00 ? 13  ASN A CB   1 
ATOM 181  C CG   . ASN A 1 13  ? 7.727   2.726   -1.369  1.00 0.00 ? 13  ASN A CG   1 
ATOM 182  O OD1  . ASN A 1 13  ? 6.931   1.809   -1.412  1.00 0.00 ? 13  ASN A OD1  1 
ATOM 183  N ND2  . ASN A 1 13  ? 8.948   2.552   -1.793  1.00 0.00 ? 13  ASN A ND2  1 
ATOM 184  H H    . ASN A 1 13  ? 9.072   2.767   0.496   1.00 0.00 ? 13  ASN A H    1 
ATOM 185  H HA   . ASN A 1 13  ? 9.079   5.310   -0.852  1.00 0.00 ? 13  ASN A HA   1 
ATOM 186  H HB2  . ASN A 1 13  ? 6.510   3.966   -0.105  1.00 0.00 ? 13  ASN A HB2  1 
ATOM 187  H HB3  . ASN A 1 13  ? 6.976   4.718   -1.631  1.00 0.00 ? 13  ASN A HB3  1 
ATOM 188  H HD21 . ASN A 1 13  ? 9.590   3.291   -1.758  1.00 0.00 ? 13  ASN A HD21 1 
ATOM 189  H HD22 . ASN A 1 13  ? 9.223   1.680   -2.149  1.00 0.00 ? 13  ASN A HD22 1 
ATOM 190  N N    . LEU A 1 14  ? 7.593   5.155   2.082   1.00 0.00 ? 14  LEU A N    1 
ATOM 191  C CA   . LEU A 1 14  ? 7.095   6.020   3.188   1.00 0.00 ? 14  LEU A CA   1 
ATOM 192  C C    . LEU A 1 14  ? 8.122   7.117   3.478   1.00 0.00 ? 14  LEU A C    1 
ATOM 193  O O    . LEU A 1 14  ? 7.775   8.229   3.824   1.00 0.00 ? 14  LEU A O    1 
ATOM 194  C CB   . LEU A 1 14  ? 6.885   5.171   4.443   1.00 0.00 ? 14  LEU A CB   1 
ATOM 195  C CG   . LEU A 1 14  ? 6.902   6.071   5.680   1.00 0.00 ? 14  LEU A CG   1 
ATOM 196  C CD1  . LEU A 1 14  ? 5.470   6.482   6.030   1.00 0.00 ? 14  LEU A CD1  1 
ATOM 197  C CD2  . LEU A 1 14  ? 7.516   5.310   6.856   1.00 0.00 ? 14  LEU A CD2  1 
ATOM 198  H H    . LEU A 1 14  ? 7.610   4.181   2.191   1.00 0.00 ? 14  LEU A H    1 
ATOM 199  H HA   . LEU A 1 14  ? 6.158   6.471   2.898   1.00 0.00 ? 14  LEU A HA   1 
ATOM 200  H HB2  . LEU A 1 14  ? 5.934   4.662   4.379   1.00 0.00 ? 14  LEU A HB2  1 
ATOM 201  H HB3  . LEU A 1 14  ? 7.679   4.442   4.521   1.00 0.00 ? 14  LEU A HB3  1 
ATOM 202  H HG   . LEU A 1 14  ? 7.490   6.954   5.475   1.00 0.00 ? 14  LEU A HG   1 
ATOM 203  H HD11 . LEU A 1 14  ? 5.003   6.932   5.166   1.00 0.00 ? 14  LEU A HD11 1 
ATOM 204  H HD12 . LEU A 1 14  ? 4.908   5.609   6.328   1.00 0.00 ? 14  LEU A HD12 1 
ATOM 205  H HD13 . LEU A 1 14  ? 5.487   7.194   6.842   1.00 0.00 ? 14  LEU A HD13 1 
ATOM 206  H HD21 . LEU A 1 14  ? 8.196   4.558   6.483   1.00 0.00 ? 14  LEU A HD21 1 
ATOM 207  H HD22 . LEU A 1 14  ? 8.053   5.999   7.490   1.00 0.00 ? 14  LEU A HD22 1 
ATOM 208  H HD23 . LEU A 1 14  ? 6.731   4.834   7.426   1.00 0.00 ? 14  LEU A HD23 1 
ATOM 209  N N    . LYS A 1 15  ? 9.384   6.814   3.337   1.00 0.00 ? 15  LYS A N    1 
ATOM 210  C CA   . LYS A 1 15  ? 10.430  7.840   3.604   1.00 0.00 ? 15  LYS A CA   1 
ATOM 211  C C    . LYS A 1 15  ? 10.536  8.781   2.402   1.00 0.00 ? 15  LYS A C    1 
ATOM 212  O O    . LYS A 1 15  ? 10.258  9.960   2.498   1.00 0.00 ? 15  LYS A O    1 
ATOM 213  C CB   . LYS A 1 15  ? 11.776  7.150   3.835   1.00 0.00 ? 15  LYS A CB   1 
ATOM 214  C CG   . LYS A 1 15  ? 11.725  6.355   5.140   1.00 0.00 ? 15  LYS A CG   1 
ATOM 215  C CD   . LYS A 1 15  ? 12.672  5.157   5.047   1.00 0.00 ? 15  LYS A CD   1 
ATOM 216  C CE   . LYS A 1 15  ? 14.010  5.514   5.696   1.00 0.00 ? 15  LYS A CE   1 
ATOM 217  N NZ   . LYS A 1 15  ? 15.059  4.570   5.221   1.00 0.00 ? 15  LYS A NZ   1 
ATOM 218  H H    . LYS A 1 15  ? 9.642   5.911   3.056   1.00 0.00 ? 15  LYS A H    1 
ATOM 219  H HA   . LYS A 1 15  ? 10.161  8.408   4.481   1.00 0.00 ? 15  LYS A HA   1 
ATOM 220  H HB2  . LYS A 1 15  ? 11.983  6.481   3.011   1.00 0.00 ? 15  LYS A HB2  1 
ATOM 221  H HB3  . LYS A 1 15  ? 12.556  7.894   3.899   1.00 0.00 ? 15  LYS A HB3  1 
ATOM 222  H HG2  . LYS A 1 15  ? 12.027  6.990   5.960   1.00 0.00 ? 15  LYS A HG2  1 
ATOM 223  H HG3  . LYS A 1 15  ? 10.717  6.005   5.309   1.00 0.00 ? 15  LYS A HG3  1 
ATOM 224  H HD2  . LYS A 1 15  ? 12.236  4.313   5.560   1.00 0.00 ? 15  LYS A HD2  1 
ATOM 225  H HD3  . LYS A 1 15  ? 12.831  4.905   4.009   1.00 0.00 ? 15  LYS A HD3  1 
ATOM 226  H HE2  . LYS A 1 15  ? 14.284  6.523   5.425   1.00 0.00 ? 15  LYS A HE2  1 
ATOM 227  H HE3  . LYS A 1 15  ? 13.920  5.443   6.769   1.00 0.00 ? 15  LYS A HE3  1 
ATOM 228  H HZ1  . LYS A 1 15  ? 14.838  4.266   4.252   1.00 0.00 ? 15  LYS A HZ1  1 
ATOM 229  H HZ2  . LYS A 1 15  ? 15.985  5.044   5.233   1.00 0.00 ? 15  LYS A HZ2  1 
ATOM 230  H HZ3  . LYS A 1 15  ? 15.087  3.739   5.847   1.00 0.00 ? 15  LYS A HZ3  1 
ATOM 231  N N    . VAL A 1 16  ? 10.935  8.270   1.269   1.00 0.00 ? 16  VAL A N    1 
ATOM 232  C CA   . VAL A 1 16  ? 11.055  9.138   0.064   1.00 0.00 ? 16  VAL A CA   1 
ATOM 233  C C    . VAL A 1 16  ? 9.751   9.915   -0.131  1.00 0.00 ? 16  VAL A C    1 
ATOM 234  O O    . VAL A 1 16  ? 9.674   10.826  -0.932  1.00 0.00 ? 16  VAL A O    1 
ATOM 235  C CB   . VAL A 1 16  ? 11.322  8.272   -1.167  1.00 0.00 ? 16  VAL A CB   1 
ATOM 236  C CG1  . VAL A 1 16  ? 11.451  9.165   -2.403  1.00 0.00 ? 16  VAL A CG1  1 
ATOM 237  C CG2  . VAL A 1 16  ? 12.621  7.488   -0.968  1.00 0.00 ? 16  VAL A CG2  1 
ATOM 238  H H    . VAL A 1 16  ? 11.153  7.317   1.211   1.00 0.00 ? 16  VAL A H    1 
ATOM 239  H HA   . VAL A 1 16  ? 11.871  9.833   0.201   1.00 0.00 ? 16  VAL A HA   1 
ATOM 240  H HB   . VAL A 1 16  ? 10.502  7.582   -1.307  1.00 0.00 ? 16  VAL A HB   1 
ATOM 241  H HG11 . VAL A 1 16  ? 11.264  10.192  -2.125  1.00 0.00 ? 16  VAL A HG11 1 
ATOM 242  H HG12 . VAL A 1 16  ? 12.448  9.077   -2.808  1.00 0.00 ? 16  VAL A HG12 1 
ATOM 243  H HG13 . VAL A 1 16  ? 10.732  8.857   -3.147  1.00 0.00 ? 16  VAL A HG13 1 
ATOM 244  H HG21 . VAL A 1 16  ? 13.056  7.747   -0.013  1.00 0.00 ? 16  VAL A HG21 1 
ATOM 245  H HG22 . VAL A 1 16  ? 12.410  6.429   -0.992  1.00 0.00 ? 16  VAL A HG22 1 
ATOM 246  H HG23 . VAL A 1 16  ? 13.316  7.735   -1.758  1.00 0.00 ? 16  VAL A HG23 1 
ATOM 247  N N    . ILE A 1 17  ? 8.726   9.562   0.594   1.00 0.00 ? 17  ILE A N    1 
ATOM 248  C CA   . ILE A 1 17  ? 7.428   10.280  0.450   1.00 0.00 ? 17  ILE A CA   1 
ATOM 249  C C    . ILE A 1 17  ? 7.494   11.606  1.211   1.00 0.00 ? 17  ILE A C    1 
ATOM 250  O O    . ILE A 1 17  ? 6.987   12.615  0.762   1.00 0.00 ? 17  ILE A O    1 
ATOM 251  C CB   . ILE A 1 17  ? 6.302   9.418   1.023   1.00 0.00 ? 17  ILE A CB   1 
ATOM 252  C CG1  . ILE A 1 17  ? 5.816   8.442   -0.051  1.00 0.00 ? 17  ILE A CG1  1 
ATOM 253  C CG2  . ILE A 1 17  ? 5.142   10.315  1.459   1.00 0.00 ? 17  ILE A CG2  1 
ATOM 254  C CD1  . ILE A 1 17  ? 5.009   9.203   -1.104  1.00 0.00 ? 17  ILE A CD1  1 
ATOM 255  H H    . ILE A 1 17  ? 8.810   8.825   1.234   1.00 0.00 ? 17  ILE A H    1 
ATOM 256  H HA   . ILE A 1 17  ? 7.238   10.474  -0.595  1.00 0.00 ? 17  ILE A HA   1 
ATOM 257  H HB   . ILE A 1 17  ? 6.670   8.865   1.875   1.00 0.00 ? 17  ILE A HB   1 
ATOM 258  H HG12 . ILE A 1 17  ? 6.666   7.970   -0.520  1.00 0.00 ? 17  ILE A HG12 1 
ATOM 259  H HG13 . ILE A 1 17  ? 5.191   7.688   0.405   1.00 0.00 ? 17  ILE A HG13 1 
ATOM 260  H HG21 . ILE A 1 17  ? 5.382   11.346  1.242   1.00 0.00 ? 17  ILE A HG21 1 
ATOM 261  H HG22 . ILE A 1 17  ? 4.248   10.033  0.925   1.00 0.00 ? 17  ILE A HG22 1 
ATOM 262  H HG23 . ILE A 1 17  ? 4.978   10.201  2.521   1.00 0.00 ? 17  ILE A HG23 1 
ATOM 263  H HD11 . ILE A 1 17  ? 4.477   10.015  -0.632  1.00 0.00 ? 17  ILE A HD11 1 
ATOM 264  H HD12 . ILE A 1 17  ? 5.679   9.599   -1.852  1.00 0.00 ? 17  ILE A HD12 1 
ATOM 265  H HD13 . ILE A 1 17  ? 4.304   8.532   -1.571  1.00 0.00 ? 17  ILE A HD13 1 
ATOM 266  N N    . GLU A 1 18  ? 8.116   11.615  2.358   1.00 0.00 ? 18  GLU A N    1 
ATOM 267  C CA   . GLU A 1 18  ? 8.211   12.879  3.140   1.00 0.00 ? 18  GLU A CA   1 
ATOM 268  C C    . GLU A 1 18  ? 8.760   13.990  2.242   1.00 0.00 ? 18  GLU A C    1 
ATOM 269  O O    . GLU A 1 18  ? 8.027   14.831  1.761   1.00 0.00 ? 18  GLU A O    1 
ATOM 270  C CB   . GLU A 1 18  ? 9.149   12.675  4.331   1.00 0.00 ? 18  GLU A CB   1 
ATOM 271  C CG   . GLU A 1 18  ? 8.680   13.536  5.505   1.00 0.00 ? 18  GLU A CG   1 
ATOM 272  C CD   . GLU A 1 18  ? 9.064   12.860  6.821   1.00 0.00 ? 18  GLU A CD   1 
ATOM 273  O OE1  . GLU A 1 18  ? 10.245  12.828  7.125   1.00 0.00 ? 18  GLU A OE1  1 
ATOM 274  O OE2  . GLU A 1 18  ? 8.171   12.384  7.503   1.00 0.00 ? 18  GLU A OE2  1 
ATOM 275  H H    . GLU A 1 18  ? 8.519   10.792  2.704   1.00 0.00 ? 18  GLU A H    1 
ATOM 276  H HA   . GLU A 1 18  ? 7.231   13.157  3.497   1.00 0.00 ? 18  GLU A HA   1 
ATOM 277  H HB2  . GLU A 1 18  ? 9.141   11.634  4.621   1.00 0.00 ? 18  GLU A HB2  1 
ATOM 278  H HB3  . GLU A 1 18  ? 10.153  12.963  4.054   1.00 0.00 ? 18  GLU A HB3  1 
ATOM 279  H HG2  . GLU A 1 18  ? 9.147   14.507  5.449   1.00 0.00 ? 18  GLU A HG2  1 
ATOM 280  H HG3  . GLU A 1 18  ? 7.606   13.651  5.460   1.00 0.00 ? 18  GLU A HG3  1 
ATOM 281  N N    . LYS A 1 19  ? 10.045  13.999  2.010   1.00 0.00 ? 19  LYS A N    1 
ATOM 282  C CA   . LYS A 1 19  ? 10.645  15.035  1.153   1.00 0.00 ? 19  LYS A CA   1 
ATOM 283  C C    . LYS A 1 19  ? 10.062  14.939  -0.259  1.00 0.00 ? 19  LYS A C    1 
ATOM 284  O O    . LYS A 1 19  ? 9.950   15.923  -0.962  1.00 0.00 ? 19  LYS A O    1 
ATOM 285  C CB   . LYS A 1 19  ? 12.143  14.779  1.116   1.00 0.00 ? 19  LYS A CB   1 
ATOM 286  C CG   . LYS A 1 19  ? 12.475  13.569  1.992   1.00 0.00 ? 19  LYS A CG   1 
ATOM 287  C CD   . LYS A 1 19  ? 13.954  13.213  1.828   1.00 0.00 ? 19  LYS A CD   1 
ATOM 288  C CE   . LYS A 1 19  ? 14.257  12.965  0.348   1.00 0.00 ? 19  LYS A CE   1 
ATOM 289  N NZ   . LYS A 1 19  ? 15.720  13.113  0.109   1.00 0.00 ? 19  LYS A NZ   1 
ATOM 290  H H    . LYS A 1 19  ? 10.627  13.320  2.400   1.00 0.00 ? 19  LYS A H    1 
ATOM 291  H HA   . LYS A 1 19  ? 10.453  16.014  1.567   1.00 0.00 ? 19  LYS A HA   1 
ATOM 292  H HB2  . LYS A 1 19  ? 12.445  14.580  0.106   1.00 0.00 ? 19  LYS A HB2  1 
ATOM 293  H HB3  . LYS A 1 19  ? 12.660  15.639  1.493   1.00 0.00 ? 19  LYS A HB3  1 
ATOM 294  H HG2  . LYS A 1 19  ? 12.274  13.807  3.026   1.00 0.00 ? 19  LYS A HG2  1 
ATOM 295  H HG3  . LYS A 1 19  ? 11.867  12.729  1.691   1.00 0.00 ? 19  LYS A HG3  1 
ATOM 296  H HD2  . LYS A 1 19  ? 14.563  14.027  2.189   1.00 0.00 ? 19  LYS A HD2  1 
ATOM 297  H HD3  . LYS A 1 19  ? 14.174  12.320  2.394   1.00 0.00 ? 19  LYS A HD3  1 
ATOM 298  H HE2  . LYS A 1 19  ? 13.947  11.967  0.079   1.00 0.00 ? 19  LYS A HE2  1 
ATOM 299  H HE3  . LYS A 1 19  ? 13.720  13.685  -0.253  1.00 0.00 ? 19  LYS A HE3  1 
ATOM 300  H HZ1  . LYS A 1 19  ? 16.245  12.598  0.845   1.00 0.00 ? 19  LYS A HZ1  1 
ATOM 301  H HZ2  . LYS A 1 19  ? 15.959  12.721  -0.825  1.00 0.00 ? 19  LYS A HZ2  1 
ATOM 302  H HZ3  . LYS A 1 19  ? 15.977  14.120  0.139   1.00 0.00 ? 19  LYS A HZ3  1 
ATOM 303  N N    . ALA A 1 20  ? 9.689   13.760  -0.677  1.00 0.00 ? 20  ALA A N    1 
ATOM 304  C CA   . ALA A 1 20  ? 9.114   13.602  -2.041  1.00 0.00 ? 20  ALA A CA   1 
ATOM 305  C C    . ALA A 1 20  ? 7.621   13.936  -2.004  1.00 0.00 ? 20  ALA A C    1 
ATOM 306  O O    . ALA A 1 20  ? 6.998   13.924  -0.960  1.00 0.00 ? 20  ALA A O    1 
ATOM 307  C CB   . ALA A 1 20  ? 9.300   12.158  -2.512  1.00 0.00 ? 20  ALA A CB   1 
ATOM 308  H H    . ALA A 1 20  ? 9.787   12.979  -0.092  1.00 0.00 ? 20  ALA A H    1 
ATOM 309  H HA   . ALA A 1 20  ? 9.615   14.271  -2.724  1.00 0.00 ? 20  ALA A HA   1 
ATOM 310  H HB1  . ALA A 1 20  ? 10.222  11.765  -2.111  1.00 0.00 ? 20  ALA A HB1  1 
ATOM 311  H HB2  . ALA A 1 20  ? 8.472   11.557  -2.168  1.00 0.00 ? 20  ALA A HB2  1 
ATOM 312  H HB3  . ALA A 1 20  ? 9.338   12.134  -3.591  1.00 0.00 ? 20  ALA A HB3  1 
ATOM 313  N N    . ASP A 1 21  ? 7.043   14.238  -3.133  1.00 0.00 ? 21  ASP A N    1 
ATOM 314  C CA   . ASP A 1 21  ? 5.591   14.574  -3.162  1.00 0.00 ? 21  ASP A CA   1 
ATOM 315  C C    . ASP A 1 21  ? 5.255   15.257  -4.488  1.00 0.00 ? 21  ASP A C    1 
ATOM 316  O O    . ASP A 1 21  ? 4.193   15.064  -5.046  1.00 0.00 ? 21  ASP A O    1 
ATOM 317  C CB   . ASP A 1 21  ? 5.264   15.518  -2.003  1.00 0.00 ? 21  ASP A CB   1 
ATOM 318  C CG   . ASP A 1 21  ? 3.767   15.835  -2.007  1.00 0.00 ? 21  ASP A CG   1 
ATOM 319  O OD1  . ASP A 1 21  ? 2.986   14.913  -1.843  1.00 0.00 ? 21  ASP A OD1  1 
ATOM 320  O OD2  . ASP A 1 21  ? 3.429   16.996  -2.176  1.00 0.00 ? 21  ASP A OD2  1 
ATOM 321  H H    . ASP A 1 21  ? 7.563   14.243  -3.964  1.00 0.00 ? 21  ASP A H    1 
ATOM 322  H HA   . ASP A 1 21  ? 5.010   13.669  -3.065  1.00 0.00 ? 21  ASP A HA   1 
ATOM 323  H HB2  . ASP A 1 21  ? 5.529   15.045  -1.068  1.00 0.00 ? 21  ASP A HB2  1 
ATOM 324  H HB3  . ASP A 1 21  ? 5.824   16.434  -2.115  1.00 0.00 ? 21  ASP A HB3  1 
ATOM 325  N N    . ASN A 1 22  ? 6.154   16.053  -5.000  1.00 0.00 ? 22  ASN A N    1 
ATOM 326  C CA   . ASN A 1 22  ? 5.888   16.744  -6.292  1.00 0.00 ? 22  ASN A CA   1 
ATOM 327  C C    . ASN A 1 22  ? 5.317   15.741  -7.297  1.00 0.00 ? 22  ASN A C    1 
ATOM 328  O O    . ASN A 1 22  ? 4.946   14.639  -6.945  1.00 0.00 ? 22  ASN A O    1 
ATOM 329  C CB   . ASN A 1 22  ? 7.193   17.328  -6.835  1.00 0.00 ? 22  ASN A CB   1 
ATOM 330  C CG   . ASN A 1 22  ? 7.687   18.431  -5.897  1.00 0.00 ? 22  ASN A CG   1 
ATOM 331  O OD1  . ASN A 1 22  ? 6.898   19.136  -5.301  1.00 0.00 ? 22  ASN A OD1  1 
ATOM 332  N ND2  . ASN A 1 22  ? 8.970   18.610  -5.740  1.00 0.00 ? 22  ASN A ND2  1 
ATOM 333  H H    . ASN A 1 22  ? 7.006   16.193  -4.535  1.00 0.00 ? 22  ASN A H    1 
ATOM 334  H HA   . ASN A 1 22  ? 5.175   17.540  -6.133  1.00 0.00 ? 22  ASN A HA   1 
ATOM 335  H HB2  . ASN A 1 22  ? 7.938   16.548  -6.899  1.00 0.00 ? 22  ASN A HB2  1 
ATOM 336  H HB3  . ASN A 1 22  ? 7.022   17.744  -7.817  1.00 0.00 ? 22  ASN A HB3  1 
ATOM 337  H HD21 . ASN A 1 22  ? 9.607   18.041  -6.221  1.00 0.00 ? 22  ASN A HD21 1 
ATOM 338  H HD22 . ASN A 1 22  ? 9.297   19.314  -5.142  1.00 0.00 ? 22  ASN A HD22 1 
ATOM 339  N N    . ALA A 1 23  ? 5.239   16.114  -8.545  1.00 0.00 ? 23  ALA A N    1 
ATOM 340  C CA   . ALA A 1 23  ? 4.690   15.180  -9.568  1.00 0.00 ? 23  ALA A CA   1 
ATOM 341  C C    . ALA A 1 23  ? 5.707   14.077  -9.853  1.00 0.00 ? 23  ALA A C    1 
ATOM 342  O O    . ALA A 1 23  ? 5.458   12.912  -9.617  1.00 0.00 ? 23  ALA A O    1 
ATOM 343  C CB   . ALA A 1 23  ? 4.396   15.950  -10.857 1.00 0.00 ? 23  ALA A CB   1 
ATOM 344  H H    . ALA A 1 23  ? 5.541   17.007  -8.810  1.00 0.00 ? 23  ALA A H    1 
ATOM 345  H HA   . ALA A 1 23  ? 3.783   14.738  -9.199  1.00 0.00 ? 23  ALA A HA   1 
ATOM 346  H HB1  . ALA A 1 23  ? 4.393   17.010  -10.650 1.00 0.00 ? 23  ALA A HB1  1 
ATOM 347  H HB2  . ALA A 1 23  ? 5.156   15.729  -11.591 1.00 0.00 ? 23  ALA A HB2  1 
ATOM 348  H HB3  . ALA A 1 23  ? 3.430   15.655  -11.240 1.00 0.00 ? 23  ALA A HB3  1 
ATOM 349  N N    . ALA A 1 24  ? 6.850   14.436  -10.357 1.00 0.00 ? 24  ALA A N    1 
ATOM 350  C CA   . ALA A 1 24  ? 7.887   13.411  -10.660 1.00 0.00 ? 24  ALA A CA   1 
ATOM 351  C C    . ALA A 1 24  ? 8.205   12.624  -9.390  1.00 0.00 ? 24  ALA A C    1 
ATOM 352  O O    . ALA A 1 24  ? 8.125   11.413  -9.365  1.00 0.00 ? 24  ALA A O    1 
ATOM 353  C CB   . ALA A 1 24  ? 9.156   14.097  -11.170 1.00 0.00 ? 24  ALA A CB   1 
ATOM 354  H H    . ALA A 1 24  ? 7.024   15.381  -10.538 1.00 0.00 ? 24  ALA A H    1 
ATOM 355  H HA   . ALA A 1 24  ? 7.513   12.734  -11.412 1.00 0.00 ? 24  ALA A HA   1 
ATOM 356  H HB1  . ALA A 1 24  ? 9.437   14.887  -10.489 1.00 0.00 ? 24  ALA A HB1  1 
ATOM 357  H HB2  . ALA A 1 24  ? 9.957   13.374  -11.232 1.00 0.00 ? 24  ALA A HB2  1 
ATOM 358  H HB3  . ALA A 1 24  ? 8.972   14.514  -12.148 1.00 0.00 ? 24  ALA A HB3  1 
ATOM 359  N N    . GLN A 1 25  ? 8.544   13.299  -8.327  1.00 0.00 ? 25  GLN A N    1 
ATOM 360  C CA   . GLN A 1 25  ? 8.840   12.618  -7.075  1.00 0.00 ? 25  GLN A CA   1 
ATOM 361  C C    . GLN A 1 25  ? 7.687   11.692  -6.733  1.00 0.00 ? 25  GLN A C    1 
ATOM 362  O O    . GLN A 1 25  ? 7.672   10.528  -7.084  1.00 0.00 ? 25  GLN A O    1 
ATOM 363  C CB   . GLN A 1 25  ? 8.943   13.708  -6.033  1.00 0.00 ? 25  GLN A CB   1 
ATOM 364  C CG   . GLN A 1 25  ? 8.565   15.052  -6.662  1.00 0.00 ? 25  GLN A CG   1 
ATOM 365  C CD   . GLN A 1 25  ? 7.522   14.830  -7.759  1.00 0.00 ? 25  GLN A CD   1 
ATOM 366  O OE1  . GLN A 1 25  ? 7.371   15.648  -8.644  1.00 0.00 ? 25  GLN A OE1  1 
ATOM 367  N NE2  . GLN A 1 25  ? 6.792   13.748  -7.739  1.00 0.00 ? 25  GLN A NE2  1 
ATOM 368  H H    . GLN A 1 25  ? 8.592   14.270  -8.336  1.00 0.00 ? 25  GLN A H    1 
ATOM 369  H HA   . GLN A 1 25  ? 9.768   12.074  -7.142  1.00 0.00 ? 25  GLN A HA   1 
ATOM 370  H HB2  . GLN A 1 25  ? 8.275   13.495  -5.227  1.00 0.00 ? 25  GLN A HB2  1 
ATOM 371  H HB3  . GLN A 1 25  ? 9.940   13.760  -5.682  1.00 0.00 ? 25  GLN A HB3  1 
ATOM 372  H HG2  . GLN A 1 25  ? 8.155   15.702  -5.903  1.00 0.00 ? 25  GLN A HG2  1 
ATOM 373  H HG3  . GLN A 1 25  ? 9.445   15.509  -7.091  1.00 0.00 ? 25  GLN A HG3  1 
ATOM 374  H HE21 . GLN A 1 25  ? 6.915   13.088  -7.025  1.00 0.00 ? 25  GLN A HE21 1 
ATOM 375  H HE22 . GLN A 1 25  ? 6.121   13.596  -8.437  1.00 0.00 ? 25  GLN A HE22 1 
ATOM 376  N N    . VAL A 1 26  ? 6.716   12.216  -6.055  1.00 0.00 ? 26  VAL A N    1 
ATOM 377  C CA   . VAL A 1 26  ? 5.536   11.390  -5.685  1.00 0.00 ? 26  VAL A CA   1 
ATOM 378  C C    . VAL A 1 26  ? 5.248   10.396  -6.812  1.00 0.00 ? 26  VAL A C    1 
ATOM 379  O O    . VAL A 1 26  ? 4.756   9.309   -6.582  1.00 0.00 ? 26  VAL A O    1 
ATOM 380  C CB   . VAL A 1 26  ? 4.321   12.294  -5.475  1.00 0.00 ? 26  VAL A CB   1 
ATOM 381  C CG1  . VAL A 1 26  ? 3.173   11.828  -6.373  1.00 0.00 ? 26  VAL A CG1  1 
ATOM 382  C CG2  . VAL A 1 26  ? 3.882   12.223  -4.011  1.00 0.00 ? 26  VAL A CG2  1 
ATOM 383  H H    . VAL A 1 26  ? 6.766   13.163  -5.796  1.00 0.00 ? 26  VAL A H    1 
ATOM 384  H HA   . VAL A 1 26  ? 5.747   10.850  -4.773  1.00 0.00 ? 26  VAL A HA   1 
ATOM 385  H HB   . VAL A 1 26  ? 4.582   13.313  -5.725  1.00 0.00 ? 26  VAL A HB   1 
ATOM 386  H HG11 . VAL A 1 26  ? 3.053   10.759  -6.279  1.00 0.00 ? 26  VAL A HG11 1 
ATOM 387  H HG12 . VAL A 1 26  ? 2.260   12.321  -6.074  1.00 0.00 ? 26  VAL A HG12 1 
ATOM 388  H HG13 . VAL A 1 26  ? 3.396   12.076  -7.401  1.00 0.00 ? 26  VAL A HG13 1 
ATOM 389  H HG21 . VAL A 1 26  ? 4.752   12.120  -3.380  1.00 0.00 ? 26  VAL A HG21 1 
ATOM 390  H HG22 . VAL A 1 26  ? 3.351   13.126  -3.750  1.00 0.00 ? 26  VAL A HG22 1 
ATOM 391  H HG23 . VAL A 1 26  ? 3.234   11.370  -3.872  1.00 0.00 ? 26  VAL A HG23 1 
ATOM 392  N N    . LYS A 1 27  ? 5.554   10.756  -8.033  1.00 0.00 ? 27  LYS A N    1 
ATOM 393  C CA   . LYS A 1 27  ? 5.298   9.821   -9.165  1.00 0.00 ? 27  LYS A CA   1 
ATOM 394  C C    . LYS A 1 27  ? 6.204   8.598   -9.020  1.00 0.00 ? 27  LYS A C    1 
ATOM 395  O O    . LYS A 1 27  ? 5.781   7.474   -9.201  1.00 0.00 ? 27  LYS A O    1 
ATOM 396  C CB   . LYS A 1 27  ? 5.600   10.526  -10.491 1.00 0.00 ? 27  LYS A CB   1 
ATOM 397  C CG   . LYS A 1 27  ? 4.938   9.760   -11.638 1.00 0.00 ? 27  LYS A CG   1 
ATOM 398  C CD   . LYS A 1 27  ? 5.699   8.457   -11.890 1.00 0.00 ? 27  LYS A CD   1 
ATOM 399  C CE   . LYS A 1 27  ? 4.764   7.440   -12.549 1.00 0.00 ? 27  LYS A CE   1 
ATOM 400  N NZ   . LYS A 1 27  ? 5.518   6.660   -13.570 1.00 0.00 ? 27  LYS A NZ   1 
ATOM 401  H H    . LYS A 1 27  ? 5.955   11.636  -8.204  1.00 0.00 ? 27  LYS A H    1 
ATOM 402  H HA   . LYS A 1 27  ? 4.265   9.508   -9.149  1.00 0.00 ? 27  LYS A HA   1 
ATOM 403  H HB2  . LYS A 1 27  ? 5.211   11.534  -10.458 1.00 0.00 ? 27  LYS A HB2  1 
ATOM 404  H HB3  . LYS A 1 27  ? 6.667   10.556  -10.648 1.00 0.00 ? 27  LYS A HB3  1 
ATOM 405  H HG2  . LYS A 1 27  ? 3.914   9.533   -11.377 1.00 0.00 ? 27  LYS A HG2  1 
ATOM 406  H HG3  . LYS A 1 27  ? 4.956   10.366  -12.533 1.00 0.00 ? 27  LYS A HG3  1 
ATOM 407  H HD2  . LYS A 1 27  ? 6.538   8.650   -12.542 1.00 0.00 ? 27  LYS A HD2  1 
ATOM 408  H HD3  . LYS A 1 27  ? 6.057   8.062   -10.951 1.00 0.00 ? 27  LYS A HD3  1 
ATOM 409  H HE2  . LYS A 1 27  ? 4.377   6.767   -11.797 1.00 0.00 ? 27  LYS A HE2  1 
ATOM 410  H HE3  . LYS A 1 27  ? 3.946   7.958   -13.024 1.00 0.00 ? 27  LYS A HE3  1 
ATOM 411  H HZ1  . LYS A 1 27  ? 6.525   6.916   -13.529 1.00 0.00 ? 27  LYS A HZ1  1 
ATOM 412  H HZ2  . LYS A 1 27  ? 5.410   5.643   -13.380 1.00 0.00 ? 27  LYS A HZ2  1 
ATOM 413  H HZ3  . LYS A 1 27  ? 5.144   6.876   -14.516 1.00 0.00 ? 27  LYS A HZ3  1 
ATOM 414  N N    . ASP A 1 28  ? 7.449   8.809   -8.687  1.00 0.00 ? 28  ASP A N    1 
ATOM 415  C CA   . ASP A 1 28  ? 8.381   7.660   -8.522  1.00 0.00 ? 28  ASP A CA   1 
ATOM 416  C C    . ASP A 1 28  ? 8.058   6.933   -7.216  1.00 0.00 ? 28  ASP A C    1 
ATOM 417  O O    . ASP A 1 28  ? 8.086   5.721   -7.144  1.00 0.00 ? 28  ASP A O    1 
ATOM 418  C CB   . ASP A 1 28  ? 9.822   8.171   -8.481  1.00 0.00 ? 28  ASP A CB   1 
ATOM 419  C CG   . ASP A 1 28  ? 10.726  7.222   -9.271  1.00 0.00 ? 28  ASP A CG   1 
ATOM 420  O OD1  . ASP A 1 28  ? 10.705  7.292   -10.489 1.00 0.00 ? 28  ASP A OD1  1 
ATOM 421  O OD2  . ASP A 1 28  ? 11.420  6.439   -8.645  1.00 0.00 ? 28  ASP A OD2  1 
ATOM 422  H H    . ASP A 1 28  ? 7.769   9.724   -8.540  1.00 0.00 ? 28  ASP A H    1 
ATOM 423  H HA   . ASP A 1 28  ? 8.263   6.978   -9.352  1.00 0.00 ? 28  ASP A HA   1 
ATOM 424  H HB2  . ASP A 1 28  ? 9.866   9.159   -8.918  1.00 0.00 ? 28  ASP A HB2  1 
ATOM 425  H HB3  . ASP A 1 28  ? 10.159  8.216   -7.457  1.00 0.00 ? 28  ASP A HB3  1 
ATOM 426  N N    . ALA A 1 29  ? 7.746   7.666   -6.180  1.00 0.00 ? 29  ALA A N    1 
ATOM 427  C CA   . ALA A 1 29  ? 7.418   7.016   -4.881  1.00 0.00 ? 29  ALA A CA   1 
ATOM 428  C C    . ALA A 1 29  ? 6.286   6.009   -5.095  1.00 0.00 ? 29  ALA A C    1 
ATOM 429  O O    . ALA A 1 29  ? 6.403   4.848   -4.756  1.00 0.00 ? 29  ALA A O    1 
ATOM 430  C CB   . ALA A 1 29  ? 6.972   8.080   -3.875  1.00 0.00 ? 29  ALA A CB   1 
ATOM 431  H H    . ALA A 1 29  ? 7.727   8.642   -6.260  1.00 0.00 ? 29  ALA A H    1 
ATOM 432  H HA   . ALA A 1 29  ? 8.290   6.504   -4.502  1.00 0.00 ? 29  ALA A HA   1 
ATOM 433  H HB1  . ALA A 1 29  ? 6.384   8.831   -4.382  1.00 0.00 ? 29  ALA A HB1  1 
ATOM 434  H HB2  . ALA A 1 29  ? 6.376   7.617   -3.103  1.00 0.00 ? 29  ALA A HB2  1 
ATOM 435  H HB3  . ALA A 1 29  ? 7.841   8.543   -3.431  1.00 0.00 ? 29  ALA A HB3  1 
ATOM 436  N N    . LEU A 1 30  ? 5.192   6.443   -5.659  1.00 0.00 ? 30  LEU A N    1 
ATOM 437  C CA   . LEU A 1 30  ? 4.056   5.509   -5.898  1.00 0.00 ? 30  LEU A CA   1 
ATOM 438  C C    . LEU A 1 30  ? 4.576   4.262   -6.616  1.00 0.00 ? 30  LEU A C    1 
ATOM 439  O O    . LEU A 1 30  ? 4.511   3.164   -6.099  1.00 0.00 ? 30  LEU A O    1 
ATOM 440  C CB   . LEU A 1 30  ? 3.002   6.197   -6.768  1.00 0.00 ? 30  LEU A CB   1 
ATOM 441  C CG   . LEU A 1 30  ? 2.115   7.083   -5.890  1.00 0.00 ? 30  LEU A CG   1 
ATOM 442  C CD1  . LEU A 1 30  ? 0.915   6.273   -5.396  1.00 0.00 ? 30  LEU A CD1  1 
ATOM 443  C CD2  . LEU A 1 30  ? 2.922   7.583   -4.691  1.00 0.00 ? 30  LEU A CD2  1 
ATOM 444  H H    . LEU A 1 30  ? 5.118   7.383   -5.928  1.00 0.00 ? 30  LEU A H    1 
ATOM 445  H HA   . LEU A 1 30  ? 3.617   5.225   -4.953  1.00 0.00 ? 30  LEU A HA   1 
ATOM 446  H HB2  . LEU A 1 30  ? 3.492   6.803   -7.515  1.00 0.00 ? 30  LEU A HB2  1 
ATOM 447  H HB3  . LEU A 1 30  ? 2.392   5.449   -7.253  1.00 0.00 ? 30  LEU A HB3  1 
ATOM 448  H HG   . LEU A 1 30  ? 1.767   7.926   -6.468  1.00 0.00 ? 30  LEU A HG   1 
ATOM 449  H HD11 . LEU A 1 30  ? 1.208   5.242   -5.259  1.00 0.00 ? 30  LEU A HD11 1 
ATOM 450  H HD12 . LEU A 1 30  ? 0.570   6.678   -4.457  1.00 0.00 ? 30  LEU A HD12 1 
ATOM 451  H HD13 . LEU A 1 30  ? 0.120   6.327   -6.125  1.00 0.00 ? 30  LEU A HD13 1 
ATOM 452  H HD21 . LEU A 1 30  ? 3.937   7.221   -4.763  1.00 0.00 ? 30  LEU A HD21 1 
ATOM 453  H HD22 . LEU A 1 30  ? 2.926   8.663   -4.685  1.00 0.00 ? 30  LEU A HD22 1 
ATOM 454  H HD23 . LEU A 1 30  ? 2.473   7.220   -3.779  1.00 0.00 ? 30  LEU A HD23 1 
ATOM 455  N N    . THR A 1 31  ? 5.092   4.423   -7.803  1.00 0.00 ? 31  THR A N    1 
ATOM 456  C CA   . THR A 1 31  ? 5.618   3.246   -8.552  1.00 0.00 ? 31  THR A CA   1 
ATOM 457  C C    . THR A 1 31  ? 6.250   2.259   -7.569  1.00 0.00 ? 31  THR A C    1 
ATOM 458  O O    . THR A 1 31  ? 5.965   1.078   -7.590  1.00 0.00 ? 31  THR A O    1 
ATOM 459  C CB   . THR A 1 31  ? 6.671   3.708   -9.557  1.00 0.00 ? 31  THR A CB   1 
ATOM 460  O OG1  . THR A 1 31  ? 6.037   4.048   -10.782 1.00 0.00 ? 31  THR A OG1  1 
ATOM 461  C CG2  . THR A 1 31  ? 7.682   2.586   -9.796  1.00 0.00 ? 31  THR A CG2  1 
ATOM 462  H H    . THR A 1 31  ? 5.137   5.317   -8.201  1.00 0.00 ? 31  THR A H    1 
ATOM 463  H HA   . THR A 1 31  ? 4.812   2.766   -9.077  1.00 0.00 ? 31  THR A HA   1 
ATOM 464  H HB   . THR A 1 31  ? 7.181   4.568   -9.165  1.00 0.00 ? 31  THR A HB   1 
ATOM 465  H HG1  . THR A 1 31  ? 6.635   4.610   -11.280 1.00 0.00 ? 31  THR A HG1  1 
ATOM 466  H HG21 . THR A 1 31  ? 8.110   2.280   -8.854  1.00 0.00 ? 31  THR A HG21 1 
ATOM 467  H HG22 . THR A 1 31  ? 7.184   1.744   -10.254 1.00 0.00 ? 31  THR A HG22 1 
ATOM 468  H HG23 . THR A 1 31  ? 8.464   2.940   -10.450 1.00 0.00 ? 31  THR A HG23 1 
ATOM 469  N N    . LYS A 1 32  ? 7.106   2.733   -6.705  1.00 0.00 ? 32  LYS A N    1 
ATOM 470  C CA   . LYS A 1 32  ? 7.753   1.823   -5.720  1.00 0.00 ? 32  LYS A CA   1 
ATOM 471  C C    . LYS A 1 32  ? 6.673   1.094   -4.919  1.00 0.00 ? 32  LYS A C    1 
ATOM 472  O O    . LYS A 1 32  ? 6.735   -0.104  -4.722  1.00 0.00 ? 32  LYS A O    1 
ATOM 473  C CB   . LYS A 1 32  ? 8.631   2.640   -4.768  1.00 0.00 ? 32  LYS A CB   1 
ATOM 474  C CG   . LYS A 1 32  ? 10.019  2.004   -4.679  1.00 0.00 ? 32  LYS A CG   1 
ATOM 475  C CD   . LYS A 1 32  ? 9.880   0.530   -4.293  1.00 0.00 ? 32  LYS A CD   1 
ATOM 476  C CE   . LYS A 1 32  ? 10.370  -0.349  -5.446  1.00 0.00 ? 32  LYS A CE   1 
ATOM 477  N NZ   . LYS A 1 32  ? 11.854  -0.462  -5.389  1.00 0.00 ? 32  LYS A NZ   1 
ATOM 478  H H    . LYS A 1 32  ? 7.321   3.690   -6.702  1.00 0.00 ? 32  LYS A H    1 
ATOM 479  H HA   . LYS A 1 32  ? 8.363   1.101   -6.242  1.00 0.00 ? 32  LYS A HA   1 
ATOM 480  H HB2  . LYS A 1 32  ? 8.719   3.651   -5.140  1.00 0.00 ? 32  LYS A HB2  1 
ATOM 481  H HB3  . LYS A 1 32  ? 8.180   2.655   -3.786  1.00 0.00 ? 32  LYS A HB3  1 
ATOM 482  H HG2  . LYS A 1 32  ? 10.511  2.080   -5.639  1.00 0.00 ? 32  LYS A HG2  1 
ATOM 483  H HG3  . LYS A 1 32  ? 10.605  2.519   -3.933  1.00 0.00 ? 32  LYS A HG3  1 
ATOM 484  H HD2  . LYS A 1 32  ? 10.474  0.332   -3.412  1.00 0.00 ? 32  LYS A HD2  1 
ATOM 485  H HD3  . LYS A 1 32  ? 8.844   0.308   -4.085  1.00 0.00 ? 32  LYS A HD3  1 
ATOM 486  H HE2  . LYS A 1 32  ? 9.930   -1.332  -5.361  1.00 0.00 ? 32  LYS A HE2  1 
ATOM 487  H HE3  . LYS A 1 32  ? 10.078  0.096   -6.386  1.00 0.00 ? 32  LYS A HE3  1 
ATOM 488  H HZ1  . LYS A 1 32  ? 12.258  0.438   -5.058  1.00 0.00 ? 32  LYS A HZ1  1 
ATOM 489  H HZ2  . LYS A 1 32  ? 12.120  -1.223  -4.733  1.00 0.00 ? 32  LYS A HZ2  1 
ATOM 490  H HZ3  . LYS A 1 32  ? 12.222  -0.677  -6.339  1.00 0.00 ? 32  LYS A HZ3  1 
ATOM 491  N N    . MET A 1 33  ? 5.682   1.805   -4.456  1.00 0.00 ? 33  MET A N    1 
ATOM 492  C CA   . MET A 1 33  ? 4.599   1.152   -3.671  1.00 0.00 ? 33  MET A CA   1 
ATOM 493  C C    . MET A 1 33  ? 3.840   0.173   -4.569  1.00 0.00 ? 33  MET A C    1 
ATOM 494  O O    . MET A 1 33  ? 3.449   -0.897  -4.145  1.00 0.00 ? 33  MET A O    1 
ATOM 495  C CB   . MET A 1 33  ? 3.633   2.218   -3.148  1.00 0.00 ? 33  MET A CB   1 
ATOM 496  C CG   . MET A 1 33  ? 4.077   2.670   -1.757  1.00 0.00 ? 33  MET A CG   1 
ATOM 497  S SD   . MET A 1 33  ? 2.794   3.715   -1.022  1.00 0.00 ? 33  MET A SD   1 
ATOM 498  C CE   . MET A 1 33  ? 3.834   4.504   0.231   1.00 0.00 ? 33  MET A CE   1 
ATOM 499  H H    . MET A 1 33  ? 5.651   2.770   -4.628  1.00 0.00 ? 33  MET A H    1 
ATOM 500  H HA   . MET A 1 33  ? 5.030   0.618   -2.837  1.00 0.00 ? 33  MET A HA   1 
ATOM 501  H HB2  . MET A 1 33  ? 3.635   3.065   -3.821  1.00 0.00 ? 33  MET A HB2  1 
ATOM 502  H HB3  . MET A 1 33  ? 2.637   1.805   -3.090  1.00 0.00 ? 33  MET A HB3  1 
ATOM 503  H HG2  . MET A 1 33  ? 4.239   1.805   -1.131  1.00 0.00 ? 33  MET A HG2  1 
ATOM 504  H HG3  . MET A 1 33  ? 4.996   3.232   -1.837  1.00 0.00 ? 33  MET A HG3  1 
ATOM 505  H HE1  . MET A 1 33  ? 4.742   4.865   -0.230  1.00 0.00 ? 33  MET A HE1  1 
ATOM 506  H HE2  . MET A 1 33  ? 3.301   5.332   0.672   1.00 0.00 ? 33  MET A HE2  1 
ATOM 507  H HE3  . MET A 1 33  ? 4.082   3.785   0.998   1.00 0.00 ? 33  MET A HE3  1 
ATOM 508  N N    . ARG A 1 34  ? 3.632   0.527   -5.807  1.00 0.00 ? 34  ARG A N    1 
ATOM 509  C CA   . ARG A 1 34  ? 2.901   -0.386  -6.730  1.00 0.00 ? 34  ARG A CA   1 
ATOM 510  C C    . ARG A 1 34  ? 3.710   -1.672  -6.918  1.00 0.00 ? 34  ARG A C    1 
ATOM 511  O O    . ARG A 1 34  ? 3.199   -2.764  -6.774  1.00 0.00 ? 34  ARG A O    1 
ATOM 512  C CB   . ARG A 1 34  ? 2.712   0.301   -8.084  1.00 0.00 ? 34  ARG A CB   1 
ATOM 513  C CG   . ARG A 1 34  ? 1.765   -0.532  -8.950  1.00 0.00 ? 34  ARG A CG   1 
ATOM 514  C CD   . ARG A 1 34  ? 2.221   -0.470  -10.410 1.00 0.00 ? 34  ARG A CD   1 
ATOM 515  N NE   . ARG A 1 34  ? 3.639   -0.914  -10.506 1.00 0.00 ? 34  ARG A NE   1 
ATOM 516  C CZ   . ARG A 1 34  ? 4.422   -0.404  -11.417 1.00 0.00 ? 34  ARG A CZ   1 
ATOM 517  N NH1  . ARG A 1 34  ? 3.926   0.361   -12.351 1.00 0.00 ? 34  ARG A NH1  1 
ATOM 518  N NH2  . ARG A 1 34  ? 5.703   -0.658  -11.393 1.00 0.00 ? 34  ARG A NH2  1 
ATOM 519  H H    . ARG A 1 34  ? 3.957   1.393   -6.130  1.00 0.00 ? 34  ARG A H    1 
ATOM 520  H HA   . ARG A 1 34  ? 1.935   -0.627  -6.310  1.00 0.00 ? 34  ARG A HA   1 
ATOM 521  H HB2  . ARG A 1 34  ? 2.291   1.284   -7.933  1.00 0.00 ? 34  ARG A HB2  1 
ATOM 522  H HB3  . ARG A 1 34  ? 3.666   0.388   -8.581  1.00 0.00 ? 34  ARG A HB3  1 
ATOM 523  H HG2  . ARG A 1 34  ? 1.777   -1.559  -8.613  1.00 0.00 ? 34  ARG A HG2  1 
ATOM 524  H HG3  . ARG A 1 34  ? 0.762   -0.138  -8.869  1.00 0.00 ? 34  ARG A HG3  1 
ATOM 525  H HD2  . ARG A 1 34  ? 1.599   -1.119  -11.010 1.00 0.00 ? 34  ARG A HD2  1 
ATOM 526  H HD3  . ARG A 1 34  ? 2.135   0.544   -10.771 1.00 0.00 ? 34  ARG A HD3  1 
ATOM 527  H HE   . ARG A 1 34  ? 3.985   -1.589  -9.885  1.00 0.00 ? 34  ARG A HE   1 
ATOM 528  H HH11 . ARG A 1 34  ? 2.946   0.556   -12.368 1.00 0.00 ? 34  ARG A HH11 1 
ATOM 529  H HH12 . ARG A 1 34  ? 4.527   0.751   -13.048 1.00 0.00 ? 34  ARG A HH12 1 
ATOM 530  H HH21 . ARG A 1 34  ? 6.082   -1.243  -10.677 1.00 0.00 ? 34  ARG A HH21 1 
ATOM 531  H HH22 . ARG A 1 34  ? 6.303   -0.267  -12.090 1.00 0.00 ? 34  ARG A HH22 1 
ATOM 532  N N    . ALA A 1 35  ? 4.970   -1.549  -7.234  1.00 0.00 ? 35  ALA A N    1 
ATOM 533  C CA   . ALA A 1 35  ? 5.810   -2.765  -7.425  1.00 0.00 ? 35  ALA A CA   1 
ATOM 534  C C    . ALA A 1 35  ? 5.963   -3.490  -6.088  1.00 0.00 ? 35  ALA A C    1 
ATOM 535  O O    . ALA A 1 35  ? 5.902   -4.702  -6.016  1.00 0.00 ? 35  ALA A O    1 
ATOM 536  C CB   . ALA A 1 35  ? 7.190   -2.355  -7.946  1.00 0.00 ? 35  ALA A CB   1 
ATOM 537  H H    . ALA A 1 35  ? 5.364   -0.658  -7.343  1.00 0.00 ? 35  ALA A H    1 
ATOM 538  H HA   . ALA A 1 35  ? 5.336   -3.421  -8.140  1.00 0.00 ? 35  ALA A HA   1 
ATOM 539  H HB1  . ALA A 1 35  ? 7.246   -1.278  -8.007  1.00 0.00 ? 35  ALA A HB1  1 
ATOM 540  H HB2  . ALA A 1 35  ? 7.951   -2.717  -7.270  1.00 0.00 ? 35  ALA A HB2  1 
ATOM 541  H HB3  . ALA A 1 35  ? 7.346   -2.780  -8.926  1.00 0.00 ? 35  ALA A HB3  1 
ATOM 542  N N    . ALA A 1 36  ? 6.160   -2.758  -5.026  1.00 0.00 ? 36  ALA A N    1 
ATOM 543  C CA   . ALA A 1 36  ? 6.312   -3.403  -3.692  1.00 0.00 ? 36  ALA A CA   1 
ATOM 544  C C    . ALA A 1 36  ? 4.965   -3.974  -3.247  1.00 0.00 ? 36  ALA A C    1 
ATOM 545  O O    . ALA A 1 36  ? 4.861   -5.124  -2.867  1.00 0.00 ? 36  ALA A O    1 
ATOM 546  C CB   . ALA A 1 36  ? 6.787   -2.365  -2.674  1.00 0.00 ? 36  ALA A CB   1 
ATOM 547  H H    . ALA A 1 36  ? 6.203   -1.782  -5.105  1.00 0.00 ? 36  ALA A H    1 
ATOM 548  H HA   . ALA A 1 36  ? 7.038   -4.200  -3.758  1.00 0.00 ? 36  ALA A HA   1 
ATOM 549  H HB1  . ALA A 1 36  ? 6.457   -1.383  -2.981  1.00 0.00 ? 36  ALA A HB1  1 
ATOM 550  H HB2  . ALA A 1 36  ? 6.372   -2.597  -1.704  1.00 0.00 ? 36  ALA A HB2  1 
ATOM 551  H HB3  . ALA A 1 36  ? 7.865   -2.381  -2.617  1.00 0.00 ? 36  ALA A HB3  1 
ATOM 552  N N    . ALA A 1 37  ? 3.930   -3.181  -3.293  1.00 0.00 ? 37  ALA A N    1 
ATOM 553  C CA   . ALA A 1 37  ? 2.590   -3.679  -2.874  1.00 0.00 ? 37  ALA A CA   1 
ATOM 554  C C    . ALA A 1 37  ? 2.246   -4.941  -3.667  1.00 0.00 ? 37  ALA A C    1 
ATOM 555  O O    . ALA A 1 37  ? 1.774   -5.919  -3.122  1.00 0.00 ? 37  ALA A O    1 
ATOM 556  C CB   . ALA A 1 37  ? 1.537   -2.602  -3.146  1.00 0.00 ? 37  ALA A CB   1 
ATOM 557  H H    . ALA A 1 37  ? 4.034   -2.257  -3.604  1.00 0.00 ? 37  ALA A H    1 
ATOM 558  H HA   . ALA A 1 37  ? 2.604   -3.910  -1.819  1.00 0.00 ? 37  ALA A HA   1 
ATOM 559  H HB1  . ALA A 1 37  ? 1.851   -1.670  -2.699  1.00 0.00 ? 37  ALA A HB1  1 
ATOM 560  H HB2  . ALA A 1 37  ? 1.424   -2.469  -4.212  1.00 0.00 ? 37  ALA A HB2  1 
ATOM 561  H HB3  . ALA A 1 37  ? 0.592   -2.906  -2.720  1.00 0.00 ? 37  ALA A HB3  1 
ATOM 562  N N    . LEU A 1 38  ? 2.479   -4.929  -4.951  1.00 0.00 ? 38  LEU A N    1 
ATOM 563  C CA   . LEU A 1 38  ? 2.167   -6.130  -5.776  1.00 0.00 ? 38  LEU A CA   1 
ATOM 564  C C    . LEU A 1 38  ? 2.920   -7.338  -5.218  1.00 0.00 ? 38  LEU A C    1 
ATOM 565  O O    . LEU A 1 38  ? 2.461   -8.460  -5.299  1.00 0.00 ? 38  LEU A O    1 
ATOM 566  C CB   . LEU A 1 38  ? 2.596   -5.883  -7.223  1.00 0.00 ? 38  LEU A CB   1 
ATOM 567  C CG   . LEU A 1 38  ? 1.425   -5.286  -8.007  1.00 0.00 ? 38  LEU A CG   1 
ATOM 568  C CD1  . LEU A 1 38  ? 0.832   -4.113  -7.224  1.00 0.00 ? 38  LEU A CD1  1 
ATOM 569  C CD2  . LEU A 1 38  ? 1.920   -4.792  -9.368  1.00 0.00 ? 38  LEU A CD2  1 
ATOM 570  H H    . LEU A 1 38  ? 2.861   -4.131  -5.372  1.00 0.00 ? 38  LEU A H    1 
ATOM 571  H HA   . LEU A 1 38  ? 1.104   -6.322  -5.743  1.00 0.00 ? 38  LEU A HA   1 
ATOM 572  H HB2  . LEU A 1 38  ? 3.429   -5.194  -7.238  1.00 0.00 ? 38  LEU A HB2  1 
ATOM 573  H HB3  . LEU A 1 38  ? 2.892   -6.816  -7.676  1.00 0.00 ? 38  LEU A HB3  1 
ATOM 574  H HG   . LEU A 1 38  ? 0.667   -6.042  -8.153  1.00 0.00 ? 38  LEU A HG   1 
ATOM 575  H HD11 . LEU A 1 38  ? 1.534   -3.796  -6.465  1.00 0.00 ? 38  LEU A HD11 1 
ATOM 576  H HD12 . LEU A 1 38  ? 0.635   -3.293  -7.897  1.00 0.00 ? 38  LEU A HD12 1 
ATOM 577  H HD13 . LEU A 1 38  ? -0.090  -4.423  -6.753  1.00 0.00 ? 38  LEU A HD13 1 
ATOM 578  H HD21 . LEU A 1 38  ? 2.766   -5.385  -9.682  1.00 0.00 ? 38  LEU A HD21 1 
ATOM 579  H HD22 . LEU A 1 38  ? 1.126   -4.884  -10.095 1.00 0.00 ? 38  LEU A HD22 1 
ATOM 580  H HD23 . LEU A 1 38  ? 2.216   -3.756  -9.288  1.00 0.00 ? 38  LEU A HD23 1 
ATOM 581  N N    . ASP A 1 39  ? 4.074   -7.119  -4.649  1.00 0.00 ? 39  ASP A N    1 
ATOM 582  C CA   . ASP A 1 39  ? 4.854   -8.255  -4.083  1.00 0.00 ? 39  ASP A CA   1 
ATOM 583  C C    . ASP A 1 39  ? 4.159   -8.765  -2.821  1.00 0.00 ? 39  ASP A C    1 
ATOM 584  O O    . ASP A 1 39  ? 3.951   -9.950  -2.650  1.00 0.00 ? 39  ASP A O    1 
ATOM 585  C CB   . ASP A 1 39  ? 6.266   -7.781  -3.732  1.00 0.00 ? 39  ASP A CB   1 
ATOM 586  C CG   . ASP A 1 39  ? 7.269   -8.894  -4.044  1.00 0.00 ? 39  ASP A CG   1 
ATOM 587  O OD1  . ASP A 1 39  ? 7.372   -9.265  -5.201  1.00 0.00 ? 39  ASP A OD1  1 
ATOM 588  O OD2  . ASP A 1 39  ? 7.916   -9.356  -3.119  1.00 0.00 ? 39  ASP A OD2  1 
ATOM 589  H H    . ASP A 1 39  ? 4.426   -6.205  -4.591  1.00 0.00 ? 39  ASP A H    1 
ATOM 590  H HA   . ASP A 1 39  ? 4.910   -9.051  -4.811  1.00 0.00 ? 39  ASP A HA   1 
ATOM 591  H HB2  . ASP A 1 39  ? 6.507   -6.904  -4.317  1.00 0.00 ? 39  ASP A HB2  1 
ATOM 592  H HB3  . ASP A 1 39  ? 6.314   -7.540  -2.682  1.00 0.00 ? 39  ASP A HB3  1 
ATOM 593  N N    . ALA A 1 40  ? 3.792   -7.880  -1.935  1.00 0.00 ? 40  ALA A N    1 
ATOM 594  C CA   . ALA A 1 40  ? 3.108   -8.315  -0.685  1.00 0.00 ? 40  ALA A CA   1 
ATOM 595  C C    . ALA A 1 40  ? 1.858   -9.118  -1.047  1.00 0.00 ? 40  ALA A C    1 
ATOM 596  O O    . ALA A 1 40  ? 1.624   -10.190 -0.527  1.00 0.00 ? 40  ALA A O    1 
ATOM 597  C CB   . ALA A 1 40  ? 2.706   -7.085  0.132   1.00 0.00 ? 40  ALA A CB   1 
ATOM 598  H H    . ALA A 1 40  ? 3.967   -6.929  -2.092  1.00 0.00 ? 40  ALA A H    1 
ATOM 599  H HA   . ALA A 1 40  ? 3.777   -8.931  -0.103  1.00 0.00 ? 40  ALA A HA   1 
ATOM 600  H HB1  . ALA A 1 40  ? 2.855   -6.194  -0.461  1.00 0.00 ? 40  ALA A HB1  1 
ATOM 601  H HB2  . ALA A 1 40  ? 1.665   -7.161  0.410   1.00 0.00 ? 40  ALA A HB2  1 
ATOM 602  H HB3  . ALA A 1 40  ? 3.315   -7.030  1.023   1.00 0.00 ? 40  ALA A HB3  1 
ATOM 603  N N    . GLN A 1 41  ? 1.053   -8.608  -1.939  1.00 0.00 ? 41  GLN A N    1 
ATOM 604  C CA   . GLN A 1 41  ? -0.181  -9.344  -2.336  1.00 0.00 ? 41  GLN A CA   1 
ATOM 605  C C    . GLN A 1 41  ? 0.209   -10.597 -3.121  1.00 0.00 ? 41  GLN A C    1 
ATOM 606  O O    . GLN A 1 41  ? -0.178  -11.698 -2.784  1.00 0.00 ? 41  GLN A O    1 
ATOM 607  C CB   . GLN A 1 41  ? -1.053  -8.443  -3.214  1.00 0.00 ? 41  GLN A CB   1 
ATOM 608  C CG   . GLN A 1 41  ? -2.505  -8.920  -3.149  1.00 0.00 ? 41  GLN A CG   1 
ATOM 609  C CD   . GLN A 1 41  ? -2.909  -9.508  -4.502  1.00 0.00 ? 41  GLN A CD   1 
ATOM 610  O OE1  . GLN A 1 41  ? -2.157  -9.447  -5.454  1.00 0.00 ? 41  GLN A OE1  1 
ATOM 611  N NE2  . GLN A 1 41  ? -4.075  -10.081 -4.629  1.00 0.00 ? 41  GLN A NE2  1 
ATOM 612  H H    . GLN A 1 41  ? 1.260   -7.742  -2.349  1.00 0.00 ? 41  GLN A H    1 
ATOM 613  H HA   . GLN A 1 41  ? -0.731  -9.630  -1.451  1.00 0.00 ? 41  GLN A HA   1 
ATOM 614  H HB2  . GLN A 1 41  ? -0.992  -7.424  -2.859  1.00 0.00 ? 41  GLN A HB2  1 
ATOM 615  H HB3  . GLN A 1 41  ? -0.704  -8.490  -4.235  1.00 0.00 ? 41  GLN A HB3  1 
ATOM 616  H HG2  . GLN A 1 41  ? -2.602  -9.676  -2.384  1.00 0.00 ? 41  GLN A HG2  1 
ATOM 617  H HG3  . GLN A 1 41  ? -3.148  -8.085  -2.914  1.00 0.00 ? 41  GLN A HG3  1 
ATOM 618  H HE21 . GLN A 1 41  ? -4.682  -10.132 -3.862  1.00 0.00 ? 41  GLN A HE21 1 
ATOM 619  H HE22 . GLN A 1 41  ? -4.343  -10.462 -5.491  1.00 0.00 ? 41  GLN A HE22 1 
ATOM 620  N N    . LYS A 1 42  ? 0.974   -10.439 -4.167  1.00 0.00 ? 42  LYS A N    1 
ATOM 621  C CA   . LYS A 1 42  ? 1.389   -11.622 -4.972  1.00 0.00 ? 42  LYS A CA   1 
ATOM 622  C C    . LYS A 1 42  ? 2.281   -12.527 -4.121  1.00 0.00 ? 42  LYS A C    1 
ATOM 623  O O    . LYS A 1 42  ? 2.355   -13.721 -4.336  1.00 0.00 ? 42  LYS A O    1 
ATOM 624  C CB   . LYS A 1 42  ? 2.165   -11.153 -6.205  1.00 0.00 ? 42  LYS A CB   1 
ATOM 625  C CG   . LYS A 1 42  ? 2.361   -12.331 -7.162  1.00 0.00 ? 42  LYS A CG   1 
ATOM 626  C CD   . LYS A 1 42  ? 3.307   -11.919 -8.292  1.00 0.00 ? 42  LYS A CD   1 
ATOM 627  C CE   . LYS A 1 42  ? 4.460   -12.921 -8.382  1.00 0.00 ? 42  LYS A CE   1 
ATOM 628  N NZ   . LYS A 1 42  ? 5.732   -12.191 -8.648  1.00 0.00 ? 42  LYS A NZ   1 
ATOM 629  H H    . LYS A 1 42  ? 1.276   -9.542  -4.422  1.00 0.00 ? 42  LYS A H    1 
ATOM 630  H HA   . LYS A 1 42  ? 0.513   -12.170 -5.286  1.00 0.00 ? 42  LYS A HA   1 
ATOM 631  H HB2  . LYS A 1 42  ? 1.611   -10.372 -6.704  1.00 0.00 ? 42  LYS A HB2  1 
ATOM 632  H HB3  . LYS A 1 42  ? 3.129   -10.775 -5.900  1.00 0.00 ? 42  LYS A HB3  1 
ATOM 633  H HG2  . LYS A 1 42  ? 2.787   -13.165 -6.623  1.00 0.00 ? 42  LYS A HG2  1 
ATOM 634  H HG3  . LYS A 1 42  ? 1.408   -12.620 -7.578  1.00 0.00 ? 42  LYS A HG3  1 
ATOM 635  H HD2  . LYS A 1 42  ? 2.766   -11.907 -9.227  1.00 0.00 ? 42  LYS A HD2  1 
ATOM 636  H HD3  . LYS A 1 42  ? 3.701   -10.934 -8.091  1.00 0.00 ? 42  LYS A HD3  1 
ATOM 637  H HE2  . LYS A 1 42  ? 4.541   -13.460 -7.451  1.00 0.00 ? 42  LYS A HE2  1 
ATOM 638  H HE3  . LYS A 1 42  ? 4.270   -13.617 -9.186  1.00 0.00 ? 42  LYS A HE3  1 
ATOM 639  H HZ1  . LYS A 1 42  ? 5.576   -11.170 -8.532  1.00 0.00 ? 42  LYS A HZ1  1 
ATOM 640  H HZ2  . LYS A 1 42  ? 6.460   -12.509 -7.977  1.00 0.00 ? 42  LYS A HZ2  1 
ATOM 641  H HZ3  . LYS A 1 42  ? 6.047   -12.386 -9.620  1.00 0.00 ? 42  LYS A HZ3  1 
ATOM 642  N N    . ALA A 1 43  ? 2.960   -11.969 -3.157  1.00 0.00 ? 43  ALA A N    1 
ATOM 643  C CA   . ALA A 1 43  ? 3.845   -12.798 -2.293  1.00 0.00 ? 43  ALA A CA   1 
ATOM 644  C C    . ALA A 1 43  ? 2.989   -13.622 -1.330  1.00 0.00 ? 43  ALA A C    1 
ATOM 645  O O    . ALA A 1 43  ? 1.921   -13.208 -0.924  1.00 0.00 ? 43  ALA A O    1 
ATOM 646  C CB   . ALA A 1 43  ? 4.779   -11.885 -1.494  1.00 0.00 ? 43  ALA A CB   1 
ATOM 647  H H    . ALA A 1 43  ? 2.885   -11.004 -3.001  1.00 0.00 ? 43  ALA A H    1 
ATOM 648  H HA   . ALA A 1 43  ? 4.432   -13.462 -2.911  1.00 0.00 ? 43  ALA A HA   1 
ATOM 649  H HB1  . ALA A 1 43  ? 4.210   -11.071 -1.071  1.00 0.00 ? 43  ALA A HB1  1 
ATOM 650  H HB2  . ALA A 1 43  ? 5.241   -12.452 -0.699  1.00 0.00 ? 43  ALA A HB2  1 
ATOM 651  H HB3  . ALA A 1 43  ? 5.542   -11.492 -2.146  1.00 0.00 ? 43  ALA A HB3  1 
ATOM 652  N N    . THR A 1 44  ? 3.447   -14.786 -0.961  1.00 0.00 ? 44  THR A N    1 
ATOM 653  C CA   . THR A 1 44  ? 2.657   -15.635 -0.025  1.00 0.00 ? 44  THR A CA   1 
ATOM 654  C C    . THR A 1 44  ? 2.829   -15.116 1.402   1.00 0.00 ? 44  THR A C    1 
ATOM 655  O O    . THR A 1 44  ? 3.725   -15.530 2.110   1.00 0.00 ? 44  THR A O    1 
ATOM 656  C CB   . THR A 1 44  ? 3.155   -17.081 -0.105  1.00 0.00 ? 44  THR A CB   1 
ATOM 657  O OG1  . THR A 1 44  ? 3.176   -17.498 -1.463  1.00 0.00 ? 44  THR A OG1  1 
ATOM 658  C CG2  . THR A 1 44  ? 2.220   -17.988 0.696   1.00 0.00 ? 44  THR A CG2  1 
ATOM 659  H H    . THR A 1 44  ? 4.311   -15.103 -1.300  1.00 0.00 ? 44  THR A H    1 
ATOM 660  H HA   . THR A 1 44  ? 1.613   -15.599 -0.299  1.00 0.00 ? 44  THR A HA   1 
ATOM 661  H HB   . THR A 1 44  ? 4.150   -17.143 0.308   1.00 0.00 ? 44  THR A HB   1 
ATOM 662  H HG1  . THR A 1 44  ? 3.842   -16.981 -1.920  1.00 0.00 ? 44  THR A HG1  1 
ATOM 663  H HG21 . THR A 1 44  ? 1.392   -17.408 1.076   1.00 0.00 ? 44  THR A HG21 1 
ATOM 664  H HG22 . THR A 1 44  ? 1.844   -18.773 0.056   1.00 0.00 ? 44  THR A HG22 1 
ATOM 665  H HG23 . THR A 1 44  ? 2.762   -18.426 1.521   1.00 0.00 ? 44  THR A HG23 1 
ATOM 666  N N    . PRO A 1 45  ? 1.957   -14.220 1.778   1.00 0.00 ? 45  PRO A N    1 
ATOM 667  C CA   . PRO A 1 45  ? 1.976   -13.614 3.120   1.00 0.00 ? 45  PRO A CA   1 
ATOM 668  C C    . PRO A 1 45  ? 1.788   -14.693 4.188   1.00 0.00 ? 45  PRO A C    1 
ATOM 669  O O    . PRO A 1 45  ? 0.768   -14.746 4.846   1.00 0.00 ? 45  PRO A O    1 
ATOM 670  C CB   . PRO A 1 45  ? 0.793   -12.634 3.124   1.00 0.00 ? 45  PRO A CB   1 
ATOM 671  C CG   . PRO A 1 45  ? 0.112   -12.714 1.733   1.00 0.00 ? 45  PRO A CG   1 
ATOM 672  C CD   . PRO A 1 45  ? 0.883   -13.743 0.892   1.00 0.00 ? 45  PRO A CD   1 
ATOM 673  H HA   . PRO A 1 45  ? 2.898   -13.077 3.280   1.00 0.00 ? 45  PRO A HA   1 
ATOM 674  H HB2  . PRO A 1 45  ? 0.091   -12.912 3.897   1.00 0.00 ? 45  PRO A HB2  1 
ATOM 675  H HB3  . PRO A 1 45  ? 1.149   -11.629 3.293   1.00 0.00 ? 45  PRO A HB3  1 
ATOM 676  H HG2  . PRO A 1 45  ? -0.917  -13.028 1.848   1.00 0.00 ? 45  PRO A HG2  1 
ATOM 677  H HG3  . PRO A 1 45  ? 0.149   -11.749 1.250   1.00 0.00 ? 45  PRO A HG3  1 
ATOM 678  H HD2  . PRO A 1 45  ? 0.234   -14.559 0.610   1.00 0.00 ? 45  PRO A HD2  1 
ATOM 679  H HD3  . PRO A 1 45  ? 1.305   -13.274 0.016   1.00 0.00 ? 45  PRO A HD3  1 
ATOM 680  N N    . PRO A 1 46  ? 2.787   -15.522 4.323   1.00 0.00 ? 46  PRO A N    1 
ATOM 681  C CA   . PRO A 1 46  ? 2.773   -16.622 5.303   1.00 0.00 ? 46  PRO A CA   1 
ATOM 682  C C    . PRO A 1 46  ? 2.644   -16.065 6.722   1.00 0.00 ? 46  PRO A C    1 
ATOM 683  O O    . PRO A 1 46  ? 2.159   -16.729 7.616   1.00 0.00 ? 46  PRO A O    1 
ATOM 684  C CB   . PRO A 1 46  ? 4.126   -17.326 5.119   1.00 0.00 ? 46  PRO A CB   1 
ATOM 685  C CG   . PRO A 1 46  ? 4.898   -16.579 4.000   1.00 0.00 ? 46  PRO A CG   1 
ATOM 686  C CD   . PRO A 1 46  ? 4.008   -15.426 3.508   1.00 0.00 ? 46  PRO A CD   1 
ATOM 687  H HA   . PRO A 1 46  ? 1.970   -17.307 5.090   1.00 0.00 ? 46  PRO A HA   1 
ATOM 688  H HB2  . PRO A 1 46  ? 4.686   -17.290 6.044   1.00 0.00 ? 46  PRO A HB2  1 
ATOM 689  H HB3  . PRO A 1 46  ? 3.968   -18.352 4.824   1.00 0.00 ? 46  PRO A HB3  1 
ATOM 690  H HG2  . PRO A 1 46  ? 5.824   -16.186 4.396   1.00 0.00 ? 46  PRO A HG2  1 
ATOM 691  H HG3  . PRO A 1 46  ? 5.103   -17.252 3.183   1.00 0.00 ? 46  PRO A HG3  1 
ATOM 692  H HD2  . PRO A 1 46  ? 4.499   -14.476 3.671   1.00 0.00 ? 46  PRO A HD2  1 
ATOM 693  H HD3  . PRO A 1 46  ? 3.769   -15.554 2.463   1.00 0.00 ? 46  PRO A HD3  1 
ATOM 694  N N    . LYS A 1 47  ? 3.070   -14.851 6.937   1.00 0.00 ? 47  LYS A N    1 
ATOM 695  C CA   . LYS A 1 47  ? 2.965   -14.259 8.300   1.00 0.00 ? 47  LYS A CA   1 
ATOM 696  C C    . LYS A 1 47  ? 1.701   -14.788 8.981   1.00 0.00 ? 47  LYS A C    1 
ATOM 697  O O    . LYS A 1 47  ? 1.748   -15.323 10.071  1.00 0.00 ? 47  LYS A O    1 
ATOM 698  C CB   . LYS A 1 47  ? 2.888   -12.735 8.193   1.00 0.00 ? 47  LYS A CB   1 
ATOM 699  C CG   . LYS A 1 47  ? 4.010   -12.107 9.020   1.00 0.00 ? 47  LYS A CG   1 
ATOM 700  C CD   . LYS A 1 47  ? 5.065   -11.513 8.083   1.00 0.00 ? 47  LYS A CD   1 
ATOM 701  C CE   . LYS A 1 47  ? 6.457   -11.731 8.680   1.00 0.00 ? 47  LYS A CE   1 
ATOM 702  N NZ   . LYS A 1 47  ? 7.113   -10.411 8.904   1.00 0.00 ? 47  LYS A NZ   1 
ATOM 703  H H    . LYS A 1 47  ? 3.458   -14.329 6.205   1.00 0.00 ? 47  LYS A H    1 
ATOM 704  H HA   . LYS A 1 47  ? 3.831   -14.538 8.882   1.00 0.00 ? 47  LYS A HA   1 
ATOM 705  H HB2  . LYS A 1 47  ? 2.994   -12.442 7.158   1.00 0.00 ? 47  LYS A HB2  1 
ATOM 706  H HB3  . LYS A 1 47  ? 1.934   -12.395 8.567   1.00 0.00 ? 47  LYS A HB3  1 
ATOM 707  H HG2  . LYS A 1 47  ? 3.604   -11.327 9.645   1.00 0.00 ? 47  LYS A HG2  1 
ATOM 708  H HG3  . LYS A 1 47  ? 4.467   -12.865 9.641   1.00 0.00 ? 47  LYS A HG3  1 
ATOM 709  H HD2  . LYS A 1 47  ? 5.006   -12.000 7.121   1.00 0.00 ? 47  LYS A HD2  1 
ATOM 710  H HD3  . LYS A 1 47  ? 4.885   -10.456 7.963   1.00 0.00 ? 47  LYS A HD3  1 
ATOM 711  H HE2  . LYS A 1 47  ? 6.369   -12.253 9.620   1.00 0.00 ? 47  LYS A HE2  1 
ATOM 712  H HE3  . LYS A 1 47  ? 7.053   -12.317 7.997   1.00 0.00 ? 47  LYS A HE3  1 
ATOM 713  H HZ1  . LYS A 1 47  ? 6.384   -9.679  9.029   1.00 0.00 ? 47  LYS A HZ1  1 
ATOM 714  H HZ2  . LYS A 1 47  ? 7.706   -10.460 9.756   1.00 0.00 ? 47  LYS A HZ2  1 
ATOM 715  H HZ3  . LYS A 1 47  ? 7.705   -10.175 8.082   1.00 0.00 ? 47  LYS A HZ3  1 
ATOM 716  N N    . LEU A 1 48  ? 0.571   -14.646 8.344   1.00 0.00 ? 48  LEU A N    1 
ATOM 717  C CA   . LEU A 1 48  ? -0.694  -15.145 8.952   1.00 0.00 ? 48  LEU A CA   1 
ATOM 718  C C    . LEU A 1 48  ? -0.803  -16.654 8.725   1.00 0.00 ? 48  LEU A C    1 
ATOM 719  O O    . LEU A 1 48  ? -1.755  -17.287 9.136   1.00 0.00 ? 48  LEU A O    1 
ATOM 720  C CB   . LEU A 1 48  ? -1.887  -14.441 8.300   1.00 0.00 ? 48  LEU A CB   1 
ATOM 721  C CG   . LEU A 1 48  ? -2.411  -15.292 7.141   1.00 0.00 ? 48  LEU A CG   1 
ATOM 722  C CD1  . LEU A 1 48  ? -3.465  -16.270 7.663   1.00 0.00 ? 48  LEU A CD1  1 
ATOM 723  C CD2  . LEU A 1 48  ? -3.039  -14.382 6.084   1.00 0.00 ? 48  LEU A CD2  1 
ATOM 724  H H    . LEU A 1 48  ? 0.556   -14.216 7.463   1.00 0.00 ? 48  LEU A H    1 
ATOM 725  H HA   . LEU A 1 48  ? -0.690  -14.940 10.012  1.00 0.00 ? 48  LEU A HA   1 
ATOM 726  H HB2  . LEU A 1 48  ? -2.670  -14.309 9.033   1.00 0.00 ? 48  LEU A HB2  1 
ATOM 727  H HB3  . LEU A 1 48  ? -1.576  -13.479 7.925   1.00 0.00 ? 48  LEU A HB3  1 
ATOM 728  H HG   . LEU A 1 48  ? -1.593  -15.844 6.701   1.00 0.00 ? 48  LEU A HG   1 
ATOM 729  H HD11 . LEU A 1 48  ? -4.076  -15.779 8.405   1.00 0.00 ? 48  LEU A HD11 1 
ATOM 730  H HD12 . LEU A 1 48  ? -4.087  -16.600 6.844   1.00 0.00 ? 48  LEU A HD12 1 
ATOM 731  H HD13 . LEU A 1 48  ? -2.975  -17.124 8.109   1.00 0.00 ? 48  LEU A HD13 1 
ATOM 732  H HD21 . LEU A 1 48  ? -3.204  -13.401 6.505   1.00 0.00 ? 48  LEU A HD21 1 
ATOM 733  H HD22 . LEU A 1 48  ? -2.376  -14.302 5.237   1.00 0.00 ? 48  LEU A HD22 1 
ATOM 734  H HD23 . LEU A 1 48  ? -3.983  -14.798 5.764   1.00 0.00 ? 48  LEU A HD23 1 
ATOM 735  N N    . GLU A 1 49  ? 0.165   -17.233 8.069   1.00 0.00 ? 49  GLU A N    1 
ATOM 736  C CA   . GLU A 1 49  ? 0.119   -18.700 7.812   1.00 0.00 ? 49  GLU A CA   1 
ATOM 737  C C    . GLU A 1 49  ? -0.725  -18.969 6.562   1.00 0.00 ? 49  GLU A C    1 
ATOM 738  O O    . GLU A 1 49  ? -1.938  -18.909 6.600   1.00 0.00 ? 49  GLU A O    1 
ATOM 739  C CB   . GLU A 1 49  ? -0.512  -19.408 9.013   1.00 0.00 ? 49  GLU A CB   1 
ATOM 740  C CG   . GLU A 1 49  ? 0.530   -19.557 10.122  1.00 0.00 ? 49  GLU A CG   1 
ATOM 741  C CD   . GLU A 1 49  ? 0.014   -20.538 11.179  1.00 0.00 ? 49  GLU A CD   1 
ATOM 742  O OE1  . GLU A 1 49  ? -0.126  -21.706 10.856  1.00 0.00 ? 49  GLU A OE1  1 
ATOM 743  O OE2  . GLU A 1 49  ? -0.234  -20.102 12.292  1.00 0.00 ? 49  GLU A OE2  1 
ATOM 744  H H    . GLU A 1 49  ? 0.924   -16.703 7.745   1.00 0.00 ? 49  GLU A H    1 
ATOM 745  H HA   . GLU A 1 49  ? 1.122   -19.071 7.663   1.00 0.00 ? 49  GLU A HA   1 
ATOM 746  H HB2  . GLU A 1 49  ? -1.345  -18.825 9.377   1.00 0.00 ? 49  GLU A HB2  1 
ATOM 747  H HB3  . GLU A 1 49  ? -0.859  -20.385 8.713   1.00 0.00 ? 49  GLU A HB3  1 
ATOM 748  H HG2  . GLU A 1 49  ? 1.451   -19.934 9.703   1.00 0.00 ? 49  GLU A HG2  1 
ATOM 749  H HG3  . GLU A 1 49  ? 0.710   -18.596 10.581  1.00 0.00 ? 49  GLU A HG3  1 
ATOM 750  N N    . ASP A 1 50  ? -0.101  -19.267 5.452   1.00 0.00 ? 50  ASP A N    1 
ATOM 751  C CA   . ASP A 1 50  ? -0.881  -19.537 4.212   1.00 0.00 ? 50  ASP A CA   1 
ATOM 752  C C    . ASP A 1 50  ? -1.550  -20.907 4.329   1.00 0.00 ? 50  ASP A C    1 
ATOM 753  O O    . ASP A 1 50  ? -2.700  -21.080 3.980   1.00 0.00 ? 50  ASP A O    1 
ATOM 754  C CB   . ASP A 1 50  ? 0.057   -19.526 3.003   1.00 0.00 ? 50  ASP A CB   1 
ATOM 755  C CG   . ASP A 1 50  ? 0.969   -18.301 3.076   1.00 0.00 ? 50  ASP A CG   1 
ATOM 756  O OD1  . ASP A 1 50  ? 0.474   -17.205 2.868   1.00 0.00 ? 50  ASP A OD1  1 
ATOM 757  O OD2  . ASP A 1 50  ? 2.147   -18.478 3.339   1.00 0.00 ? 50  ASP A OD2  1 
ATOM 758  H H    . ASP A 1 50  ? 0.877   -19.313 5.432   1.00 0.00 ? 50  ASP A H    1 
ATOM 759  H HA   . ASP A 1 50  ? -1.638  -18.776 4.088   1.00 0.00 ? 50  ASP A HA   1 
ATOM 760  H HB2  . ASP A 1 50  ? 0.658   -20.424 3.006   1.00 0.00 ? 50  ASP A HB2  1 
ATOM 761  H HB3  . ASP A 1 50  ? -0.526  -19.486 2.095   1.00 0.00 ? 50  ASP A HB3  1 
ATOM 762  N N    . LYS A 1 51  ? -0.837  -21.880 4.822   1.00 0.00 ? 51  LYS A N    1 
ATOM 763  C CA   . LYS A 1 51  ? -1.426  -23.239 4.969   1.00 0.00 ? 51  LYS A CA   1 
ATOM 764  C C    . LYS A 1 51  ? -2.911  -23.111 5.319   1.00 0.00 ? 51  LYS A C    1 
ATOM 765  O O    . LYS A 1 51  ? -3.397  -23.733 6.242   1.00 0.00 ? 51  LYS A O    1 
ATOM 766  C CB   . LYS A 1 51  ? -0.698  -23.985 6.087   1.00 0.00 ? 51  LYS A CB   1 
ATOM 767  C CG   . LYS A 1 51  ? -1.123  -25.454 6.087   1.00 0.00 ? 51  LYS A CG   1 
ATOM 768  C CD   . LYS A 1 51  ? -0.511  -26.163 4.877   1.00 0.00 ? 51  LYS A CD   1 
ATOM 769  C CE   . LYS A 1 51  ? 0.687   -27.000 5.328   1.00 0.00 ? 51  LYS A CE   1 
ATOM 770  N NZ   . LYS A 1 51  ? 1.937   -26.204 5.168   1.00 0.00 ? 51  LYS A NZ   1 
ATOM 771  H H    . LYS A 1 51  ? 0.089   -21.716 5.101   1.00 0.00 ? 51  LYS A H    1 
ATOM 772  H HA   . LYS A 1 51  ? -1.319  -23.782 4.042   1.00 0.00 ? 51  LYS A HA   1 
ATOM 773  H HB2  . LYS A 1 51  ? 0.369   -23.918 5.926   1.00 0.00 ? 51  LYS A HB2  1 
ATOM 774  H HB3  . LYS A 1 51  ? -0.946  -23.539 7.038   1.00 0.00 ? 51  LYS A HB3  1 
ATOM 775  H HG2  . LYS A 1 51  ? -0.778  -25.929 6.994   1.00 0.00 ? 51  LYS A HG2  1 
ATOM 776  H HG3  . LYS A 1 51  ? -2.199  -25.517 6.035   1.00 0.00 ? 51  LYS A HG3  1 
ATOM 777  H HD2  . LYS A 1 51  ? -1.251  -26.808 4.426   1.00 0.00 ? 51  LYS A HD2  1 
ATOM 778  H HD3  . LYS A 1 51  ? -0.187  -25.428 4.156   1.00 0.00 ? 51  LYS A HD3  1 
ATOM 779  H HE2  . LYS A 1 51  ? 0.565   -27.273 6.366   1.00 0.00 ? 51  LYS A HE2  1 
ATOM 780  H HE3  . LYS A 1 51  ? 0.750   -27.893 4.725   1.00 0.00 ? 51  LYS A HE3  1 
ATOM 781  H HZ1  . LYS A 1 51  ? 1.709   -25.190 5.207   1.00 0.00 ? 51  LYS A HZ1  1 
ATOM 782  H HZ2  . LYS A 1 51  ? 2.599   -26.439 5.935   1.00 0.00 ? 51  LYS A HZ2  1 
ATOM 783  H HZ3  . LYS A 1 51  ? 2.375   -26.427 4.252   1.00 0.00 ? 51  LYS A HZ3  1 
ATOM 784  N N    . SER A 1 52  ? -3.632  -22.304 4.590   1.00 0.00 ? 52  SER A N    1 
ATOM 785  C CA   . SER A 1 52  ? -5.084  -22.129 4.878   1.00 0.00 ? 52  SER A CA   1 
ATOM 786  C C    . SER A 1 52  ? -5.620  -23.364 5.604   1.00 0.00 ? 52  SER A C    1 
ATOM 787  O O    . SER A 1 52  ? -6.114  -24.284 4.983   1.00 0.00 ? 52  SER A O    1 
ATOM 788  C CB   . SER A 1 52  ? -5.845  -21.942 3.566   1.00 0.00 ? 52  SER A CB   1 
ATOM 789  O OG   . SER A 1 52  ? -5.057  -21.169 2.671   1.00 0.00 ? 52  SER A OG   1 
ATOM 790  H H    . SER A 1 52  ? -3.217  -21.810 3.851   1.00 0.00 ? 52  SER A H    1 
ATOM 791  H HA   . SER A 1 52  ? -5.224  -21.258 5.500   1.00 0.00 ? 52  SER A HA   1 
ATOM 792  H HB2  . SER A 1 52  ? -6.045  -22.904 3.122   1.00 0.00 ? 52  SER A HB2  1 
ATOM 793  H HB3  . SER A 1 52  ? -6.783  -21.439 3.763   1.00 0.00 ? 52  SER A HB3  1 
ATOM 794  H HG   . SER A 1 52  ? -4.381  -21.741 2.301   1.00 0.00 ? 52  SER A HG   1 
ATOM 795  N N    . PRO A 1 53  ? -5.505  -23.340 6.904   1.00 0.00 ? 53  PRO A N    1 
ATOM 796  C CA   . PRO A 1 53  ? -5.973  -24.443 7.758   1.00 0.00 ? 53  PRO A CA   1 
ATOM 797  C C    . PRO A 1 53  ? -7.485  -24.627 7.595   1.00 0.00 ? 53  PRO A C    1 
ATOM 798  O O    . PRO A 1 53  ? -7.972  -25.725 7.415   1.00 0.00 ? 53  PRO A O    1 
ATOM 799  C CB   . PRO A 1 53  ? -5.634  -24.003 9.188   1.00 0.00 ? 53  PRO A CB   1 
ATOM 800  C CG   . PRO A 1 53  ? -4.970  -22.604 9.105   1.00 0.00 ? 53  PRO A CG   1 
ATOM 801  C CD   . PRO A 1 53  ? -4.899  -22.207 7.622   1.00 0.00 ? 53  PRO A CD   1 
ATOM 802  H HA   . PRO A 1 53  ? -5.452  -25.357 7.519   1.00 0.00 ? 53  PRO A HA   1 
ATOM 803  H HB2  . PRO A 1 53  ? -6.539  -23.948 9.778   1.00 0.00 ? 53  PRO A HB2  1 
ATOM 804  H HB3  . PRO A 1 53  ? -4.946  -24.704 9.634   1.00 0.00 ? 53  PRO A HB3  1 
ATOM 805  H HG2  . PRO A 1 53  ? -5.564  -21.885 9.651   1.00 0.00 ? 53  PRO A HG2  1 
ATOM 806  H HG3  . PRO A 1 53  ? -3.973  -22.646 9.517   1.00 0.00 ? 53  PRO A HG3  1 
ATOM 807  H HD2  . PRO A 1 53  ? -5.463  -21.302 7.448   1.00 0.00 ? 53  PRO A HD2  1 
ATOM 808  H HD3  . PRO A 1 53  ? -3.873  -22.079 7.315   1.00 0.00 ? 53  PRO A HD3  1 
ATOM 809  N N    . ASP A 1 54  ? -8.228  -23.555 7.656   1.00 0.00 ? 54  ASP A N    1 
ATOM 810  C CA   . ASP A 1 54  ? -9.706  -23.663 7.505   1.00 0.00 ? 54  ASP A CA   1 
ATOM 811  C C    . ASP A 1 54  ? -10.060 -23.780 6.022   1.00 0.00 ? 54  ASP A C    1 
ATOM 812  O O    . ASP A 1 54  ? -10.698 -24.724 5.599   1.00 0.00 ? 54  ASP A O    1 
ATOM 813  C CB   . ASP A 1 54  ? -10.367 -22.414 8.091   1.00 0.00 ? 54  ASP A CB   1 
ATOM 814  C CG   . ASP A 1 54  ? -11.143 -22.792 9.355   1.00 0.00 ? 54  ASP A CG   1 
ATOM 815  O OD1  . ASP A 1 54  ? -10.519 -23.268 10.289  1.00 0.00 ? 54  ASP A OD1  1 
ATOM 816  O OD2  . ASP A 1 54  ? -12.347 -22.599 9.367   1.00 0.00 ? 54  ASP A OD2  1 
ATOM 817  H H    . ASP A 1 54  ? -7.813  -22.679 7.802   1.00 0.00 ? 54  ASP A H    1 
ATOM 818  H HA   . ASP A 1 54  ? -10.059 -24.537 8.031   1.00 0.00 ? 54  ASP A HA   1 
ATOM 819  H HB2  . ASP A 1 54  ? -9.607  -21.687 8.339   1.00 0.00 ? 54  ASP A HB2  1 
ATOM 820  H HB3  . ASP A 1 54  ? -11.047 -21.992 7.367   1.00 0.00 ? 54  ASP A HB3  1 
ATOM 821  N N    . SER A 1 55  ? -9.652  -22.830 5.226   1.00 0.00 ? 55  SER A N    1 
ATOM 822  C CA   . SER A 1 55  ? -9.967  -22.890 3.771   1.00 0.00 ? 55  SER A CA   1 
ATOM 823  C C    . SER A 1 55  ? -9.934  -21.478 3.179   1.00 0.00 ? 55  SER A C    1 
ATOM 824  O O    . SER A 1 55  ? -8.954  -21.077 2.584   1.00 0.00 ? 55  SER A O    1 
ATOM 825  C CB   . SER A 1 55  ? -11.358 -23.492 3.575   1.00 0.00 ? 55  SER A CB   1 
ATOM 826  O OG   . SER A 1 55  ? -11.260 -24.639 2.741   1.00 0.00 ? 55  SER A OG   1 
ATOM 827  H H    . SER A 1 55  ? -9.138  -22.076 5.586   1.00 0.00 ? 55  SER A H    1 
ATOM 828  H HA   . SER A 1 55  ? -9.235  -23.506 3.270   1.00 0.00 ? 55  SER A HA   1 
ATOM 829  H HB2  . SER A 1 55  ? -11.765 -23.781 4.529   1.00 0.00 ? 55  SER A HB2  1 
ATOM 830  H HB3  . SER A 1 55  ? -12.006 -22.756 3.118   1.00 0.00 ? 55  SER A HB3  1 
ATOM 831  H HG   . SER A 1 55  ? -11.856 -24.518 1.999   1.00 0.00 ? 55  SER A HG   1 
ATOM 832  N N    . PRO A 1 56  ? -11.016 -20.772 3.363   1.00 0.00 ? 56  PRO A N    1 
ATOM 833  C CA   . PRO A 1 56  ? -11.157 -19.393 2.858   1.00 0.00 ? 56  PRO A CA   1 
ATOM 834  C C    . PRO A 1 56  ? -10.093 -18.485 3.482   1.00 0.00 ? 56  PRO A C    1 
ATOM 835  O O    . PRO A 1 56  ? -10.358 -17.352 3.831   1.00 0.00 ? 56  PRO A O    1 
ATOM 836  C CB   . PRO A 1 56  ? -12.563 -18.959 3.296   1.00 0.00 ? 56  PRO A CB   1 
ATOM 837  C CG   . PRO A 1 56  ? -13.204 -20.142 4.066   1.00 0.00 ? 56  PRO A CG   1 
ATOM 838  C CD   . PRO A 1 56  ? -12.185 -21.292 4.089   1.00 0.00 ? 56  PRO A CD   1 
ATOM 839  H HA   . PRO A 1 56  ? -11.086 -19.376 1.783   1.00 0.00 ? 56  PRO A HA   1 
ATOM 840  H HB2  . PRO A 1 56  ? -12.493 -18.092 3.940   1.00 0.00 ? 56  PRO A HB2  1 
ATOM 841  H HB3  . PRO A 1 56  ? -13.162 -18.725 2.430   1.00 0.00 ? 56  PRO A HB3  1 
ATOM 842  H HG2  . PRO A 1 56  ? -13.438 -19.836 5.077   1.00 0.00 ? 56  PRO A HG2  1 
ATOM 843  H HG3  . PRO A 1 56  ? -14.102 -20.464 3.562   1.00 0.00 ? 56  PRO A HG3  1 
ATOM 844  H HD2  . PRO A 1 56  ? -11.921 -21.538 5.108   1.00 0.00 ? 56  PRO A HD2  1 
ATOM 845  H HD3  . PRO A 1 56  ? -12.583 -22.157 3.582   1.00 0.00 ? 56  PRO A HD3  1 
ATOM 846  N N    . GLU A 1 57  ? -8.892  -18.973 3.625   1.00 0.00 ? 57  GLU A N    1 
ATOM 847  C CA   . GLU A 1 57  ? -7.814  -18.137 4.226   1.00 0.00 ? 57  GLU A CA   1 
ATOM 848  C C    . GLU A 1 57  ? -7.250  -17.187 3.168   1.00 0.00 ? 57  GLU A C    1 
ATOM 849  O O    . GLU A 1 57  ? -7.594  -16.023 3.117   1.00 0.00 ? 57  GLU A O    1 
ATOM 850  C CB   . GLU A 1 57  ? -6.694  -19.045 4.743   1.00 0.00 ? 57  GLU A CB   1 
ATOM 851  C CG   . GLU A 1 57  ? -5.600  -18.191 5.384   1.00 0.00 ? 57  GLU A CG   1 
ATOM 852  C CD   . GLU A 1 57  ? -5.902  -18.010 6.874   1.00 0.00 ? 57  GLU A CD   1 
ATOM 853  O OE1  . GLU A 1 57  ? -5.595  -18.914 7.634   1.00 0.00 ? 57  GLU A OE1  1 
ATOM 854  O OE2  . GLU A 1 57  ? -6.435  -16.972 7.228   1.00 0.00 ? 57  GLU A OE2  1 
ATOM 855  H H    . GLU A 1 57  ? -8.698  -19.889 3.337   1.00 0.00 ? 57  GLU A H    1 
ATOM 856  H HA   . GLU A 1 57  ? -8.219  -17.563 5.046   1.00 0.00 ? 57  GLU A HA   1 
ATOM 857  H HB2  . GLU A 1 57  ? -7.097  -19.729 5.475   1.00 0.00 ? 57  GLU A HB2  1 
ATOM 858  H HB3  . GLU A 1 57  ? -6.276  -19.605 3.919   1.00 0.00 ? 57  GLU A HB3  1 
ATOM 859  H HG2  . GLU A 1 57  ? -4.645  -18.682 5.268   1.00 0.00 ? 57  GLU A HG2  1 
ATOM 860  H HG3  . GLU A 1 57  ? -5.569  -17.224 4.904   1.00 0.00 ? 57  GLU A HG3  1 
ATOM 861  N N    . MET A 1 58  ? -6.383  -17.675 2.323   1.00 0.00 ? 58  MET A N    1 
ATOM 862  C CA   . MET A 1 58  ? -5.793  -16.801 1.269   1.00 0.00 ? 58  MET A CA   1 
ATOM 863  C C    . MET A 1 58  ? -6.829  -15.770 0.816   1.00 0.00 ? 58  MET A C    1 
ATOM 864  O O    . MET A 1 58  ? -6.824  -14.637 1.253   1.00 0.00 ? 58  MET A O    1 
ATOM 865  C CB   . MET A 1 58  ? -5.373  -17.658 0.073   1.00 0.00 ? 58  MET A CB   1 
ATOM 866  C CG   . MET A 1 58  ? -4.366  -18.714 0.530   1.00 0.00 ? 58  MET A CG   1 
ATOM 867  S SD   . MET A 1 58  ? -3.843  -19.704 -0.892  1.00 0.00 ? 58  MET A SD   1 
ATOM 868  C CE   . MET A 1 58  ? -4.734  -21.217 -0.456  1.00 0.00 ? 58  MET A CE   1 
ATOM 869  H H    . MET A 1 58  ? -6.118  -18.616 2.383   1.00 0.00 ? 58  MET A H    1 
ATOM 870  H HA   . MET A 1 58  ? -4.929  -16.291 1.668   1.00 0.00 ? 58  MET A HA   1 
ATOM 871  H HB2  . MET A 1 58  ? -6.243  -18.145 -0.343  1.00 0.00 ? 58  MET A HB2  1 
ATOM 872  H HB3  . MET A 1 58  ? -4.917  -17.030 -0.677  1.00 0.00 ? 58  MET A HB3  1 
ATOM 873  H HG2  . MET A 1 58  ? -3.506  -18.228 0.965   1.00 0.00 ? 58  MET A HG2  1 
ATOM 874  H HG3  . MET A 1 58  ? -4.826  -19.357 1.266   1.00 0.00 ? 58  MET A HG3  1 
ATOM 875  H HE1  . MET A 1 58  ? -4.623  -21.408 0.602   1.00 0.00 ? 58  MET A HE1  1 
ATOM 876  H HE2  . MET A 1 58  ? -5.782  -21.099 -0.691  1.00 0.00 ? 58  MET A HE2  1 
ATOM 877  H HE3  . MET A 1 58  ? -4.331  -22.048 -1.015  1.00 0.00 ? 58  MET A HE3  1 
ATOM 878  N N    . LYS A 1 59  ? -7.717  -16.155 -0.060  1.00 0.00 ? 59  LYS A N    1 
ATOM 879  C CA   . LYS A 1 59  ? -8.752  -15.200 -0.546  1.00 0.00 ? 59  LYS A CA   1 
ATOM 880  C C    . LYS A 1 59  ? -9.026  -14.146 0.531   1.00 0.00 ? 59  LYS A C    1 
ATOM 881  O O    . LYS A 1 59  ? -9.295  -12.999 0.235   1.00 0.00 ? 59  LYS A O    1 
ATOM 882  C CB   . LYS A 1 59  ? -10.042 -15.961 -0.853  1.00 0.00 ? 59  LYS A CB   1 
ATOM 883  C CG   . LYS A 1 59  ? -10.767 -16.288 0.454   1.00 0.00 ? 59  LYS A CG   1 
ATOM 884  C CD   . LYS A 1 59  ? -12.166 -16.824 0.140   1.00 0.00 ? 59  LYS A CD   1 
ATOM 885  C CE   . LYS A 1 59  ? -12.055 -17.993 -0.841  1.00 0.00 ? 59  LYS A CE   1 
ATOM 886  N NZ   . LYS A 1 59  ? -13.419 -18.411 -1.272  1.00 0.00 ? 59  LYS A NZ   1 
ATOM 887  H H    . LYS A 1 59  ? -7.702  -17.074 -0.400  1.00 0.00 ? 59  LYS A H    1 
ATOM 888  H HA   . LYS A 1 59  ? -8.399  -14.713 -1.443  1.00 0.00 ? 59  LYS A HA   1 
ATOM 889  H HB2  . LYS A 1 59  ? -10.679 -15.352 -1.477  1.00 0.00 ? 59  LYS A HB2  1 
ATOM 890  H HB3  . LYS A 1 59  ? -9.804  -16.880 -1.370  1.00 0.00 ? 59  LYS A HB3  1 
ATOM 891  H HG2  . LYS A 1 59  ? -10.209 -17.035 0.998   1.00 0.00 ? 59  LYS A HG2  1 
ATOM 892  H HG3  . LYS A 1 59  ? -10.850 -15.393 1.052   1.00 0.00 ? 59  LYS A HG3  1 
ATOM 893  H HD2  . LYS A 1 59  ? -12.634 -17.163 1.052   1.00 0.00 ? 59  LYS A HD2  1 
ATOM 894  H HD3  . LYS A 1 59  ? -12.762 -16.039 -0.301  1.00 0.00 ? 59  LYS A HD3  1 
ATOM 895  H HE2  . LYS A 1 59  ? -11.484 -17.685 -1.705  1.00 0.00 ? 59  LYS A HE2  1 
ATOM 896  H HE3  . LYS A 1 59  ? -11.559 -18.822 -0.359  1.00 0.00 ? 59  LYS A HE3  1 
ATOM 897  H HZ1  . LYS A 1 59  ? -14.076 -18.323 -0.471  1.00 0.00 ? 59  LYS A HZ1  1 
ATOM 898  H HZ2  . LYS A 1 59  ? -13.739 -17.801 -2.051  1.00 0.00 ? 59  LYS A HZ2  1 
ATOM 899  H HZ3  . LYS A 1 59  ? -13.393 -19.400 -1.593  1.00 0.00 ? 59  LYS A HZ3  1 
ATOM 900  N N    . ASP A 1 60  ? -8.966  -14.526 1.778   1.00 0.00 ? 60  ASP A N    1 
ATOM 901  C CA   . ASP A 1 60  ? -9.229  -13.546 2.868   1.00 0.00 ? 60  ASP A CA   1 
ATOM 902  C C    . ASP A 1 60  ? -8.177  -12.433 2.830   1.00 0.00 ? 60  ASP A C    1 
ATOM 903  O O    . ASP A 1 60  ? -8.444  -11.304 3.187   1.00 0.00 ? 60  ASP A O    1 
ATOM 904  C CB   . ASP A 1 60  ? -9.165  -14.261 4.220   1.00 0.00 ? 60  ASP A CB   1 
ATOM 905  C CG   . ASP A 1 60  ? -9.741  -13.351 5.307   1.00 0.00 ? 60  ASP A CG   1 
ATOM 906  O OD1  . ASP A 1 60  ? -8.997  -12.533 5.822   1.00 0.00 ? 60  ASP A OD1  1 
ATOM 907  O OD2  . ASP A 1 60  ? -10.916 -13.490 5.605   1.00 0.00 ? 60  ASP A OD2  1 
ATOM 908  H H    . ASP A 1 60  ? -8.750  -15.457 1.996   1.00 0.00 ? 60  ASP A H    1 
ATOM 909  H HA   . ASP A 1 60  ? -10.211 -13.116 2.736   1.00 0.00 ? 60  ASP A HA   1 
ATOM 910  H HB2  . ASP A 1 60  ? -9.740  -15.175 4.171   1.00 0.00 ? 60  ASP A HB2  1 
ATOM 911  H HB3  . ASP A 1 60  ? -8.137  -14.494 4.456   1.00 0.00 ? 60  ASP A HB3  1 
ATOM 912  N N    . PHE A 1 61  ? -6.982  -12.743 2.405   1.00 0.00 ? 61  PHE A N    1 
ATOM 913  C CA   . PHE A 1 61  ? -5.916  -11.686 2.356   1.00 0.00 ? 61  PHE A CA   1 
ATOM 914  C C    . PHE A 1 61  ? -6.083  -10.829 1.097   1.00 0.00 ? 61  PHE A C    1 
ATOM 915  O O    . PHE A 1 61  ? -5.886  -9.630  1.126   1.00 0.00 ? 61  PHE A O    1 
ATOM 916  C CB   . PHE A 1 61  ? -4.515  -12.321 2.356   1.00 0.00 ? 61  PHE A CB   1 
ATOM 917  C CG   . PHE A 1 61  ? -3.504  -11.294 2.806   1.00 0.00 ? 61  PHE A CG   1 
ATOM 918  C CD1  . PHE A 1 61  ? -3.680  -10.625 4.023   1.00 0.00 ? 61  PHE A CD1  1 
ATOM 919  C CD2  . PHE A 1 61  ? -2.392  -11.010 2.005   1.00 0.00 ? 61  PHE A CD2  1 
ATOM 920  C CE1  . PHE A 1 61  ? -2.742  -9.673  4.440   1.00 0.00 ? 61  PHE A CE1  1 
ATOM 921  C CE2  . PHE A 1 61  ? -1.454  -10.058 2.421   1.00 0.00 ? 61  PHE A CE2  1 
ATOM 922  C CZ   . PHE A 1 61  ? -1.630  -9.390  3.639   1.00 0.00 ? 61  PHE A CZ   1 
ATOM 923  H H    . PHE A 1 61  ? -6.790  -13.664 2.125   1.00 0.00 ? 61  PHE A H    1 
ATOM 924  H HA   . PHE A 1 61  ? -6.014  -11.052 3.225   1.00 0.00 ? 61  PHE A HA   1 
ATOM 925  H HB2  . PHE A 1 61  ? -4.495  -13.158 3.030   1.00 0.00 ? 61  PHE A HB2  1 
ATOM 926  H HB3  . PHE A 1 61  ? -4.262  -12.655 1.362   1.00 0.00 ? 61  PHE A HB3  1 
ATOM 927  H HD1  . PHE A 1 61  ? -4.537  -10.845 4.641   1.00 0.00 ? 61  PHE A HD1  1 
ATOM 928  H HD2  . PHE A 1 61  ? -2.257  -11.526 1.065   1.00 0.00 ? 61  PHE A HD2  1 
ATOM 929  H HE1  . PHE A 1 61  ? -2.877  -9.157  5.379   1.00 0.00 ? 61  PHE A HE1  1 
ATOM 930  H HE2  . PHE A 1 61  ? -0.596  -9.839  1.803   1.00 0.00 ? 61  PHE A HE2  1 
ATOM 931  H HZ   . PHE A 1 61  ? -0.906  -8.654  3.960   1.00 0.00 ? 61  PHE A HZ   1 
ATOM 932  N N    . ARG A 1 62  ? -6.436  -11.426 -0.007  1.00 0.00 ? 62  ARG A N    1 
ATOM 933  C CA   . ARG A 1 62  ? -6.603  -10.631 -1.260  1.00 0.00 ? 62  ARG A CA   1 
ATOM 934  C C    . ARG A 1 62  ? -7.552  -9.459  -1.001  1.00 0.00 ? 62  ARG A C    1 
ATOM 935  O O    . ARG A 1 62  ? -7.655  -8.544  -1.793  1.00 0.00 ? 62  ARG A O    1 
ATOM 936  C CB   . ARG A 1 62  ? -7.185  -11.518 -2.367  1.00 0.00 ? 62  ARG A CB   1 
ATOM 937  C CG   . ARG A 1 62  ? -8.396  -10.822 -2.993  1.00 0.00 ? 62  ARG A CG   1 
ATOM 938  C CD   . ARG A 1 62  ? -9.172  -11.823 -3.852  1.00 0.00 ? 62  ARG A CD   1 
ATOM 939  N NE   . ARG A 1 62  ? -9.271  -11.309 -5.247  1.00 0.00 ? 62  ARG A NE   1 
ATOM 940  C CZ   . ARG A 1 62  ? -8.574  -11.867 -6.199  1.00 0.00 ? 62  ARG A CZ   1 
ATOM 941  N NH1  . ARG A 1 62  ? -7.762  -12.852 -5.924  1.00 0.00 ? 62  ARG A NH1  1 
ATOM 942  N NH2  . ARG A 1 62  ? -8.689  -11.441 -7.427  1.00 0.00 ? 62  ARG A NH2  1 
ATOM 943  H H    . ARG A 1 62  ? -6.586  -12.393 -0.014  1.00 0.00 ? 62  ARG A H    1 
ATOM 944  H HA   . ARG A 1 62  ? -5.643  -10.251 -1.573  1.00 0.00 ? 62  ARG A HA   1 
ATOM 945  H HB2  . ARG A 1 62  ? -6.434  -11.685 -3.127  1.00 0.00 ? 62  ARG A HB2  1 
ATOM 946  H HB3  . ARG A 1 62  ? -7.492  -12.464 -1.949  1.00 0.00 ? 62  ARG A HB3  1 
ATOM 947  H HG2  . ARG A 1 62  ? -9.038  -10.445 -2.211  1.00 0.00 ? 62  ARG A HG2  1 
ATOM 948  H HG3  . ARG A 1 62  ? -8.060  -10.001 -3.611  1.00 0.00 ? 62  ARG A HG3  1 
ATOM 949  H HD2  . ARG A 1 62  ? -8.656  -12.772 -3.853  1.00 0.00 ? 62  ARG A HD2  1 
ATOM 950  H HD3  . ARG A 1 62  ? -10.165 -11.953 -3.445  1.00 0.00 ? 62  ARG A HD3  1 
ATOM 951  H HE   . ARG A 1 62  ? -9.859  -10.552 -5.450  1.00 0.00 ? 62  ARG A HE   1 
ATOM 952  H HH11 . ARG A 1 62  ? -7.674  -13.179 -4.982  1.00 0.00 ? 62  ARG A HH11 1 
ATOM 953  H HH12 . ARG A 1 62  ? -7.229  -13.280 -6.653  1.00 0.00 ? 62  ARG A HH12 1 
ATOM 954  H HH21 . ARG A 1 62  ? -9.311  -10.687 -7.639  1.00 0.00 ? 62  ARG A HH21 1 
ATOM 955  H HH22 . ARG A 1 62  ? -8.156  -11.869 -8.157  1.00 0.00 ? 62  ARG A HH22 1 
ATOM 956  N N    . HIS A 1 63  ? -8.249  -9.480  0.103   1.00 0.00 ? 63  HIS A N    1 
ATOM 957  C CA   . HIS A 1 63  ? -9.194  -8.362  0.407   1.00 0.00 ? 63  HIS A CA   1 
ATOM 958  C C    . HIS A 1 63  ? -8.421  -7.167  0.972   1.00 0.00 ? 63  HIS A C    1 
ATOM 959  O O    . HIS A 1 63  ? -8.583  -6.048  0.528   1.00 0.00 ? 63  HIS A O    1 
ATOM 960  C CB   . HIS A 1 63  ? -10.242 -8.821  1.429   1.00 0.00 ? 63  HIS A CB   1 
ATOM 961  C CG   . HIS A 1 63  ? -11.145 -7.667  1.768   1.00 0.00 ? 63  HIS A CG   1 
ATOM 962  N ND1  . HIS A 1 63  ? -10.836 -6.755  2.766   1.00 0.00 ? 63  HIS A ND1  1 
ATOM 963  C CD2  . HIS A 1 63  ? -12.352 -7.265  1.253   1.00 0.00 ? 63  HIS A CD2  1 
ATOM 964  C CE1  . HIS A 1 63  ? -11.839 -5.858  2.819   1.00 0.00 ? 63  HIS A CE1  1 
ATOM 965  N NE2  . HIS A 1 63  ? -12.788 -6.122  1.917   1.00 0.00 ? 63  HIS A NE2  1 
ATOM 966  H H    . HIS A 1 63  ? -8.150  -10.229 0.727   1.00 0.00 ? 63  HIS A H    1 
ATOM 967  H HA   . HIS A 1 63  ? -9.693  -8.063  -0.504  1.00 0.00 ? 63  HIS A HA   1 
ATOM 968  H HB2  . HIS A 1 63  ? -10.831 -9.623  1.008   1.00 0.00 ? 63  HIS A HB2  1 
ATOM 969  H HB3  . HIS A 1 63  ? -9.750  -9.165  2.325   1.00 0.00 ? 63  HIS A HB3  1 
ATOM 970  H HD1  . HIS A 1 63  ? -10.035 -6.763  3.329   1.00 0.00 ? 63  HIS A HD1  1 
ATOM 971  H HD2  . HIS A 1 63  ? -12.883 -7.760  0.453   1.00 0.00 ? 63  HIS A HD2  1 
ATOM 972  H HE1  . HIS A 1 63  ? -11.870 -5.026  3.506   1.00 0.00 ? 63  HIS A HE1  1 
ATOM 973  N N    . GLY A 1 64  ? -7.587  -7.389  1.952   1.00 0.00 ? 64  GLY A N    1 
ATOM 974  C CA   . GLY A 1 64  ? -6.814  -6.257  2.541   1.00 0.00 ? 64  GLY A CA   1 
ATOM 975  C C    . GLY A 1 64  ? -6.122  -5.465  1.424   1.00 0.00 ? 64  GLY A C    1 
ATOM 976  O O    . GLY A 1 64  ? -6.501  -4.352  1.121   1.00 0.00 ? 64  GLY A O    1 
ATOM 977  H H    . GLY A 1 64  ? -7.472  -8.299  2.301   1.00 0.00 ? 64  GLY A H    1 
ATOM 978  H HA2  . GLY A 1 64  ? -7.490  -5.602  3.079   1.00 0.00 ? 64  GLY A HA2  1 
ATOM 979  H HA3  . GLY A 1 64  ? -6.073  -6.641  3.226   1.00 0.00 ? 64  GLY A HA3  1 
ATOM 980  N N    . PHE A 1 65  ? -5.110  -6.024  0.809   1.00 0.00 ? 65  PHE A N    1 
ATOM 981  C CA   . PHE A 1 65  ? -4.406  -5.288  -0.281  1.00 0.00 ? 65  PHE A CA   1 
ATOM 982  C C    . PHE A 1 65  ? -5.417  -4.860  -1.347  1.00 0.00 ? 65  PHE A C    1 
ATOM 983  O O    . PHE A 1 65  ? -5.648  -3.687  -1.562  1.00 0.00 ? 65  PHE A O    1 
ATOM 984  C CB   . PHE A 1 65  ? -3.347  -6.192  -0.917  1.00 0.00 ? 65  PHE A CB   1 
ATOM 985  C CG   . PHE A 1 65  ? -2.189  -6.359  0.037   1.00 0.00 ? 65  PHE A CG   1 
ATOM 986  C CD1  . PHE A 1 65  ? -1.519  -5.231  0.528   1.00 0.00 ? 65  PHE A CD1  1 
ATOM 987  C CD2  . PHE A 1 65  ? -1.785  -7.640  0.433   1.00 0.00 ? 65  PHE A CD2  1 
ATOM 988  C CE1  . PHE A 1 65  ? -0.445  -5.385  1.412   1.00 0.00 ? 65  PHE A CE1  1 
ATOM 989  C CE2  . PHE A 1 65  ? -0.711  -7.793  1.318   1.00 0.00 ? 65  PHE A CE2  1 
ATOM 990  C CZ   . PHE A 1 65  ? -0.041  -6.666  1.807   1.00 0.00 ? 65  PHE A CZ   1 
ATOM 991  H H    . PHE A 1 65  ? -4.812  -6.923  1.064   1.00 0.00 ? 65  PHE A H    1 
ATOM 992  H HA   . PHE A 1 65  ? -3.928  -4.411  0.130   1.00 0.00 ? 65  PHE A HA   1 
ATOM 993  H HB2  . PHE A 1 65  ? -3.779  -7.159  -1.135  1.00 0.00 ? 65  PHE A HB2  1 
ATOM 994  H HB3  . PHE A 1 65  ? -2.994  -5.742  -1.833  1.00 0.00 ? 65  PHE A HB3  1 
ATOM 995  H HD1  . PHE A 1 65  ? -1.831  -4.243  0.223   1.00 0.00 ? 65  PHE A HD1  1 
ATOM 996  H HD2  . PHE A 1 65  ? -2.302  -8.510  0.055   1.00 0.00 ? 65  PHE A HD2  1 
ATOM 997  H HE1  . PHE A 1 65  ? 0.072   -4.515  1.790   1.00 0.00 ? 65  PHE A HE1  1 
ATOM 998  H HE2  . PHE A 1 65  ? -0.399  -8.781  1.621   1.00 0.00 ? 65  PHE A HE2  1 
ATOM 999  H HZ   . PHE A 1 65  ? 0.787   -6.784  2.489   1.00 0.00 ? 65  PHE A HZ   1 
ATOM 1000 N N    . ASP A 1 66  ? -6.020  -5.803  -2.019  1.00 0.00 ? 66  ASP A N    1 
ATOM 1001 C CA   . ASP A 1 66  ? -7.014  -5.451  -3.073  1.00 0.00 ? 66  ASP A CA   1 
ATOM 1002 C C    . ASP A 1 66  ? -7.528  -4.028  -2.839  1.00 0.00 ? 66  ASP A C    1 
ATOM 1003 O O    . ASP A 1 66  ? -7.689  -3.256  -3.764  1.00 0.00 ? 66  ASP A O    1 
ATOM 1004 C CB   . ASP A 1 66  ? -8.186  -6.432  -3.014  1.00 0.00 ? 66  ASP A CB   1 
ATOM 1005 C CG   . ASP A 1 66  ? -9.357  -5.880  -3.830  1.00 0.00 ? 66  ASP A CG   1 
ATOM 1006 O OD1  . ASP A 1 66  ? -9.187  -5.699  -5.024  1.00 0.00 ? 66  ASP A OD1  1 
ATOM 1007 O OD2  . ASP A 1 66  ? -10.403 -5.648  -3.247  1.00 0.00 ? 66  ASP A OD2  1 
ATOM 1008 H H    . ASP A 1 66  ? -5.818  -6.743  -1.832  1.00 0.00 ? 66  ASP A H    1 
ATOM 1009 H HA   . ASP A 1 66  ? -6.545  -5.509  -4.044  1.00 0.00 ? 66  ASP A HA   1 
ATOM 1010 H HB2  . ASP A 1 66  ? -7.879  -7.384  -3.422  1.00 0.00 ? 66  ASP A HB2  1 
ATOM 1011 H HB3  . ASP A 1 66  ? -8.495  -6.561  -1.988  1.00 0.00 ? 66  ASP A HB3  1 
ATOM 1012 N N    . ILE A 1 67  ? -7.789  -3.675  -1.612  1.00 0.00 ? 67  ILE A N    1 
ATOM 1013 C CA   . ILE A 1 67  ? -8.296  -2.304  -1.321  1.00 0.00 ? 67  ILE A CA   1 
ATOM 1014 C C    . ILE A 1 67  ? -7.128  -1.315  -1.311  1.00 0.00 ? 67  ILE A C    1 
ATOM 1015 O O    . ILE A 1 67  ? -7.146  -0.312  -1.996  1.00 0.00 ? 67  ILE A O    1 
ATOM 1016 C CB   . ILE A 1 67  ? -8.982  -2.294  0.046   1.00 0.00 ? 67  ILE A CB   1 
ATOM 1017 C CG1  . ILE A 1 67  ? -10.191 -3.232  0.016   1.00 0.00 ? 67  ILE A CG1  1 
ATOM 1018 C CG2  . ILE A 1 67  ? -9.447  -0.875  0.375   1.00 0.00 ? 67  ILE A CG2  1 
ATOM 1019 C CD1  . ILE A 1 67  ? -11.199 -2.801  1.084   1.00 0.00 ? 67  ILE A CD1  1 
ATOM 1020 H H    . ILE A 1 67  ? -7.655  -4.313  -0.880  1.00 0.00 ? 67  ILE A H    1 
ATOM 1021 H HA   . ILE A 1 67  ? -9.006  -2.015  -2.081  1.00 0.00 ? 67  ILE A HA   1 
ATOM 1022 H HB   . ILE A 1 67  ? -8.284  -2.627  0.801   1.00 0.00 ? 67  ILE A HB   1 
ATOM 1023 H HG12 . ILE A 1 67  ? -10.657 -3.187  -0.958  1.00 0.00 ? 67  ILE A HG12 1 
ATOM 1024 H HG13 . ILE A 1 67  ? -9.868  -4.244  0.214   1.00 0.00 ? 67  ILE A HG13 1 
ATOM 1025 H HG21 . ILE A 1 67  ? -9.733  -0.370  -0.537  1.00 0.00 ? 67  ILE A HG21 1 
ATOM 1026 H HG22 . ILE A 1 67  ? -10.295 -0.919  1.042   1.00 0.00 ? 67  ILE A HG22 1 
ATOM 1027 H HG23 . ILE A 1 67  ? -8.643  -0.333  0.849   1.00 0.00 ? 67  ILE A HG23 1 
ATOM 1028 H HD11 . ILE A 1 67  ? -10.672 -2.380  1.927   1.00 0.00 ? 67  ILE A HD11 1 
ATOM 1029 H HD12 . ILE A 1 67  ? -11.867 -2.060  0.671   1.00 0.00 ? 67  ILE A HD12 1 
ATOM 1030 H HD13 . ILE A 1 67  ? -11.770 -3.659  1.407   1.00 0.00 ? 67  ILE A HD13 1 
ATOM 1031 N N    . LEU A 1 68  ? -6.114  -1.587  -0.536  1.00 0.00 ? 68  LEU A N    1 
ATOM 1032 C CA   . LEU A 1 68  ? -4.949  -0.660  -0.479  1.00 0.00 ? 68  LEU A CA   1 
ATOM 1033 C C    . LEU A 1 68  ? -4.249  -0.625  -1.841  1.00 0.00 ? 68  LEU A C    1 
ATOM 1034 O O    . LEU A 1 68  ? -4.189  0.399   -2.492  1.00 0.00 ? 68  LEU A O    1 
ATOM 1035 C CB   . LEU A 1 68  ? -3.964  -1.146  0.587   1.00 0.00 ? 68  LEU A CB   1 
ATOM 1036 C CG   . LEU A 1 68  ? -4.343  -0.545  1.942   1.00 0.00 ? 68  LEU A CG   1 
ATOM 1037 C CD1  . LEU A 1 68  ? -5.322  -1.477  2.658   1.00 0.00 ? 68  LEU A CD1  1 
ATOM 1038 C CD2  . LEU A 1 68  ? -3.085  -0.374  2.795   1.00 0.00 ? 68  LEU A CD2  1 
ATOM 1039 H H    . LEU A 1 68  ? -6.120  -2.400  0.011   1.00 0.00 ? 68  LEU A H    1 
ATOM 1040 H HA   . LEU A 1 68  ? -5.290  0.332   -0.226  1.00 0.00 ? 68  LEU A HA   1 
ATOM 1041 H HB2  . LEU A 1 68  ? -4.003  -2.224  0.647   1.00 0.00 ? 68  LEU A HB2  1 
ATOM 1042 H HB3  . LEU A 1 68  ? -2.965  -0.835  0.324   1.00 0.00 ? 68  LEU A HB3  1 
ATOM 1043 H HG   . LEU A 1 68  ? -4.809  0.418   1.791   1.00 0.00 ? 68  LEU A HG   1 
ATOM 1044 H HD11 . LEU A 1 68  ? -4.972  -2.497  2.579   1.00 0.00 ? 68  LEU A HD11 1 
ATOM 1045 H HD12 . LEU A 1 68  ? -5.388  -1.200  3.699   1.00 0.00 ? 68  LEU A HD12 1 
ATOM 1046 H HD13 . LEU A 1 68  ? -6.297  -1.395  2.202   1.00 0.00 ? 68  LEU A HD13 1 
ATOM 1047 H HD21 . LEU A 1 68  ? -2.312  0.097   2.206   1.00 0.00 ? 68  LEU A HD21 1 
ATOM 1048 H HD22 . LEU A 1 68  ? -3.311  0.243   3.651   1.00 0.00 ? 68  LEU A HD22 1 
ATOM 1049 H HD23 . LEU A 1 68  ? -2.743  -1.342  3.130   1.00 0.00 ? 68  LEU A HD23 1 
ATOM 1050 N N    . VAL A 1 69  ? -3.718  -1.735  -2.275  1.00 0.00 ? 69  VAL A N    1 
ATOM 1051 C CA   . VAL A 1 69  ? -3.021  -1.763  -3.592  1.00 0.00 ? 69  VAL A CA   1 
ATOM 1052 C C    . VAL A 1 69  ? -3.936  -1.178  -4.671  1.00 0.00 ? 69  VAL A C    1 
ATOM 1053 O O    . VAL A 1 69  ? -3.491  -0.805  -5.739  1.00 0.00 ? 69  VAL A O    1 
ATOM 1054 C CB   . VAL A 1 69  ? -2.670  -3.208  -3.951  1.00 0.00 ? 69  VAL A CB   1 
ATOM 1055 C CG1  . VAL A 1 69  ? -1.828  -3.228  -5.227  1.00 0.00 ? 69  VAL A CG1  1 
ATOM 1056 C CG2  . VAL A 1 69  ? -1.875  -3.837  -2.806  1.00 0.00 ? 69  VAL A CG2  1 
ATOM 1057 H H    . VAL A 1 69  ? -3.775  -2.550  -1.734  1.00 0.00 ? 69  VAL A H    1 
ATOM 1058 H HA   . VAL A 1 69  ? -2.115  -1.178  -3.532  1.00 0.00 ? 69  VAL A HA   1 
ATOM 1059 H HB   . VAL A 1 69  ? -3.580  -3.769  -4.111  1.00 0.00 ? 69  VAL A HB   1 
ATOM 1060 H HG11 . VAL A 1 69  ? -2.306  -2.622  -5.983  1.00 0.00 ? 69  VAL A HG11 1 
ATOM 1061 H HG12 . VAL A 1 69  ? -0.846  -2.832  -5.016  1.00 0.00 ? 69  VAL A HG12 1 
ATOM 1062 H HG13 . VAL A 1 69  ? -1.740  -4.243  -5.584  1.00 0.00 ? 69  VAL A HG13 1 
ATOM 1063 H HG21 . VAL A 1 69  ? -1.531  -3.063  -2.137  1.00 0.00 ? 69  VAL A HG21 1 
ATOM 1064 H HG22 . VAL A 1 69  ? -2.506  -4.527  -2.264  1.00 0.00 ? 69  VAL A HG22 1 
ATOM 1065 H HG23 . VAL A 1 69  ? -1.024  -4.369  -3.207  1.00 0.00 ? 69  VAL A HG23 1 
ATOM 1066 N N    . GLY A 1 70  ? -5.209  -1.098  -4.404  1.00 0.00 ? 70  GLY A N    1 
ATOM 1067 C CA   . GLY A 1 70  ? -6.150  -0.541  -5.416  1.00 0.00 ? 70  GLY A CA   1 
ATOM 1068 C C    . GLY A 1 70  ? -6.091  0.988   -5.387  1.00 0.00 ? 70  GLY A C    1 
ATOM 1069 O O    . GLY A 1 70  ? -6.274  1.645   -6.391  1.00 0.00 ? 70  GLY A O    1 
ATOM 1070 H H    . GLY A 1 70  ? -5.549  -1.407  -3.537  1.00 0.00 ? 70  GLY A H    1 
ATOM 1071 H HA2  . GLY A 1 70  ? -5.870  -0.892  -6.399  1.00 0.00 ? 70  GLY A HA2  1 
ATOM 1072 H HA3  . GLY A 1 70  ? -7.155  -0.867  -5.192  1.00 0.00 ? 70  GLY A HA3  1 
ATOM 1073 N N    . GLN A 1 71  ? -5.843  1.560   -4.240  1.00 0.00 ? 71  GLN A N    1 
ATOM 1074 C CA   . GLN A 1 71  ? -5.777  3.047   -4.149  1.00 0.00 ? 71  GLN A CA   1 
ATOM 1075 C C    . GLN A 1 71  ? -4.411  3.535   -4.637  1.00 0.00 ? 71  GLN A C    1 
ATOM 1076 O O    . GLN A 1 71  ? -4.310  4.522   -5.338  1.00 0.00 ? 71  GLN A O    1 
ATOM 1077 C CB   . GLN A 1 71  ? -5.982  3.476   -2.695  1.00 0.00 ? 71  GLN A CB   1 
ATOM 1078 C CG   . GLN A 1 71  ? -6.857  4.730   -2.651  1.00 0.00 ? 71  GLN A CG   1 
ATOM 1079 C CD   . GLN A 1 71  ? -7.366  4.946   -1.226  1.00 0.00 ? 71  GLN A CD   1 
ATOM 1080 O OE1  . GLN A 1 71  ? -8.289  5.705   -1.006  1.00 0.00 ? 71  GLN A OE1  1 
ATOM 1081 N NE2  . GLN A 1 71  ? -6.801  4.305   -0.240  1.00 0.00 ? 71  GLN A NE2  1 
ATOM 1082 H H    . GLN A 1 71  ? -5.701  1.013   -3.440  1.00 0.00 ? 71  GLN A H    1 
ATOM 1083 H HA   . GLN A 1 71  ? -6.554  3.478   -4.762  1.00 0.00 ? 71  GLN A HA   1 
ATOM 1084 H HB2  . GLN A 1 71  ? -6.465  2.680   -2.148  1.00 0.00 ? 71  GLN A HB2  1 
ATOM 1085 H HB3  . GLN A 1 71  ? -5.023  3.690   -2.245  1.00 0.00 ? 71  GLN A HB3  1 
ATOM 1086 H HG2  . GLN A 1 71  ? -6.275  5.586   -2.960  1.00 0.00 ? 71  GLN A HG2  1 
ATOM 1087 H HG3  . GLN A 1 71  ? -7.696  4.606   -3.319  1.00 0.00 ? 71  GLN A HG3  1 
ATOM 1088 H HE21 . GLN A 1 71  ? -6.057  3.693   -0.417  1.00 0.00 ? 71  GLN A HE21 1 
ATOM 1089 H HE22 . GLN A 1 71  ? -7.120  4.437   0.677   1.00 0.00 ? 71  GLN A HE22 1 
ATOM 1090 N N    . ILE A 1 72  ? -3.361  2.854   -4.272  1.00 0.00 ? 72  ILE A N    1 
ATOM 1091 C CA   . ILE A 1 72  ? -2.002  3.281   -4.712  1.00 0.00 ? 72  ILE A CA   1 
ATOM 1092 C C    . ILE A 1 72  ? -1.997  3.505   -6.226  1.00 0.00 ? 72  ILE A C    1 
ATOM 1093 O O    . ILE A 1 72  ? -1.495  4.497   -6.715  1.00 0.00 ? 72  ILE A O    1 
ATOM 1094 C CB   . ILE A 1 72  ? -0.986  2.195   -4.357  1.00 0.00 ? 72  ILE A CB   1 
ATOM 1095 C CG1  . ILE A 1 72  ? -0.666  2.263   -2.862  1.00 0.00 ? 72  ILE A CG1  1 
ATOM 1096 C CG2  . ILE A 1 72  ? 0.296   2.413   -5.162  1.00 0.00 ? 72  ILE A CG2  1 
ATOM 1097 C CD1  . ILE A 1 72  ? 0.382   1.202   -2.517  1.00 0.00 ? 72  ILE A CD1  1 
ATOM 1098 H H    . ILE A 1 72  ? -3.464  2.062   -3.703  1.00 0.00 ? 72  ILE A H    1 
ATOM 1099 H HA   . ILE A 1 72  ? -1.735  4.199   -4.211  1.00 0.00 ? 72  ILE A HA   1 
ATOM 1100 H HB   . ILE A 1 72  ? -1.400  1.227   -4.596  1.00 0.00 ? 72  ILE A HB   1 
ATOM 1101 H HG12 . ILE A 1 72  ? -0.280  3.242   -2.620  1.00 0.00 ? 72  ILE A HG12 1 
ATOM 1102 H HG13 . ILE A 1 72  ? -1.565  2.079   -2.293  1.00 0.00 ? 72  ILE A HG13 1 
ATOM 1103 H HG21 . ILE A 1 72  ? 0.356   3.445   -5.473  1.00 0.00 ? 72  ILE A HG21 1 
ATOM 1104 H HG22 . ILE A 1 72  ? 1.151   2.172   -4.548  1.00 0.00 ? 72  ILE A HG22 1 
ATOM 1105 H HG23 . ILE A 1 72  ? 0.287   1.775   -6.033  1.00 0.00 ? 72  ILE A HG23 1 
ATOM 1106 H HD11 . ILE A 1 72  ? 1.045   1.064   -3.359  1.00 0.00 ? 72  ILE A HD11 1 
ATOM 1107 H HD12 . ILE A 1 72  ? 0.953   1.524   -1.660  1.00 0.00 ? 72  ILE A HD12 1 
ATOM 1108 H HD13 . ILE A 1 72  ? -0.112  0.268   -2.292  1.00 0.00 ? 72  ILE A HD13 1 
ATOM 1109 N N    . ASP A 1 73  ? -2.547  2.587   -6.972  1.00 0.00 ? 73  ASP A N    1 
ATOM 1110 C CA   . ASP A 1 73  ? -2.568  2.742   -8.454  1.00 0.00 ? 73  ASP A CA   1 
ATOM 1111 C C    . ASP A 1 73  ? -3.348  4.003   -8.832  1.00 0.00 ? 73  ASP A C    1 
ATOM 1112 O O    . ASP A 1 73  ? -2.926  4.777   -9.668  1.00 0.00 ? 73  ASP A O    1 
ATOM 1113 C CB   . ASP A 1 73  ? -3.238  1.519   -9.082  1.00 0.00 ? 73  ASP A CB   1 
ATOM 1114 C CG   . ASP A 1 73  ? -2.240  0.799   -9.990  1.00 0.00 ? 73  ASP A CG   1 
ATOM 1115 O OD1  . ASP A 1 73  ? -1.281  0.253   -9.468  1.00 0.00 ? 73  ASP A OD1  1 
ATOM 1116 O OD2  . ASP A 1 73  ? -2.449  0.807   -11.192 1.00 0.00 ? 73  ASP A OD2  1 
ATOM 1117 H H    . ASP A 1 73  ? -2.943  1.792   -6.558  1.00 0.00 ? 73  ASP A H    1 
ATOM 1118 H HA   . ASP A 1 73  ? -1.555  2.823   -8.821  1.00 0.00 ? 73  ASP A HA   1 
ATOM 1119 H HB2  . ASP A 1 73  ? -3.565  0.848   -8.301  1.00 0.00 ? 73  ASP A HB2  1 
ATOM 1120 H HB3  . ASP A 1 73  ? -4.090  1.834   -9.665  1.00 0.00 ? 73  ASP A HB3  1 
ATOM 1121 N N    . ASP A 1 74  ? -4.484  4.215   -8.228  1.00 0.00 ? 74  ASP A N    1 
ATOM 1122 C CA   . ASP A 1 74  ? -5.289  5.426   -8.558  1.00 0.00 ? 74  ASP A CA   1 
ATOM 1123 C C    . ASP A 1 74  ? -4.510  6.683   -8.163  1.00 0.00 ? 74  ASP A C    1 
ATOM 1124 O O    . ASP A 1 74  ? -4.773  7.766   -8.648  1.00 0.00 ? 74  ASP A O    1 
ATOM 1125 C CB   . ASP A 1 74  ? -6.613  5.384   -7.793  1.00 0.00 ? 74  ASP A CB   1 
ATOM 1126 C CG   . ASP A 1 74  ? -7.675  6.166   -8.566  1.00 0.00 ? 74  ASP A CG   1 
ATOM 1127 O OD1  . ASP A 1 74  ? -7.782  5.957   -9.764  1.00 0.00 ? 74  ASP A OD1  1 
ATOM 1128 O OD2  . ASP A 1 74  ? -8.365  6.961   -7.948  1.00 0.00 ? 74  ASP A OD2  1 
ATOM 1129 H H    . ASP A 1 74  ? -4.811  3.579   -7.558  1.00 0.00 ? 74  ASP A H    1 
ATOM 1130 H HA   . ASP A 1 74  ? -5.488  5.446   -9.620  1.00 0.00 ? 74  ASP A HA   1 
ATOM 1131 H HB2  . ASP A 1 74  ? -6.930  4.358   -7.680  1.00 0.00 ? 74  ASP A HB2  1 
ATOM 1132 H HB3  . ASP A 1 74  ? -6.479  5.830   -6.818  1.00 0.00 ? 74  ASP A HB3  1 
ATOM 1133 N N    . ALA A 1 75  ? -3.556  6.551   -7.283  1.00 0.00 ? 75  ALA A N    1 
ATOM 1134 C CA   . ALA A 1 75  ? -2.765  7.740   -6.857  1.00 0.00 ? 75  ALA A CA   1 
ATOM 1135 C C    . ALA A 1 75  ? -1.697  8.052   -7.908  1.00 0.00 ? 75  ALA A C    1 
ATOM 1136 O O    . ALA A 1 75  ? -1.274  9.180   -8.060  1.00 0.00 ? 75  ALA A O    1 
ATOM 1137 C CB   . ALA A 1 75  ? -2.088  7.447   -5.517  1.00 0.00 ? 75  ALA A CB   1 
ATOM 1138 H H    . ALA A 1 75  ? -3.360  5.670   -6.901  1.00 0.00 ? 75  ALA A H    1 
ATOM 1139 H HA   . ALA A 1 75  ? -3.423  8.590   -6.749  1.00 0.00 ? 75  ALA A HA   1 
ATOM 1140 H HB1  . ALA A 1 75  ? -1.607  6.481   -5.560  1.00 0.00 ? 75  ALA A HB1  1 
ATOM 1141 H HB2  . ALA A 1 75  ? -1.350  8.208   -5.313  1.00 0.00 ? 75  ALA A HB2  1 
ATOM 1142 H HB3  . ALA A 1 75  ? -2.829  7.445   -4.732  1.00 0.00 ? 75  ALA A HB3  1 
ATOM 1143 N N    . LEU A 1 76  ? -1.256  7.061   -8.634  1.00 0.00 ? 76  LEU A N    1 
ATOM 1144 C CA   . LEU A 1 76  ? -0.213  7.303   -9.672  1.00 0.00 ? 76  LEU A CA   1 
ATOM 1145 C C    . LEU A 1 76  ? -0.857  7.910   -10.920 1.00 0.00 ? 76  LEU A C    1 
ATOM 1146 O O    . LEU A 1 76  ? -0.820  9.107   -11.127 1.00 0.00 ? 76  LEU A O    1 
ATOM 1147 C CB   . LEU A 1 76  ? 0.455   5.976   -10.039 1.00 0.00 ? 76  LEU A CB   1 
ATOM 1148 C CG   . LEU A 1 76  ? 1.705   6.247   -10.877 1.00 0.00 ? 76  LEU A CG   1 
ATOM 1149 C CD1  . LEU A 1 76  ? 2.868   6.613   -9.953  1.00 0.00 ? 76  LEU A CD1  1 
ATOM 1150 C CD2  . LEU A 1 76  ? 2.066   4.994   -11.678 1.00 0.00 ? 76  LEU A CD2  1 
ATOM 1151 H H    . LEU A 1 76  ? -1.609  6.157   -8.495  1.00 0.00 ? 76  LEU A H    1 
ATOM 1152 H HA   . LEU A 1 76  ? 0.530   7.983   -9.284  1.00 0.00 ? 76  LEU A HA   1 
ATOM 1153 H HB2  . LEU A 1 76  ? 0.732   5.450   -9.137  1.00 0.00 ? 76  LEU A HB2  1 
ATOM 1154 H HB3  . LEU A 1 76  ? -0.235  5.371   -10.610 1.00 0.00 ? 76  LEU A HB3  1 
ATOM 1155 H HG   . LEU A 1 76  ? 1.513   7.065   -11.556 1.00 0.00 ? 76  LEU A HG   1 
ATOM 1156 H HD11 . LEU A 1 76  ? 2.870   5.953   -9.098  1.00 0.00 ? 76  LEU A HD11 1 
ATOM 1157 H HD12 . LEU A 1 76  ? 3.800   6.509   -10.489 1.00 0.00 ? 76  LEU A HD12 1 
ATOM 1158 H HD13 . LEU A 1 76  ? 2.756   7.634   -9.620  1.00 0.00 ? 76  LEU A HD13 1 
ATOM 1159 H HD21 . LEU A 1 76  ? 1.180   4.394   -11.826 1.00 0.00 ? 76  LEU A HD21 1 
ATOM 1160 H HD22 . LEU A 1 76  ? 2.469   5.284   -12.637 1.00 0.00 ? 76  LEU A HD22 1 
ATOM 1161 H HD23 . LEU A 1 76  ? 2.802   4.419   -11.135 1.00 0.00 ? 76  LEU A HD23 1 
ATOM 1162 N N    . LYS A 1 77  ? -1.445  7.097   -11.753 1.00 0.00 ? 77  LYS A N    1 
ATOM 1163 C CA   . LYS A 1 77  ? -2.087  7.633   -12.986 1.00 0.00 ? 77  LYS A CA   1 
ATOM 1164 C C    . LYS A 1 77  ? -2.872  8.896   -12.638 1.00 0.00 ? 77  LYS A C    1 
ATOM 1165 O O    . LYS A 1 77  ? -3.253  9.662   -13.500 1.00 0.00 ? 77  LYS A O    1 
ATOM 1166 C CB   . LYS A 1 77  ? -3.036  6.583   -13.566 1.00 0.00 ? 77  LYS A CB   1 
ATOM 1167 C CG   . LYS A 1 77  ? -3.122  6.757   -15.083 1.00 0.00 ? 77  LYS A CG   1 
ATOM 1168 C CD   . LYS A 1 77  ? -4.204  5.833   -15.643 1.00 0.00 ? 77  LYS A CD   1 
ATOM 1169 C CE   . LYS A 1 77  ? -5.580  6.329   -15.195 1.00 0.00 ? 77  LYS A CE   1 
ATOM 1170 N NZ   . LYS A 1 77  ? -6.220  5.302   -14.327 1.00 0.00 ? 77  LYS A NZ   1 
ATOM 1171 H H    . LYS A 1 77  ? -1.465  6.136   -11.568 1.00 0.00 ? 77  LYS A H    1 
ATOM 1172 H HA   . LYS A 1 77  ? -1.326  7.872   -13.714 1.00 0.00 ? 77  LYS A HA   1 
ATOM 1173 H HB2  . LYS A 1 77  ? -2.665  5.595   -13.335 1.00 0.00 ? 77  LYS A HB2  1 
ATOM 1174 H HB3  . LYS A 1 77  ? -4.019  6.709   -13.135 1.00 0.00 ? 77  LYS A HB3  1 
ATOM 1175 H HG2  . LYS A 1 77  ? -3.368  7.782   -15.315 1.00 0.00 ? 77  LYS A HG2  1 
ATOM 1176 H HG3  . LYS A 1 77  ? -2.169  6.507   -15.528 1.00 0.00 ? 77  LYS A HG3  1 
ATOM 1177 H HD2  . LYS A 1 77  ? -4.155  5.832   -16.722 1.00 0.00 ? 77  LYS A HD2  1 
ATOM 1178 H HD3  . LYS A 1 77  ? -4.046  4.830   -15.275 1.00 0.00 ? 77  LYS A HD3  1 
ATOM 1179 H HE2  . LYS A 1 77  ? -5.468  7.250   -14.641 1.00 0.00 ? 77  LYS A HE2  1 
ATOM 1180 H HE3  . LYS A 1 77  ? -6.199  6.505   -16.063 1.00 0.00 ? 77  LYS A HE3  1 
ATOM 1181 H HZ1  . LYS A 1 77  ? -5.511  4.595   -14.047 1.00 0.00 ? 77  LYS A HZ1  1 
ATOM 1182 H HZ2  . LYS A 1 77  ? -6.609  5.759   -13.478 1.00 0.00 ? 77  LYS A HZ2  1 
ATOM 1183 H HZ3  . LYS A 1 77  ? -6.988  4.835   -14.851 1.00 0.00 ? 77  LYS A HZ3  1 
ATOM 1184 N N    . LEU A 1 78  ? -3.115  9.119   -11.377 1.00 0.00 ? 78  LEU A N    1 
ATOM 1185 C CA   . LEU A 1 78  ? -3.874  10.333  -10.966 1.00 0.00 ? 78  LEU A CA   1 
ATOM 1186 C C    . LEU A 1 78  ? -2.935  11.540  -10.965 1.00 0.00 ? 78  LEU A C    1 
ATOM 1187 O O    . LEU A 1 78  ? -3.312  12.634  -11.338 1.00 0.00 ? 78  LEU A O    1 
ATOM 1188 C CB   . LEU A 1 78  ? -4.444  10.126  -9.562  1.00 0.00 ? 78  LEU A CB   1 
ATOM 1189 C CG   . LEU A 1 78  ? -4.030  11.292  -8.661  1.00 0.00 ? 78  LEU A CG   1 
ATOM 1190 C CD1  . LEU A 1 78  ? -5.236  12.202  -8.421  1.00 0.00 ? 78  LEU A CD1  1 
ATOM 1191 C CD2  . LEU A 1 78  ? -3.527  10.749  -7.323  1.00 0.00 ? 78  LEU A CD2  1 
ATOM 1192 H H    . LEU A 1 78  ? -2.796  8.487   -10.699 1.00 0.00 ? 78  LEU A H    1 
ATOM 1193 H HA   . LEU A 1 78  ? -4.682  10.505  -11.662 1.00 0.00 ? 78  LEU A HA   1 
ATOM 1194 H HB2  . LEU A 1 78  ? -5.522  10.077  -9.615  1.00 0.00 ? 78  LEU A HB2  1 
ATOM 1195 H HB3  . LEU A 1 78  ? -4.061  9.203   -9.150  1.00 0.00 ? 78  LEU A HB3  1 
ATOM 1196 H HG   . LEU A 1 78  ? -3.243  11.855  -9.140  1.00 0.00 ? 78  LEU A HG   1 
ATOM 1197 H HD11 . LEU A 1 78  ? -5.949  12.076  -9.222  1.00 0.00 ? 78  LEU A HD11 1 
ATOM 1198 H HD12 . LEU A 1 78  ? -5.702  11.941  -7.482  1.00 0.00 ? 78  LEU A HD12 1 
ATOM 1199 H HD13 . LEU A 1 78  ? -4.909  13.231  -8.387  1.00 0.00 ? 78  LEU A HD13 1 
ATOM 1200 H HD21 . LEU A 1 78  ? -4.298  10.147  -6.865  1.00 0.00 ? 78  LEU A HD21 1 
ATOM 1201 H HD22 . LEU A 1 78  ? -2.649  10.142  -7.487  1.00 0.00 ? 78  LEU A HD22 1 
ATOM 1202 H HD23 . LEU A 1 78  ? -3.279  11.573  -6.670  1.00 0.00 ? 78  LEU A HD23 1 
ATOM 1203 N N    . ALA A 1 79  ? -1.715  11.352  -10.545 1.00 0.00 ? 79  ALA A N    1 
ATOM 1204 C CA   . ALA A 1 79  ? -0.750  12.488  -10.517 1.00 0.00 ? 79  ALA A CA   1 
ATOM 1205 C C    . ALA A 1 79  ? -0.176  12.716  -11.917 1.00 0.00 ? 79  ALA A C    1 
ATOM 1206 O O    . ALA A 1 79  ? 0.100   13.831  -12.309 1.00 0.00 ? 79  ALA A O    1 
ATOM 1207 C CB   . ALA A 1 79  ? 0.389   12.163  -9.549  1.00 0.00 ? 79  ALA A CB   1 
ATOM 1208 H H    . ALA A 1 79  ? -1.432  10.462  -10.248 1.00 0.00 ? 79  ALA A H    1 
ATOM 1209 H HA   . ALA A 1 79  ? -1.258  13.381  -10.186 1.00 0.00 ? 79  ALA A HA   1 
ATOM 1210 H HB1  . ALA A 1 79  ? 0.295   11.141  -9.211  1.00 0.00 ? 79  ALA A HB1  1 
ATOM 1211 H HB2  . ALA A 1 79  ? 1.336   12.290  -10.051 1.00 0.00 ? 79  ALA A HB2  1 
ATOM 1212 H HB3  . ALA A 1 79  ? 0.340   12.828  -8.699  1.00 0.00 ? 79  ALA A HB3  1 
ATOM 1213 N N    . ASN A 1 80  ? 0.014   11.668  -12.671 1.00 0.00 ? 80  ASN A N    1 
ATOM 1214 C CA   . ASN A 1 80  ? 0.578   11.832  -14.041 1.00 0.00 ? 80  ASN A CA   1 
ATOM 1215 C C    . ASN A 1 80  ? -0.515  12.308  -15.002 1.00 0.00 ? 80  ASN A C    1 
ATOM 1216 O O    . ASN A 1 80  ? -0.235  12.831  -16.062 1.00 0.00 ? 80  ASN A O    1 
ATOM 1217 C CB   . ASN A 1 80  ? 1.138   10.492  -14.527 1.00 0.00 ? 80  ASN A CB   1 
ATOM 1218 C CG   . ASN A 1 80  ? 2.602   10.671  -14.932 1.00 0.00 ? 80  ASN A CG   1 
ATOM 1219 O OD1  . ASN A 1 80  ? 2.916   11.487  -15.775 1.00 0.00 ? 80  ASN A OD1  1 
ATOM 1220 N ND2  . ASN A 1 80  ? 3.517   9.935   -14.363 1.00 0.00 ? 80  ASN A ND2  1 
ATOM 1221 H H    . ASN A 1 80  ? -0.210  10.773  -12.335 1.00 0.00 ? 80  ASN A H    1 
ATOM 1222 H HA   . ASN A 1 80  ? 1.373   12.561  -14.015 1.00 0.00 ? 80  ASN A HA   1 
ATOM 1223 H HB2  . ASN A 1 80  ? 1.068   9.763   -13.732 1.00 0.00 ? 80  ASN A HB2  1 
ATOM 1224 H HB3  . ASN A 1 80  ? 0.570   10.152  -15.380 1.00 0.00 ? 80  ASN A HB3  1 
ATOM 1225 H HD21 . ASN A 1 80  ? 3.264   9.275   -13.684 1.00 0.00 ? 80  ASN A HD21 1 
ATOM 1226 H HD22 . ASN A 1 80  ? 4.457   10.042  -14.616 1.00 0.00 ? 80  ASN A HD22 1 
ATOM 1227 N N    . GLU A 1 81  ? -1.757  12.129  -14.645 1.00 0.00 ? 81  GLU A N    1 
ATOM 1228 C CA   . GLU A 1 81  ? -2.861  12.572  -15.543 1.00 0.00 ? 81  GLU A CA   1 
ATOM 1229 C C    . GLU A 1 81  ? -3.275  13.999  -15.182 1.00 0.00 ? 81  GLU A C    1 
ATOM 1230 O O    . GLU A 1 81  ? -4.129  14.588  -15.812 1.00 0.00 ? 81  GLU A O    1 
ATOM 1231 C CB   . GLU A 1 81  ? -4.055  11.635  -15.366 1.00 0.00 ? 81  GLU A CB   1 
ATOM 1232 C CG   . GLU A 1 81  ? -4.469  11.067  -16.726 1.00 0.00 ? 81  GLU A CG   1 
ATOM 1233 C CD   . GLU A 1 81  ? -3.260  10.408  -17.393 1.00 0.00 ? 81  GLU A CD   1 
ATOM 1234 O OE1  . GLU A 1 81  ? -2.514  11.112  -18.052 1.00 0.00 ? 81  GLU A OE1  1 
ATOM 1235 O OE2  . GLU A 1 81  ? -3.101  9.209   -17.232 1.00 0.00 ? 81  GLU A OE2  1 
ATOM 1236 H H    . GLU A 1 81  ? -1.966  11.703  -13.788 1.00 0.00 ? 81  GLU A H    1 
ATOM 1237 H HA   . GLU A 1 81  ? -2.527  12.540  -16.569 1.00 0.00 ? 81  GLU A HA   1 
ATOM 1238 H HB2  . GLU A 1 81  ? -3.778  10.827  -14.704 1.00 0.00 ? 81  GLU A HB2  1 
ATOM 1239 H HB3  . GLU A 1 81  ? -4.880  12.181  -14.938 1.00 0.00 ? 81  GLU A HB3  1 
ATOM 1240 H HG2  . GLU A 1 81  ? -5.249  10.333  -16.588 1.00 0.00 ? 81  GLU A HG2  1 
ATOM 1241 H HG3  . GLU A 1 81  ? -4.834  11.867  -17.353 1.00 0.00 ? 81  GLU A HG3  1 
ATOM 1242 N N    . GLY A 1 82  ? -2.676  14.558  -14.167 1.00 0.00 ? 82  GLY A N    1 
ATOM 1243 C CA   . GLY A 1 82  ? -3.033  15.947  -13.758 1.00 0.00 ? 82  GLY A CA   1 
ATOM 1244 C C    . GLY A 1 82  ? -3.851  15.896  -12.467 1.00 0.00 ? 82  GLY A C    1 
ATOM 1245 O O    . GLY A 1 82  ? -4.359  16.896  -11.998 1.00 0.00 ? 82  GLY A O    1 
ATOM 1246 H H    . GLY A 1 82  ? -1.992  14.061  -13.671 1.00 0.00 ? 82  GLY A H    1 
ATOM 1247 H HA2  . GLY A 1 82  ? -2.131  16.517  -13.591 1.00 0.00 ? 82  GLY A HA2  1 
ATOM 1248 H HA3  . GLY A 1 82  ? -3.617  16.414  -14.538 1.00 0.00 ? 82  GLY A HA3  1 
ATOM 1249 N N    . LYS A 1 83  ? -3.943  14.741  -11.870 1.00 0.00 ? 83  LYS A N    1 
ATOM 1250 C CA   . LYS A 1 83  ? -4.683  14.621  -10.579 1.00 0.00 ? 83  LYS A CA   1 
ATOM 1251 C C    . LYS A 1 83  ? -3.677  14.962  -9.520  1.00 0.00 ? 83  LYS A C    1 
ATOM 1252 O O    . LYS A 1 83  ? -3.861  14.807  -8.329  1.00 0.00 ? 83  LYS A O    1 
ATOM 1253 C CB   . LYS A 1 83  ? -5.210  13.196  -10.392 1.00 0.00 ? 83  LYS A CB   1 
ATOM 1254 C CG   . LYS A 1 83  ? -6.738  13.204  -10.463 1.00 0.00 ? 83  LYS A CG   1 
ATOM 1255 C CD   . LYS A 1 83  ? -7.222  11.960  -11.211 1.00 0.00 ? 83  LYS A CD   1 
ATOM 1256 C CE   . LYS A 1 83  ? -8.420  12.327  -12.089 1.00 0.00 ? 83  LYS A CE   1 
ATOM 1257 N NZ   . LYS A 1 83  ? -9.513  12.875  -11.237 1.00 0.00 ? 83  LYS A NZ   1 
ATOM 1258 H H    . LYS A 1 83  ? -3.468  13.970  -12.240 1.00 0.00 ? 83  LYS A H    1 
ATOM 1259 H HA   . LYS A 1 83  ? -5.483  15.333  -10.557 1.00 0.00 ? 83  LYS A HA   1 
ATOM 1260 H HB2  . LYS A 1 83  ? -4.816  12.561  -11.171 1.00 0.00 ? 83  LYS A HB2  1 
ATOM 1261 H HB3  . LYS A 1 83  ? -4.898  12.820  -9.429  1.00 0.00 ? 83  LYS A HB3  1 
ATOM 1262 H HG2  . LYS A 1 83  ? -7.145  13.205  -9.463  1.00 0.00 ? 83  LYS A HG2  1 
ATOM 1263 H HG3  . LYS A 1 83  ? -7.068  14.090  -10.986 1.00 0.00 ? 83  LYS A HG3  1 
ATOM 1264 H HD2  . LYS A 1 83  ? -6.424  11.579  -11.830 1.00 0.00 ? 83  LYS A HD2  1 
ATOM 1265 H HD3  . LYS A 1 83  ? -7.517  11.204  -10.497 1.00 0.00 ? 83  LYS A HD3  1 
ATOM 1266 H HE2  . LYS A 1 83  ? -8.121  13.070  -12.813 1.00 0.00 ? 83  LYS A HE2  1 
ATOM 1267 H HE3  . LYS A 1 83  ? -8.772  11.445  -12.604 1.00 0.00 ? 83  LYS A HE3  1 
ATOM 1268 H HZ1  . LYS A 1 83  ? -9.110  13.245  -10.353 1.00 0.00 ? 83  LYS A HZ1  1 
ATOM 1269 H HZ2  . LYS A 1 83  ? -9.997  13.642  -11.745 1.00 0.00 ? 83  LYS A HZ2  1 
ATOM 1270 H HZ3  . LYS A 1 83  ? -10.194 12.119  -11.018 1.00 0.00 ? 83  LYS A HZ3  1 
ATOM 1271 N N    . VAL A 1 84  ? -2.592  15.400  -10.025 1.00 0.00 ? 84  VAL A N    1 
ATOM 1272 C CA   . VAL A 1 84  ? -1.420  15.776  -9.216  1.00 0.00 ? 84  VAL A CA   1 
ATOM 1273 C C    . VAL A 1 84  ? -1.602  17.184  -8.654  1.00 0.00 ? 84  VAL A C    1 
ATOM 1274 O O    . VAL A 1 84  ? -1.360  17.438  -7.492  1.00 0.00 ? 84  VAL A O    1 
ATOM 1275 C CB   . VAL A 1 84  ? -0.229  15.720  -10.160 1.00 0.00 ? 84  VAL A CB   1 
ATOM 1276 C CG1  . VAL A 1 84  ? 0.420   17.103  -10.263 1.00 0.00 ? 84  VAL A CG1  1 
ATOM 1277 C CG2  . VAL A 1 84  ? 0.794   14.708  -9.641  1.00 0.00 ? 84  VAL A CG2  1 
ATOM 1278 H H    . VAL A 1 84  ? -2.546  15.470  -10.997 1.00 0.00 ? 84  VAL A H    1 
ATOM 1279 H HA   . VAL A 1 84  ? -1.282  15.070  -8.412  1.00 0.00 ? 84  VAL A HA   1 
ATOM 1280 H HB   . VAL A 1 84  ? -0.591  15.406  -11.144 1.00 0.00 ? 84  VAL A HB   1 
ATOM 1281 H HG11 . VAL A 1 84  ? -0.318  17.827  -10.573 1.00 0.00 ? 84  VAL A HG11 1 
ATOM 1282 H HG12 . VAL A 1 84  ? 0.820   17.386  -9.301  1.00 0.00 ? 84  VAL A HG12 1 
ATOM 1283 H HG13 . VAL A 1 84  ? 1.221   17.072  -10.989 1.00 0.00 ? 84  VAL A HG13 1 
ATOM 1284 H HG21 . VAL A 1 84  ? 0.290   13.788  -9.383  1.00 0.00 ? 84  VAL A HG21 1 
ATOM 1285 H HG22 . VAL A 1 84  ? 1.530   14.514  -10.407 1.00 0.00 ? 84  VAL A HG22 1 
ATOM 1286 H HG23 . VAL A 1 84  ? 1.284   15.108  -8.765  1.00 0.00 ? 84  VAL A HG23 1 
ATOM 1287 N N    . LYS A 1 85  ? -2.037  18.099  -9.473  1.00 0.00 ? 85  LYS A N    1 
ATOM 1288 C CA   . LYS A 1 85  ? -2.244  19.494  -8.974  1.00 0.00 ? 85  LYS A CA   1 
ATOM 1289 C C    . LYS A 1 85  ? -3.320  19.465  -7.894  1.00 0.00 ? 85  LYS A C    1 
ATOM 1290 O O    . LYS A 1 85  ? -3.178  20.050  -6.839  1.00 0.00 ? 85  LYS A O    1 
ATOM 1291 C CB   . LYS A 1 85  ? -2.696  20.418  -10.113 1.00 0.00 ? 85  LYS A CB   1 
ATOM 1292 C CG   . LYS A 1 85  ? -2.446  21.873  -9.713  1.00 0.00 ? 85  LYS A CG   1 
ATOM 1293 C CD   . LYS A 1 85  ? -2.851  22.077  -8.252  1.00 0.00 ? 85  LYS A CD   1 
ATOM 1294 C CE   . LYS A 1 85  ? -2.517  23.508  -7.824  1.00 0.00 ? 85  LYS A CE   1 
ATOM 1295 N NZ   . LYS A 1 85  ? -2.622  23.621  -6.341  1.00 0.00 ? 85  LYS A NZ   1 
ATOM 1296 H H    . LYS A 1 85  ? -2.233  17.862  -10.405 1.00 0.00 ? 85  LYS A H    1 
ATOM 1297 H HA   . LYS A 1 85  ? -1.321  19.865  -8.551  1.00 0.00 ? 85  LYS A HA   1 
ATOM 1298 H HB2  . LYS A 1 85  ? -2.140  20.192  -11.006 1.00 0.00 ? 85  LYS A HB2  1 
ATOM 1299 H HB3  . LYS A 1 85  ? -3.748  20.280  -10.304 1.00 0.00 ? 85  LYS A HB3  1 
ATOM 1300 H HG2  . LYS A 1 85  ? -1.398  22.105  -9.831  1.00 0.00 ? 85  LYS A HG2  1 
ATOM 1301 H HG3  . LYS A 1 85  ? -3.032  22.526  -10.344 1.00 0.00 ? 85  LYS A HG3  1 
ATOM 1302 H HD2  . LYS A 1 85  ? -3.912  21.906  -8.144  1.00 0.00 ? 85  LYS A HD2  1 
ATOM 1303 H HD3  . LYS A 1 85  ? -2.310  21.380  -7.629  1.00 0.00 ? 85  LYS A HD3  1 
ATOM 1304 H HE2  . LYS A 1 85  ? -1.512  23.750  -8.134  1.00 0.00 ? 85  LYS A HE2  1 
ATOM 1305 H HE3  . LYS A 1 85  ? -3.212  24.192  -8.288  1.00 0.00 ? 85  LYS A HE3  1 
ATOM 1306 H HZ1  . LYS A 1 85  ? -3.349  22.964  -5.994  1.00 0.00 ? 85  LYS A HZ1  1 
ATOM 1307 H HZ2  . LYS A 1 85  ? -1.706  23.384  -5.911  1.00 0.00 ? 85  LYS A HZ2  1 
ATOM 1308 H HZ3  . LYS A 1 85  ? -2.884  24.595  -6.087  1.00 0.00 ? 85  LYS A HZ3  1 
ATOM 1309 N N    . GLU A 1 86  ? -4.392  18.776  -8.153  1.00 0.00 ? 86  GLU A N    1 
ATOM 1310 C CA   . GLU A 1 86  ? -5.486  18.689  -7.146  1.00 0.00 ? 86  GLU A CA   1 
ATOM 1311 C C    . GLU A 1 86  ? -5.122  17.632  -6.101  1.00 0.00 ? 86  GLU A C    1 
ATOM 1312 O O    . GLU A 1 86  ? -5.616  17.647  -4.990  1.00 0.00 ? 86  GLU A O    1 
ATOM 1313 C CB   . GLU A 1 86  ? -6.792  18.298  -7.843  1.00 0.00 ? 86  GLU A CB   1 
ATOM 1314 C CG   . GLU A 1 86  ? -7.462  19.553  -8.404  1.00 0.00 ? 86  GLU A CG   1 
ATOM 1315 C CD   . GLU A 1 86  ? -7.821  20.497  -7.254  1.00 0.00 ? 86  GLU A CD   1 
ATOM 1316 O OE1  . GLU A 1 86  ? -8.637  20.115  -6.433  1.00 0.00 ? 86  GLU A OE1  1 
ATOM 1317 O OE2  . GLU A 1 86  ? -7.271  21.586  -7.214  1.00 0.00 ? 86  GLU A OE2  1 
ATOM 1318 H H    . GLU A 1 86  ? -4.475  18.308  -9.011  1.00 0.00 ? 86  GLU A H    1 
ATOM 1319 H HA   . GLU A 1 86  ? -5.608  19.646  -6.662  1.00 0.00 ? 86  GLU A HA   1 
ATOM 1320 H HB2  . GLU A 1 86  ? -6.577  17.612  -8.649  1.00 0.00 ? 86  GLU A HB2  1 
ATOM 1321 H HB3  . GLU A 1 86  ? -7.452  17.826  -7.132  1.00 0.00 ? 86  GLU A HB3  1 
ATOM 1322 H HG2  . GLU A 1 86  ? -6.784  20.051  -9.081  1.00 0.00 ? 86  GLU A HG2  1 
ATOM 1323 H HG3  . GLU A 1 86  ? -8.361  19.275  -8.935  1.00 0.00 ? 86  GLU A HG3  1 
ATOM 1324 N N    . ALA A 1 87  ? -4.260  16.716  -6.450  1.00 0.00 ? 87  ALA A N    1 
ATOM 1325 C CA   . ALA A 1 87  ? -3.860  15.658  -5.480  1.00 0.00 ? 87  ALA A CA   1 
ATOM 1326 C C    . ALA A 1 87  ? -3.218  16.310  -4.255  1.00 0.00 ? 87  ALA A C    1 
ATOM 1327 O O    . ALA A 1 87  ? -3.628  16.084  -3.134  1.00 0.00 ? 87  ALA A O    1 
ATOM 1328 C CB   . ALA A 1 87  ? -2.852  14.715  -6.142  1.00 0.00 ? 87  ALA A CB   1 
ATOM 1329 H H    . ALA A 1 87  ? -3.875  16.725  -7.351  1.00 0.00 ? 87  ALA A H    1 
ATOM 1330 H HA   . ALA A 1 87  ? -4.732  15.099  -5.177  1.00 0.00 ? 87  ALA A HA   1 
ATOM 1331 H HB1  . ALA A 1 87  ? -2.433  15.191  -7.016  1.00 0.00 ? 87  ALA A HB1  1 
ATOM 1332 H HB2  . ALA A 1 87  ? -2.062  14.485  -5.443  1.00 0.00 ? 87  ALA A HB2  1 
ATOM 1333 H HB3  . ALA A 1 87  ? -3.351  13.802  -6.433  1.00 0.00 ? 87  ALA A HB3  1 
ATOM 1334 N N    . GLN A 1 88  ? -2.216  17.121  -4.458  1.00 0.00 ? 88  GLN A N    1 
ATOM 1335 C CA   . GLN A 1 88  ? -1.553  17.787  -3.301  1.00 0.00 ? 88  GLN A CA   1 
ATOM 1336 C C    . GLN A 1 88  ? -2.533  17.861  -2.131  1.00 0.00 ? 88  GLN A C    1 
ATOM 1337 O O    . GLN A 1 88  ? -2.147  17.812  -0.979  1.00 0.00 ? 88  GLN A O    1 
ATOM 1338 C CB   . GLN A 1 88  ? -1.127  19.201  -3.701  1.00 0.00 ? 88  GLN A CB   1 
ATOM 1339 C CG   . GLN A 1 88  ? 0.202   19.544  -3.023  1.00 0.00 ? 88  GLN A CG   1 
ATOM 1340 C CD   . GLN A 1 88  ? -0.049  19.884  -1.553  1.00 0.00 ? 88  GLN A CD   1 
ATOM 1341 O OE1  . GLN A 1 88  ? -1.012  20.549  -1.226  1.00 0.00 ? 88  GLN A OE1  1 
ATOM 1342 N NE2  . GLN A 1 88  ? 0.783   19.450  -0.645  1.00 0.00 ? 88  GLN A NE2  1 
ATOM 1343 H H    . GLN A 1 88  ? -1.900  17.292  -5.369  1.00 0.00 ? 88  GLN A H    1 
ATOM 1344 H HA   . GLN A 1 88  ? -0.684  17.217  -3.008  1.00 0.00 ? 88  GLN A HA   1 
ATOM 1345 H HB2  . GLN A 1 88  ? -1.007  19.251  -4.774  1.00 0.00 ? 88  GLN A HB2  1 
ATOM 1346 H HB3  . GLN A 1 88  ? -1.883  19.907  -3.389  1.00 0.00 ? 88  GLN A HB3  1 
ATOM 1347 H HG2  . GLN A 1 88  ? 0.868   18.697  -3.089  1.00 0.00 ? 88  GLN A HG2  1 
ATOM 1348 H HG3  . GLN A 1 88  ? 0.650   20.393  -3.518  1.00 0.00 ? 88  GLN A HG3  1 
ATOM 1349 H HE21 . GLN A 1 88  ? 1.560   18.914  -0.908  1.00 0.00 ? 88  GLN A HE21 1 
ATOM 1350 H HE22 . GLN A 1 88  ? 0.631   19.663  0.299   1.00 0.00 ? 88  GLN A HE22 1 
ATOM 1351 N N    . ALA A 1 89  ? -3.802  17.977  -2.414  1.00 0.00 ? 89  ALA A N    1 
ATOM 1352 C CA   . ALA A 1 89  ? -4.808  18.051  -1.319  1.00 0.00 ? 89  ALA A CA   1 
ATOM 1353 C C    . ALA A 1 89  ? -4.954  16.674  -0.667  1.00 0.00 ? 89  ALA A C    1 
ATOM 1354 O O    . ALA A 1 89  ? -5.044  16.554  0.539   1.00 0.00 ? 89  ALA A O    1 
ATOM 1355 C CB   . ALA A 1 89  ? -6.157  18.489  -1.894  1.00 0.00 ? 89  ALA A CB   1 
ATOM 1356 H H    . ALA A 1 89  ? -4.093  18.012  -3.350  1.00 0.00 ? 89  ALA A H    1 
ATOM 1357 H HA   . ALA A 1 89  ? -4.483  18.767  -0.579  1.00 0.00 ? 89  ALA A HA   1 
ATOM 1358 H HB1  . ALA A 1 89  ? -6.474  17.782  -2.646  1.00 0.00 ? 89  ALA A HB1  1 
ATOM 1359 H HB2  . ALA A 1 89  ? -6.890  18.528  -1.103  1.00 0.00 ? 89  ALA A HB2  1 
ATOM 1360 H HB3  . ALA A 1 89  ? -6.056  19.467  -2.341  1.00 0.00 ? 89  ALA A HB3  1 
ATOM 1361 N N    . ALA A 1 90  ? -4.977  15.634  -1.455  1.00 0.00 ? 90  ALA A N    1 
ATOM 1362 C CA   . ALA A 1 90  ? -5.116  14.266  -0.880  1.00 0.00 ? 90  ALA A CA   1 
ATOM 1363 C C    . ALA A 1 90  ? -3.814  13.875  -0.178  1.00 0.00 ? 90  ALA A C    1 
ATOM 1364 O O    . ALA A 1 90  ? -3.820  13.184  0.822   1.00 0.00 ? 90  ALA A O    1 
ATOM 1365 C CB   . ALA A 1 90  ? -5.409  13.267  -2.001  1.00 0.00 ? 90  ALA A CB   1 
ATOM 1366 H H    . ALA A 1 90  ? -4.902  15.752  -2.425  1.00 0.00 ? 90  ALA A H    1 
ATOM 1367 H HA   . ALA A 1 90  ? -5.926  14.256  -0.167  1.00 0.00 ? 90  ALA A HA   1 
ATOM 1368 H HB1  . ALA A 1 90  ? -4.685  13.391  -2.792  1.00 0.00 ? 90  ALA A HB1  1 
ATOM 1369 H HB2  . ALA A 1 90  ? -5.350  12.262  -1.612  1.00 0.00 ? 90  ALA A HB2  1 
ATOM 1370 H HB3  . ALA A 1 90  ? -6.401  13.445  -2.391  1.00 0.00 ? 90  ALA A HB3  1 
ATOM 1371 N N    . ALA A 1 91  ? -2.697  14.313  -0.691  1.00 0.00 ? 91  ALA A N    1 
ATOM 1372 C CA   . ALA A 1 91  ? -1.397  13.966  -0.052  1.00 0.00 ? 91  ALA A CA   1 
ATOM 1373 C C    . ALA A 1 91  ? -1.417  14.404  1.415   1.00 0.00 ? 91  ALA A C    1 
ATOM 1374 O O    . ALA A 1 91  ? -0.889  13.734  2.279   1.00 0.00 ? 91  ALA A O    1 
ATOM 1375 C CB   . ALA A 1 91  ? -0.261  14.684  -0.782  1.00 0.00 ? 91  ALA A CB   1 
ATOM 1376 H H    . ALA A 1 91  ? -2.714  14.871  -1.498  1.00 0.00 ? 91  ALA A H    1 
ATOM 1377 H HA   . ALA A 1 91  ? -1.242  12.899  -0.106  1.00 0.00 ? 91  ALA A HA   1 
ATOM 1378 H HB1  . ALA A 1 91  ? -0.551  14.870  -1.805  1.00 0.00 ? 91  ALA A HB1  1 
ATOM 1379 H HB2  . ALA A 1 91  ? -0.054  15.623  -0.289  1.00 0.00 ? 91  ALA A HB2  1 
ATOM 1380 H HB3  . ALA A 1 91  ? 0.625   14.067  -0.765  1.00 0.00 ? 91  ALA A HB3  1 
ATOM 1381 N N    . GLU A 1 92  ? -2.026  15.522  1.702   1.00 0.00 ? 92  GLU A N    1 
ATOM 1382 C CA   . GLU A 1 92  ? -2.083  15.997  3.112   1.00 0.00 ? 92  GLU A CA   1 
ATOM 1383 C C    . GLU A 1 92  ? -3.197  15.254  3.849   1.00 0.00 ? 92  GLU A C    1 
ATOM 1384 O O    . GLU A 1 92  ? -3.255  15.242  5.063   1.00 0.00 ? 92  GLU A O    1 
ATOM 1385 C CB   . GLU A 1 92  ? -2.371  17.499  3.135   1.00 0.00 ? 92  GLU A CB   1 
ATOM 1386 C CG   . GLU A 1 92  ? -1.673  18.172  1.951   1.00 0.00 ? 92  GLU A CG   1 
ATOM 1387 C CD   . GLU A 1 92  ? -1.049  19.490  2.411   1.00 0.00 ? 92  GLU A CD   1 
ATOM 1388 O OE1  . GLU A 1 92  ? -1.799  20.412  2.691   1.00 0.00 ? 92  GLU A OE1  1 
ATOM 1389 O OE2  . GLU A 1 92  ? 0.167   19.558  2.477   1.00 0.00 ? 92  GLU A OE2  1 
ATOM 1390 H H    . GLU A 1 92  ? -2.452  16.046  0.991   1.00 0.00 ? 92  GLU A H    1 
ATOM 1391 H HA   . GLU A 1 92  ? -1.137  15.803  3.597   1.00 0.00 ? 92  GLU A HA   1 
ATOM 1392 H HB2  . GLU A 1 92  ? -3.437  17.662  3.064   1.00 0.00 ? 92  GLU A HB2  1 
ATOM 1393 H HB3  . GLU A 1 92  ? -2.001  17.923  4.056   1.00 0.00 ? 92  GLU A HB3  1 
ATOM 1394 H HG2  . GLU A 1 92  ? -0.899  17.521  1.572   1.00 0.00 ? 92  GLU A HG2  1 
ATOM 1395 H HG3  . GLU A 1 92  ? -2.394  18.367  1.171   1.00 0.00 ? 92  GLU A HG3  1 
ATOM 1396 N N    . GLN A 1 93  ? -4.083  14.636  3.120   1.00 0.00 ? 93  GLN A N    1 
ATOM 1397 C CA   . GLN A 1 93  ? -5.194  13.899  3.745   1.00 0.00 ? 93  GLN A CA   1 
ATOM 1398 C C    . GLN A 1 93  ? -4.664  12.625  4.406   1.00 0.00 ? 93  GLN A C    1 
ATOM 1399 O O    . GLN A 1 93  ? -4.831  12.414  5.591   1.00 0.00 ? 93  GLN A O    1 
ATOM 1400 C CB   . GLN A 1 93  ? -6.176  13.541  2.640   1.00 0.00 ? 93  GLN A CB   1 
ATOM 1401 C CG   . GLN A 1 93  ? -6.776  14.822  2.058   1.00 0.00 ? 93  GLN A CG   1 
ATOM 1402 C CD   . GLN A 1 93  ? -8.133  15.091  2.711   1.00 0.00 ? 93  GLN A CD   1 
ATOM 1403 O OE1  . GLN A 1 93  ? -8.812  14.174  3.127   1.00 0.00 ? 93  GLN A OE1  1 
ATOM 1404 N NE2  . GLN A 1 93  ? -8.559  16.320  2.819   1.00 0.00 ? 93  GLN A NE2  1 
ATOM 1405 H H    . GLN A 1 93  ? -4.026  14.657  2.147   1.00 0.00 ? 93  GLN A H    1 
ATOM 1406 H HA   . GLN A 1 93  ? -5.682  14.521  4.479   1.00 0.00 ? 93  GLN A HA   1 
ATOM 1407 H HB2  . GLN A 1 93  ? -5.661  12.998  1.861   1.00 0.00 ? 93  GLN A HB2  1 
ATOM 1408 H HB3  . GLN A 1 93  ? -6.948  12.934  3.043   1.00 0.00 ? 93  GLN A HB3  1 
ATOM 1409 H HG2  . GLN A 1 93  ? -6.112  15.651  2.252   1.00 0.00 ? 93  GLN A HG2  1 
ATOM 1410 H HG3  . GLN A 1 93  ? -6.906  14.706  0.992   1.00 0.00 ? 93  GLN A HG3  1 
ATOM 1411 H HE21 . GLN A 1 93  ? -8.011  17.060  2.483   1.00 0.00 ? 93  GLN A HE21 1 
ATOM 1412 H HE22 . GLN A 1 93  ? -9.427  16.503  3.235   1.00 0.00 ? 93  GLN A HE22 1 
ATOM 1413 N N    . LEU A 1 94  ? -4.029  11.772  3.650   1.00 0.00 ? 94  LEU A N    1 
ATOM 1414 C CA   . LEU A 1 94  ? -3.493  10.511  4.236   1.00 0.00 ? 94  LEU A CA   1 
ATOM 1415 C C    . LEU A 1 94  ? -4.391  9.341   3.833   1.00 0.00 ? 94  LEU A C    1 
ATOM 1416 O O    . LEU A 1 94  ? -5.350  9.504   3.107   1.00 0.00 ? 94  LEU A O    1 
ATOM 1417 C CB   . LEU A 1 94  ? -3.462  10.633  5.762   1.00 0.00 ? 94  LEU A CB   1 
ATOM 1418 C CG   . LEU A 1 94  ? -2.209  11.400  6.187   1.00 0.00 ? 94  LEU A CG   1 
ATOM 1419 C CD1  . LEU A 1 94  ? -1.240  11.488  5.006   1.00 0.00 ? 94  LEU A CD1  1 
ATOM 1420 C CD2  . LEU A 1 94  ? -2.601  12.811  6.630   1.00 0.00 ? 94  LEU A CD2  1 
ATOM 1421 H H    . LEU A 1 94  ? -3.907  11.959  2.695   1.00 0.00 ? 94  LEU A H    1 
ATOM 1422 H HA   . LEU A 1 94  ? -2.492  10.340  3.868   1.00 0.00 ? 94  LEU A HA   1 
ATOM 1423 H HB2  . LEU A 1 94  ? -4.342  11.162  6.099   1.00 0.00 ? 94  LEU A HB2  1 
ATOM 1424 H HB3  . LEU A 1 94  ? -3.444  9.646   6.201   1.00 0.00 ? 94  LEU A HB3  1 
ATOM 1425 H HG   . LEU A 1 94  ? -1.733  10.886  7.008   1.00 0.00 ? 94  LEU A HG   1 
ATOM 1426 H HD11 . LEU A 1 94  ? -0.988  10.491  4.673   1.00 0.00 ? 94  LEU A HD11 1 
ATOM 1427 H HD12 . LEU A 1 94  ? -1.706  12.030  4.197   1.00 0.00 ? 94  LEU A HD12 1 
ATOM 1428 H HD13 . LEU A 1 94  ? -0.342  12.002  5.314   1.00 0.00 ? 94  LEU A HD13 1 
ATOM 1429 H HD21 . LEU A 1 94  ? -3.676  12.877  6.714   1.00 0.00 ? 94  LEU A HD21 1 
ATOM 1430 H HD22 . LEU A 1 94  ? -2.152  13.026  7.588   1.00 0.00 ? 94  LEU A HD22 1 
ATOM 1431 H HD23 . LEU A 1 94  ? -2.252  13.528  5.900   1.00 0.00 ? 94  LEU A HD23 1 
ATOM 1432 N N    . LYS A 1 95  ? -4.088  8.158   4.296   1.00 0.00 ? 95  LYS A N    1 
ATOM 1433 C CA   . LYS A 1 95  ? -4.927  6.981   3.935   1.00 0.00 ? 95  LYS A CA   1 
ATOM 1434 C C    . LYS A 1 95  ? -5.229  6.160   5.190   1.00 0.00 ? 95  LYS A C    1 
ATOM 1435 O O    . LYS A 1 95  ? -6.346  5.731   5.404   1.00 0.00 ? 95  LYS A O    1 
ATOM 1436 C CB   . LYS A 1 95  ? -4.176  6.109   2.925   1.00 0.00 ? 95  LYS A CB   1 
ATOM 1437 C CG   . LYS A 1 95  ? -5.110  5.750   1.769   1.00 0.00 ? 95  LYS A CG   1 
ATOM 1438 C CD   . LYS A 1 95  ? -4.951  6.778   0.647   1.00 0.00 ? 95  LYS A CD   1 
ATOM 1439 C CE   . LYS A 1 95  ? -3.728  6.422   -0.201  1.00 0.00 ? 95  LYS A CE   1 
ATOM 1440 N NZ   . LYS A 1 95  ? -3.616  7.378   -1.338  1.00 0.00 ? 95  LYS A NZ   1 
ATOM 1441 H H    . LYS A 1 95  ? -3.309  8.045   4.880   1.00 0.00 ? 95  LYS A H    1 
ATOM 1442 H HA   . LYS A 1 95  ? -5.853  7.320   3.496   1.00 0.00 ? 95  LYS A HA   1 
ATOM 1443 H HB2  . LYS A 1 95  ? -3.323  6.652   2.545   1.00 0.00 ? 95  LYS A HB2  1 
ATOM 1444 H HB3  . LYS A 1 95  ? -3.842  5.204   3.409   1.00 0.00 ? 95  LYS A HB3  1 
ATOM 1445 H HG2  . LYS A 1 95  ? -4.860  4.768   1.395   1.00 0.00 ? 95  LYS A HG2  1 
ATOM 1446 H HG3  . LYS A 1 95  ? -6.133  5.752   2.117   1.00 0.00 ? 95  LYS A HG3  1 
ATOM 1447 H HD2  . LYS A 1 95  ? -5.834  6.772   0.025   1.00 0.00 ? 95  LYS A HD2  1 
ATOM 1448 H HD3  . LYS A 1 95  ? -4.819  7.760   1.075   1.00 0.00 ? 95  LYS A HD3  1 
ATOM 1449 H HE2  . LYS A 1 95  ? -2.838  6.482   0.409   1.00 0.00 ? 95  LYS A HE2  1 
ATOM 1450 H HE3  . LYS A 1 95  ? -3.835  5.418   -0.584  1.00 0.00 ? 95  LYS A HE3  1 
ATOM 1451 H HZ1  . LYS A 1 95  ? -4.564  7.717   -1.600  1.00 0.00 ? 95  LYS A HZ1  1 
ATOM 1452 H HZ2  . LYS A 1 95  ? -3.026  8.187   -1.055  1.00 0.00 ? 95  LYS A HZ2  1 
ATOM 1453 H HZ3  . LYS A 1 95  ? -3.182  6.900   -2.152  1.00 0.00 ? 95  LYS A HZ3  1 
ATOM 1454 N N    . THR A 1 96  ? -4.249  5.936   6.020   1.00 0.00 ? 96  THR A N    1 
ATOM 1455 C CA   . THR A 1 96  ? -4.496  5.141   7.256   1.00 0.00 ? 96  THR A CA   1 
ATOM 1456 C C    . THR A 1 96  ? -5.908  4.560   7.202   1.00 0.00 ? 96  THR A C    1 
ATOM 1457 O O    . THR A 1 96  ? -6.820  5.059   7.833   1.00 0.00 ? 96  THR A O    1 
ATOM 1458 C CB   . THR A 1 96  ? -4.363  6.048   8.482   1.00 0.00 ? 96  THR A CB   1 
ATOM 1459 O OG1  . THR A 1 96  ? -2.993  6.155   8.844   1.00 0.00 ? 96  THR A OG1  1 
ATOM 1460 C CG2  . THR A 1 96  ? -5.157  5.455   9.647   1.00 0.00 ? 96  THR A CG2  1 
ATOM 1461 H H    . THR A 1 96  ? -3.354  6.288   5.833   1.00 0.00 ? 96  THR A H    1 
ATOM 1462 H HA   . THR A 1 96  ? -3.776  4.338   7.320   1.00 0.00 ? 96  THR A HA   1 
ATOM 1463 H HB   . THR A 1 96  ? -4.751  7.028   8.249   1.00 0.00 ? 96  THR A HB   1 
ATOM 1464 H HG1  . THR A 1 96  ? -2.565  6.742   8.217   1.00 0.00 ? 96  THR A HG1  1 
ATOM 1465 H HG21 . THR A 1 96  ? -5.427  4.435   9.415   1.00 0.00 ? 96  THR A HG21 1 
ATOM 1466 H HG22 . THR A 1 96  ? -4.550  5.472   10.541  1.00 0.00 ? 96  THR A HG22 1 
ATOM 1467 H HG23 . THR A 1 96  ? -6.051  6.037   9.806   1.00 0.00 ? 96  THR A HG23 1 
ATOM 1468 N N    . THR A 1 97  ? -6.101  3.513   6.449   1.00 0.00 ? 97  THR A N    1 
ATOM 1469 C CA   . THR A 1 97  ? -7.458  2.907   6.351   1.00 0.00 ? 97  THR A CA   1 
ATOM 1470 C C    . THR A 1 97  ? -8.345  3.464   7.465   1.00 0.00 ? 97  THR A C    1 
ATOM 1471 O O    . THR A 1 97  ? -8.080  3.278   8.635   1.00 0.00 ? 97  THR A O    1 
ATOM 1472 C CB   . THR A 1 97  ? -7.354  1.389   6.495   1.00 0.00 ? 97  THR A CB   1 
ATOM 1473 O OG1  . THR A 1 97  ? -6.763  1.071   7.748   1.00 0.00 ? 97  THR A OG1  1 
ATOM 1474 C CG2  . THR A 1 97  ? -6.494  0.822   5.364   1.00 0.00 ? 97  THR A CG2  1 
ATOM 1475 H H    . THR A 1 97  ? -5.354  3.127   5.945   1.00 0.00 ? 97  THR A H    1 
ATOM 1476 H HA   . THR A 1 97  ? -7.891  3.148   5.391   1.00 0.00 ? 97  THR A HA   1 
ATOM 1477 H HB   . THR A 1 97  ? -8.342  0.956   6.442   1.00 0.00 ? 97  THR A HB   1 
ATOM 1478 H HG1  . THR A 1 97  ? -6.251  1.832   8.035   1.00 0.00 ? 97  THR A HG1  1 
ATOM 1479 H HG21 . THR A 1 97  ? -6.039  1.635   4.817   1.00 0.00 ? 97  THR A HG21 1 
ATOM 1480 H HG22 . THR A 1 97  ? -5.722  0.192   5.779   1.00 0.00 ? 97  THR A HG22 1 
ATOM 1481 H HG23 . THR A 1 97  ? -7.113  0.241   4.697   1.00 0.00 ? 97  THR A HG23 1 
ATOM 1482 N N    . ARG A 1 98  ? -9.400  4.143   7.109   1.00 0.00 ? 98  ARG A N    1 
ATOM 1483 C CA   . ARG A 1 98  ? -10.304 4.709   8.149   1.00 0.00 ? 98  ARG A CA   1 
ATOM 1484 C C    . ARG A 1 98  ? -10.510 3.672   9.254   1.00 0.00 ? 98  ARG A C    1 
ATOM 1485 O O    . ARG A 1 98  ? -10.519 3.990   10.426  1.00 0.00 ? 98  ARG A O    1 
ATOM 1486 C CB   . ARG A 1 98  ? -11.654 5.059   7.520   1.00 0.00 ? 98  ARG A CB   1 
ATOM 1487 C CG   . ARG A 1 98  ? -12.148 3.883   6.677   1.00 0.00 ? 98  ARG A CG   1 
ATOM 1488 C CD   . ARG A 1 98  ? -13.587 4.143   6.229   1.00 0.00 ? 98  ARG A CD   1 
ATOM 1489 N NE   . ARG A 1 98  ? -14.076 2.986   5.427   1.00 0.00 ? 98  ARG A NE   1 
ATOM 1490 C CZ   . ARG A 1 98  ? -15.357 2.767   5.313   1.00 0.00 ? 98  ARG A CZ   1 
ATOM 1491 N NH1  . ARG A 1 98  ? -16.189 3.310   6.159   1.00 0.00 ? 98  ARG A NH1  1 
ATOM 1492 N NH2  . ARG A 1 98  ? -15.806 2.004   4.355   1.00 0.00 ? 98  ARG A NH2  1 
ATOM 1493 H H    . ARG A 1 98  ? -9.598  4.280   6.159   1.00 0.00 ? 98  ARG A H    1 
ATOM 1494 H HA   . ARG A 1 98  ? -9.860  5.599   8.569   1.00 0.00 ? 98  ARG A HA   1 
ATOM 1495 H HB2  . ARG A 1 98  ? -12.371 5.270   8.300   1.00 0.00 ? 98  ARG A HB2  1 
ATOM 1496 H HB3  . ARG A 1 98  ? -11.542 5.930   6.890   1.00 0.00 ? 98  ARG A HB3  1 
ATOM 1497 H HG2  . ARG A 1 98  ? -11.516 3.772   5.808   1.00 0.00 ? 98  ARG A HG2  1 
ATOM 1498 H HG3  . ARG A 1 98  ? -12.111 2.978   7.266   1.00 0.00 ? 98  ARG A HG3  1 
ATOM 1499 H HD2  . ARG A 1 98  ? -14.216 4.272   7.097   1.00 0.00 ? 98  ARG A HD2  1 
ATOM 1500 H HD3  . ARG A 1 98  ? -13.620 5.038   5.625   1.00 0.00 ? 98  ARG A HD3  1 
ATOM 1501 H HE   . ARG A 1 98  ? -13.435 2.391   4.986   1.00 0.00 ? 98  ARG A HE   1 
ATOM 1502 H HH11 . ARG A 1 98  ? -15.845 3.893   6.895   1.00 0.00 ? 98  ARG A HH11 1 
ATOM 1503 H HH12 . ARG A 1 98  ? -17.171 3.144   6.071   1.00 0.00 ? 98  ARG A HH12 1 
ATOM 1504 H HH21 . ARG A 1 98  ? -15.167 1.587   3.708   1.00 0.00 ? 98  ARG A HH21 1 
ATOM 1505 H HH22 . ARG A 1 98  ? -16.788 1.837   4.267   1.00 0.00 ? 98  ARG A HH22 1 
ATOM 1506 N N    . ASN A 1 99  ? -10.670 2.429   8.887   1.00 0.00 ? 99  ASN A N    1 
ATOM 1507 C CA   . ASN A 1 99  ? -10.869 1.368   9.910   1.00 0.00 ? 99  ASN A CA   1 
ATOM 1508 C C    . ASN A 1 99  ? -9.512  0.983   10.499  1.00 0.00 ? 99  ASN A C    1 
ATOM 1509 O O    . ASN A 1 99  ? -9.111  -0.164  10.467  1.00 0.00 ? 99  ASN A O    1 
ATOM 1510 C CB   . ASN A 1 99  ? -11.509 0.141   9.258   1.00 0.00 ? 99  ASN A CB   1 
ATOM 1511 C CG   . ASN A 1 99  ? -11.838 0.451   7.797   1.00 0.00 ? 99  ASN A CG   1 
ATOM 1512 O OD1  . ASN A 1 99  ? -12.747 1.205   7.514   1.00 0.00 ? 99  ASN A OD1  1 
ATOM 1513 N ND2  . ASN A 1 99  ? -11.131 -0.102  6.850   1.00 0.00 ? 99  ASN A ND2  1 
ATOM 1514 H H    . ASN A 1 99  ? -10.654 2.196   7.937   1.00 0.00 ? 99  ASN A H    1 
ATOM 1515 H HA   . ASN A 1 99  ? -11.512 1.738   10.696  1.00 0.00 ? 99  ASN A HA   1 
ATOM 1516 H HB2  . ASN A 1 99  ? -10.820 -0.691  9.304   1.00 0.00 ? 99  ASN A HB2  1 
ATOM 1517 H HB3  . ASN A 1 99  ? -12.417 -0.114  9.783   1.00 0.00 ? 99  ASN A HB3  1 
ATOM 1518 H HD21 . ASN A 1 99  ? -10.397 -0.710  7.077   1.00 0.00 ? 99  ASN A HD21 1 
ATOM 1519 H HD22 . ASN A 1 99  ? -11.334 0.091   5.910   1.00 0.00 ? 99  ASN A HD22 1 
ATOM 1520 N N    . ALA A 1 100 ? -8.799  1.935   11.032  1.00 0.00 ? 100 ALA A N    1 
ATOM 1521 C CA   . ALA A 1 100 ? -7.464  1.626   11.618  1.00 0.00 ? 100 ALA A CA   1 
ATOM 1522 C C    . ALA A 1 100 ? -7.370  0.127   11.907  1.00 0.00 ? 100 ALA A C    1 
ATOM 1523 O O    . ALA A 1 100 ? -7.706  -0.331  12.980  1.00 0.00 ? 100 ALA A O    1 
ATOM 1524 C CB   . ALA A 1 100 ? -7.286  2.409   12.921  1.00 0.00 ? 100 ALA A CB   1 
ATOM 1525 H H    . ALA A 1 100 ? -9.139  2.853   11.043  1.00 0.00 ? 100 ALA A H    1 
ATOM 1526 H HA   . ALA A 1 100 ? -6.690  1.908   10.920  1.00 0.00 ? 100 ALA A HA   1 
ATOM 1527 H HB1  . ALA A 1 100 ? -8.086  2.159   13.603  1.00 0.00 ? 100 ALA A HB1  1 
ATOM 1528 H HB2  . ALA A 1 100 ? -6.337  2.151   13.369  1.00 0.00 ? 100 ALA A HB2  1 
ATOM 1529 H HB3  . ALA A 1 100 ? -7.310  3.467   12.711  1.00 0.00 ? 100 ALA A HB3  1 
ATOM 1530 N N    . TYR A 1 101 ? -6.915  -0.640  10.954  1.00 0.00 ? 101 TYR A N    1 
ATOM 1531 C CA   . TYR A 1 101 ? -6.799  -2.110  11.169  1.00 0.00 ? 101 TYR A CA   1 
ATOM 1532 C C    . TYR A 1 101 ? -6.327  -2.382  12.600  1.00 0.00 ? 101 TYR A C    1 
ATOM 1533 O O    . TYR A 1 101 ? -5.761  -1.526  13.250  1.00 0.00 ? 101 TYR A O    1 
ATOM 1534 C CB   . TYR A 1 101 ? -5.787  -2.691  10.180  1.00 0.00 ? 101 TYR A CB   1 
ATOM 1535 C CG   . TYR A 1 101 ? -6.527  -3.508  9.122   1.00 0.00 ? 101 TYR A CG   1 
ATOM 1536 C CD1  . TYR A 1 101 ? -7.704  -3.009  8.530   1.00 0.00 ? 101 TYR A CD1  1 
ATOM 1537 C CD2  . TYR A 1 101 ? -6.041  -4.767  8.727   1.00 0.00 ? 101 TYR A CD2  1 
ATOM 1538 C CE1  . TYR A 1 101 ? -8.379  -3.761  7.561   1.00 0.00 ? 101 TYR A CE1  1 
ATOM 1539 C CE2  . TYR A 1 101 ? -6.721  -5.513  7.757   1.00 0.00 ? 101 TYR A CE2  1 
ATOM 1540 C CZ   . TYR A 1 101 ? -7.888  -5.011  7.174   1.00 0.00 ? 101 TYR A CZ   1 
ATOM 1541 O OH   . TYR A 1 101 ? -8.555  -5.750  6.219   1.00 0.00 ? 101 TYR A OH   1 
ATOM 1542 H H    . TYR A 1 101 ? -6.650  -0.250  10.095  1.00 0.00 ? 101 TYR A H    1 
ATOM 1543 H HA   . TYR A 1 101 ? -7.762  -2.574  11.014  1.00 0.00 ? 101 TYR A HA   1 
ATOM 1544 H HB2  . TYR A 1 101 ? -5.240  -1.878  9.712   1.00 0.00 ? 101 TYR A HB2  1 
ATOM 1545 H HB3  . TYR A 1 101 ? -5.088  -3.325  10.715  1.00 0.00 ? 101 TYR A HB3  1 
ATOM 1546 H HD1  . TYR A 1 101 ? -8.097  -2.049  8.820   1.00 0.00 ? 101 TYR A HD1  1 
ATOM 1547 H HD2  . TYR A 1 101 ? -5.147  -5.166  9.167   1.00 0.00 ? 101 TYR A HD2  1 
ATOM 1548 H HE1  . TYR A 1 101 ? -9.281  -3.375  7.110   1.00 0.00 ? 101 TYR A HE1  1 
ATOM 1549 H HE2  . TYR A 1 101 ? -6.344  -6.479  7.457   1.00 0.00 ? 101 TYR A HE2  1 
ATOM 1550 H HH   . TYR A 1 101 ? -8.989  -5.137  5.620   1.00 0.00 ? 101 TYR A HH   1 
ATOM 1551 N N    . HIS A 1 102 ? -6.556  -3.567  13.095  1.00 0.00 ? 102 HIS A N    1 
ATOM 1552 C CA   . HIS A 1 102 ? -6.120  -3.894  14.482  1.00 0.00 ? 102 HIS A CA   1 
ATOM 1553 C C    . HIS A 1 102 ? -4.617  -3.639  14.615  1.00 0.00 ? 102 HIS A C    1 
ATOM 1554 O O    . HIS A 1 102 ? -3.924  -3.430  13.638  1.00 0.00 ? 102 HIS A O    1 
ATOM 1555 C CB   . HIS A 1 102 ? -6.417  -5.365  14.778  1.00 0.00 ? 102 HIS A CB   1 
ATOM 1556 C CG   . HIS A 1 102 ? -7.903  -5.596  14.743  1.00 0.00 ? 102 HIS A CG   1 
ATOM 1557 N ND1  . HIS A 1 102 ? -8.782  -4.872  15.532  1.00 0.00 ? 102 HIS A ND1  1 
ATOM 1558 C CD2  . HIS A 1 102 ? -8.679  -6.466  14.017  1.00 0.00 ? 102 HIS A CD2  1 
ATOM 1559 C CE1  . HIS A 1 102 ? -10.024 -5.315  15.267  1.00 0.00 ? 102 HIS A CE1  1 
ATOM 1560 N NE2  . HIS A 1 102 ? -10.018 -6.288  14.351  1.00 0.00 ? 102 HIS A NE2  1 
ATOM 1561 H H    . HIS A 1 102 ? -7.014  -4.244  12.554  1.00 0.00 ? 102 HIS A H    1 
ATOM 1562 H HA   . HIS A 1 102 ? -6.654  -3.269  15.182  1.00 0.00 ? 102 HIS A HA   1 
ATOM 1563 H HB2  . HIS A 1 102 ? -5.938  -5.985  14.035  1.00 0.00 ? 102 HIS A HB2  1 
ATOM 1564 H HB3  . HIS A 1 102 ? -6.038  -5.619  15.757  1.00 0.00 ? 102 HIS A HB3  1 
ATOM 1565 H HD1  . HIS A 1 102 ? -8.543  -4.166  16.168  1.00 0.00 ? 102 HIS A HD1  1 
ATOM 1566 H HD2  . HIS A 1 102 ? -8.307  -7.180  13.298  1.00 0.00 ? 102 HIS A HD2  1 
ATOM 1567 H HE1  . HIS A 1 102 ? -10.917 -4.933  15.739  1.00 0.00 ? 102 HIS A HE1  1 
ATOM 1568 N N    . GLN A 1 103 ? -4.108  -3.654  15.815  1.00 0.00 ? 103 GLN A N    1 
ATOM 1569 C CA   . GLN A 1 103 ? -2.649  -3.412  16.009  1.00 0.00 ? 103 GLN A CA   1 
ATOM 1570 C C    . GLN A 1 103 ? -1.850  -4.398  15.155  1.00 0.00 ? 103 GLN A C    1 
ATOM 1571 O O    . GLN A 1 103 ? -0.781  -4.088  14.669  1.00 0.00 ? 103 GLN A O    1 
ATOM 1572 C CB   . GLN A 1 103 ? -2.292  -3.608  17.483  1.00 0.00 ? 103 GLN A CB   1 
ATOM 1573 C CG   . GLN A 1 103 ? -3.008  -4.849  18.020  1.00 0.00 ? 103 GLN A CG   1 
ATOM 1574 C CD   . GLN A 1 103 ? -3.555  -4.557  19.418  1.00 0.00 ? 103 GLN A CD   1 
ATOM 1575 O OE1  . GLN A 1 103 ? -4.739  -4.343  19.588  1.00 0.00 ? 103 GLN A OE1  1 
ATOM 1576 N NE2  . GLN A 1 103 ? -2.737  -4.540  20.435  1.00 0.00 ? 103 GLN A NE2  1 
ATOM 1577 H H    . GLN A 1 103 ? -4.683  -3.823  16.590  1.00 0.00 ? 103 GLN A H    1 
ATOM 1578 H HA   . GLN A 1 103 ? -2.410  -2.402  15.711  1.00 0.00 ? 103 GLN A HA   1 
ATOM 1579 H HB2  . GLN A 1 103 ? -1.224  -3.739  17.580  1.00 0.00 ? 103 GLN A HB2  1 
ATOM 1580 H HB3  . GLN A 1 103 ? -2.600  -2.741  18.047  1.00 0.00 ? 103 GLN A HB3  1 
ATOM 1581 H HG2  . GLN A 1 103 ? -3.824  -5.107  17.361  1.00 0.00 ? 103 GLN A HG2  1 
ATOM 1582 H HG3  . GLN A 1 103 ? -2.312  -5.673  18.070  1.00 0.00 ? 103 GLN A HG3  1 
ATOM 1583 H HE21 . GLN A 1 103 ? -1.781  -4.713  20.298  1.00 0.00 ? 103 GLN A HE21 1 
ATOM 1584 H HE22 . GLN A 1 103 ? -3.077  -4.353  21.334  1.00 0.00 ? 103 GLN A HE22 1 
ATOM 1585 N N    . LYS A 1 104 ? -2.360  -5.585  14.969  1.00 0.00 ? 104 LYS A N    1 
ATOM 1586 C CA   . LYS A 1 104 ? -1.625  -6.589  14.148  1.00 0.00 ? 104 LYS A CA   1 
ATOM 1587 C C    . LYS A 1 104 ? -2.321  -7.947  14.261  1.00 0.00 ? 104 LYS A C    1 
ATOM 1588 O O    . LYS A 1 104 ? -3.197  -8.273  13.485  1.00 0.00 ? 104 LYS A O    1 
ATOM 1589 C CB   . LYS A 1 104 ? -0.188  -6.707  14.658  1.00 0.00 ? 104 LYS A CB   1 
ATOM 1590 C CG   . LYS A 1 104 ? -0.178  -6.617  16.185  1.00 0.00 ? 104 LYS A CG   1 
ATOM 1591 C CD   . LYS A 1 104 ? 0.790   -7.658  16.750  1.00 0.00 ? 104 LYS A CD   1 
ATOM 1592 C CE   . LYS A 1 104 ? 0.787   -7.580  18.279  1.00 0.00 ? 104 LYS A CE   1 
ATOM 1593 N NZ   . LYS A 1 104 ? 1.987   -6.829  18.741  1.00 0.00 ? 104 LYS A NZ   1 
ATOM 1594 H H    . LYS A 1 104 ? -3.223  -5.816  15.370  1.00 0.00 ? 104 LYS A H    1 
ATOM 1595 H HA   . LYS A 1 104 ? -1.617  -6.272  13.116  1.00 0.00 ? 104 LYS A HA   1 
ATOM 1596 H HB2  . LYS A 1 104 ? 0.226   -7.656  14.349  1.00 0.00 ? 104 LYS A HB2  1 
ATOM 1597 H HB3  . LYS A 1 104 ? 0.407   -5.904  14.248  1.00 0.00 ? 104 LYS A HB3  1 
ATOM 1598 H HG2  . LYS A 1 104 ? 0.139   -5.629  16.485  1.00 0.00 ? 104 LYS A HG2  1 
ATOM 1599 H HG3  . LYS A 1 104 ? -1.172  -6.808  16.562  1.00 0.00 ? 104 LYS A HG3  1 
ATOM 1600 H HD2  . LYS A 1 104 ? 0.481   -8.645  16.439  1.00 0.00 ? 104 LYS A HD2  1 
ATOM 1601 H HD3  . LYS A 1 104 ? 1.786   -7.460  16.381  1.00 0.00 ? 104 LYS A HD3  1 
ATOM 1602 H HE2  . LYS A 1 104 ? -0.106  -7.074  18.611  1.00 0.00 ? 104 LYS A HE2  1 
ATOM 1603 H HE3  . LYS A 1 104 ? 0.807   -8.580  18.689  1.00 0.00 ? 104 LYS A HE3  1 
ATOM 1604 H HZ1  . LYS A 1 104 ? 2.687   -6.787  17.974  1.00 0.00 ? 104 LYS A HZ1  1 
ATOM 1605 H HZ2  . LYS A 1 104 ? 1.708   -5.864  19.011  1.00 0.00 ? 104 LYS A HZ2  1 
ATOM 1606 H HZ3  . LYS A 1 104 ? 2.404   -7.313  19.563  1.00 0.00 ? 104 LYS A HZ3  1 
ATOM 1607 N N    . TYR A 1 105 ? -1.936  -8.743  15.220  1.00 0.00 ? 105 TYR A N    1 
ATOM 1608 C CA   . TYR A 1 105 ? -2.573  -10.080 15.381  1.00 0.00 ? 105 TYR A CA   1 
ATOM 1609 C C    . TYR A 1 105 ? -3.770  -9.967  16.328  1.00 0.00 ? 105 TYR A C    1 
ATOM 1610 O O    . TYR A 1 105 ? -3.931  -10.756 17.238  1.00 0.00 ? 105 TYR A O    1 
ATOM 1611 C CB   . TYR A 1 105 ? -1.554  -11.063 15.964  1.00 0.00 ? 105 TYR A CB   1 
ATOM 1612 C CG   . TYR A 1 105 ? -1.544  -12.338 15.125  1.00 0.00 ? 105 TYR A CG   1 
ATOM 1613 C CD1  . TYR A 1 105 ? -2.614  -13.250 15.203  1.00 0.00 ? 105 TYR A CD1  1 
ATOM 1614 C CD2  . TYR A 1 105 ? -0.467  -12.614 14.262  1.00 0.00 ? 105 TYR A CD2  1 
ATOM 1615 C CE1  . TYR A 1 105 ? -2.600  -14.419 14.431  1.00 0.00 ? 105 TYR A CE1  1 
ATOM 1616 C CE2  . TYR A 1 105 ? -0.461  -13.784 13.495  1.00 0.00 ? 105 TYR A CE2  1 
ATOM 1617 C CZ   . TYR A 1 105 ? -1.526  -14.685 13.579  1.00 0.00 ? 105 TYR A CZ   1 
ATOM 1618 O OH   . TYR A 1 105 ? -1.517  -15.838 12.820  1.00 0.00 ? 105 TYR A OH   1 
ATOM 1619 H H    . TYR A 1 105 ? -1.226  -8.462  15.836  1.00 0.00 ? 105 TYR A H    1 
ATOM 1620 H HA   . TYR A 1 105 ? -2.908  -10.438 14.419  1.00 0.00 ? 105 TYR A HA   1 
ATOM 1621 H HB2  . TYR A 1 105 ? -0.572  -10.603 15.956  1.00 0.00 ? 105 TYR A HB2  1 
ATOM 1622 H HB3  . TYR A 1 105 ? -1.826  -11.296 16.985  1.00 0.00 ? 105 TYR A HB3  1 
ATOM 1623 H HD1  . TYR A 1 105 ? -3.449  -13.055 15.854  1.00 0.00 ? 105 TYR A HD1  1 
ATOM 1624 H HD2  . TYR A 1 105 ? 0.357   -11.927 14.186  1.00 0.00 ? 105 TYR A HD2  1 
ATOM 1625 H HE1  . TYR A 1 105 ? -3.423  -15.116 14.496  1.00 0.00 ? 105 TYR A HE1  1 
ATOM 1626 H HE2  . TYR A 1 105 ? 0.368   -13.990 12.833  1.00 0.00 ? 105 TYR A HE2  1 
ATOM 1627 H HH   . TYR A 1 105 ? -1.132  -16.539 13.350  1.00 0.00 ? 105 TYR A HH   1 
ATOM 1628 N N    . ARG A 1 106 ? -4.613  -8.993  16.120  1.00 0.00 ? 106 ARG A N    1 
ATOM 1629 C CA   . ARG A 1 106 ? -5.799  -8.831  17.009  1.00 0.00 ? 106 ARG A CA   1 
ATOM 1630 C C    . ARG A 1 106 ? -5.333  -8.673  18.458  1.00 0.00 ? 106 ARG A C    1 
ATOM 1631 O O    . ARG A 1 106 ? -4.217  -8.220  18.654  1.00 0.00 ? 106 ARG A O    1 
ATOM 1632 C CB   . ARG A 1 106 ? -6.695  -10.066 16.894  1.00 0.00 ? 106 ARG A CB   1 
ATOM 1633 C CG   . ARG A 1 106 ? -7.408  -10.057 15.541  1.00 0.00 ? 106 ARG A CG   1 
ATOM 1634 C CD   . ARG A 1 106 ? -8.898  -9.777  15.751  1.00 0.00 ? 106 ARG A CD   1 
ATOM 1635 N NE   . ARG A 1 106 ? -9.616  -11.060 15.988  1.00 0.00 ? 106 ARG A NE   1 
ATOM 1636 C CZ   . ARG A 1 106 ? -9.842  -11.466 17.208  1.00 0.00 ? 106 ARG A CZ   1 
ATOM 1637 N NH1  . ARG A 1 106 ? -9.530  -10.701 18.218  1.00 0.00 ? 106 ARG A NH1  1 
ATOM 1638 N NH2  . ARG A 1 106 ? -10.381 -12.635 17.417  1.00 0.00 ? 106 ARG A NH2  1 
ATOM 1639 O OXT  . ARG A 1 106 ? -6.100  -9.007  19.346  1.00 0.00 ? 106 ARG A OXT  1 
ATOM 1640 H H    . ARG A 1 106 ? -4.467  -8.367  15.380  1.00 0.00 ? 106 ARG A H    1 
ATOM 1641 H HA   . ARG A 1 106 ? -6.355  -7.954  16.712  1.00 0.00 ? 106 ARG A HA   1 
ATOM 1642 H HB2  . ARG A 1 106 ? -6.090  -10.958 16.977  1.00 0.00 ? 106 ARG A HB2  1 
ATOM 1643 H HB3  . ARG A 1 106 ? -7.428  -10.054 17.685  1.00 0.00 ? 106 ARG A HB3  1 
ATOM 1644 H HG2  . ARG A 1 106 ? -6.982  -9.287  14.915  1.00 0.00 ? 106 ARG A HG2  1 
ATOM 1645 H HG3  . ARG A 1 106 ? -7.287  -11.017 15.063  1.00 0.00 ? 106 ARG A HG3  1 
ATOM 1646 H HD2  . ARG A 1 106 ? -9.025  -9.130  16.605  1.00 0.00 ? 106 ARG A HD2  1 
ATOM 1647 H HD3  . ARG A 1 106 ? -9.301  -9.296  14.872  1.00 0.00 ? 106 ARG A HD3  1 
ATOM 1648 H HE   . ARG A 1 106 ? -9.918  -11.601 15.229  1.00 0.00 ? 106 ARG A HE   1 
ATOM 1649 H HH11 . ARG A 1 106 ? -9.119  -9.804  18.058  1.00 0.00 ? 106 ARG A HH11 1 
ATOM 1650 H HH12 . ARG A 1 106 ? -9.703  -11.011 19.153  1.00 0.00 ? 106 ARG A HH12 1 
ATOM 1651 H HH21 . ARG A 1 106 ? -10.620 -13.221 16.643  1.00 0.00 ? 106 ARG A HH21 1 
ATOM 1652 H HH22 . ARG A 1 106 ? -10.554 -12.946 18.352  1.00 0.00 ? 106 ARG A HH22 1 
# 
